data_7VL4
#
_entry.id   7VL4
#
_cell.length_a   163.949
_cell.length_b   71.650
_cell.length_c   130.110
_cell.angle_alpha   90.000
_cell.angle_beta   105.590
_cell.angle_gamma   90.000
#
_symmetry.space_group_name_H-M   'C 1 2 1'
#
loop_
_entity.id
_entity.type
_entity.pdbx_description
1 polymer beta-1,2-glucosyltransferase
2 non-polymer 'methyl beta-D-glucopyranoside'
3 non-polymer 'CALCIUM ION'
4 water water
#
_entity_poly.entity_id   1
_entity_poly.type   'polypeptide(L)'
_entity_poly.pdbx_seq_one_letter_code
;SEKYFVKNGQPHFLISGEVHYFRINPKLWRNHLQLLKQTGADTVSTYIPWDWHEIEEDDFDFEGKTHPARNLIRFIKLCK
EENLDLIVKPGPYILAEYENQGLPSWLLKKLSKNAFALDENGNVISPDLVSYLSDEFLEYTFKWYDKVMPIISKHQKEHY
GPITMMQLCNEIGVFQWLSGKSDYNPKVINLYKEFIIQRYKTIEKLNSVYSTNYNSFDDLKAPSGKIKLRSDYCAYFDFH
LFFREYYNKYISILKNKIRSFGINIKLTHNIPGWIYGNASELPMLISTYSEIMKNHPDIIFGLDHIPEFVSFRNAHSDLA
CNKILEAMQPEAPVWAAEFQAGTREHHVKAYAKDLETFYIASLAHGIKGFNYYMFSQGINPEGKGFYGKTFYFQTALDAA
SNKLALYDSIKKVNRFIRKEQKDLLRTNVNSEICVGFYKPYFFTELISSQLLKEKKLNVEELGLYIDPRFLREEILFNGL
LRGLQTLNYNYDVVDLENCDLKSLTAYKQLWITSAEFMDAETQNLLSEFVLNGGNLILYPAVPTLDNYLNRCEILKNNFG
IEFITKDSSHKVSAFGIEDVFTAFSKKQIYNDTNSKPIAFTQENEICGIRKKIGKGELTILGFAFGYTSDEHLELIDKLV
KLNKIKRELFVSDKDIQFVVRENNKSRYIFFLNYHNERKTFNYRKSSELKKKKSEEISIAPFSYKVIKENK
;
_entity_poly.pdbx_strand_id   A,B
#
# COMPACT_ATOMS: atom_id res chain seq x y z
N SER A 1 3.19 -1.25 -39.38
CA SER A 1 2.31 -0.55 -38.39
C SER A 1 2.96 -0.49 -36.99
N GLU A 2 3.66 -1.56 -36.56
CA GLU A 2 4.35 -1.59 -35.24
C GLU A 2 5.55 -0.64 -35.25
N LYS A 3 5.90 -0.11 -34.08
CA LYS A 3 7.13 0.69 -33.87
C LYS A 3 8.13 -0.19 -33.11
N TYR A 4 9.33 -0.33 -33.66
CA TYR A 4 10.38 -1.19 -33.09
C TYR A 4 11.73 -0.58 -33.44
N PHE A 5 12.74 -0.94 -32.66
CA PHE A 5 14.13 -0.57 -32.94
C PHE A 5 14.53 -1.33 -34.20
N VAL A 6 15.43 -0.74 -34.96
CA VAL A 6 15.93 -1.39 -36.21
C VAL A 6 17.45 -1.43 -36.08
N LYS A 7 18.06 -2.52 -36.55
CA LYS A 7 19.53 -2.66 -36.66
C LYS A 7 19.84 -3.30 -38.02
N ASN A 8 20.57 -2.57 -38.88
CA ASN A 8 21.00 -3.07 -40.21
C ASN A 8 19.72 -3.30 -41.03
N GLY A 9 18.80 -2.33 -40.96
CA GLY A 9 17.49 -2.31 -41.65
C GLY A 9 16.58 -3.49 -41.32
N GLN A 10 16.79 -4.17 -40.18
CA GLN A 10 15.97 -5.34 -39.74
C GLN A 10 15.41 -5.06 -38.35
N PRO A 11 14.25 -5.66 -37.96
CA PRO A 11 13.74 -5.51 -36.60
C PRO A 11 14.81 -6.01 -35.64
N HIS A 12 15.07 -5.27 -34.57
CA HIS A 12 16.04 -5.59 -33.50
C HIS A 12 15.38 -5.38 -32.14
N PHE A 13 15.33 -6.41 -31.32
CA PHE A 13 14.84 -6.29 -29.93
C PHE A 13 16.01 -5.74 -29.12
N LEU A 14 15.89 -4.54 -28.57
CA LEU A 14 16.93 -3.97 -27.71
C LEU A 14 16.96 -4.76 -26.41
N ILE A 15 18.03 -5.53 -26.18
CA ILE A 15 18.29 -6.22 -24.90
C ILE A 15 19.56 -5.64 -24.26
N SER A 16 19.34 -4.86 -23.23
CA SER A 16 20.42 -4.22 -22.43
C SER A 16 20.43 -4.79 -21.02
N GLY A 17 21.59 -4.73 -20.39
CA GLY A 17 21.77 -4.98 -18.96
C GLY A 17 22.54 -3.85 -18.30
N GLU A 18 22.07 -3.45 -17.13
CA GLU A 18 22.69 -2.39 -16.32
C GLU A 18 23.86 -3.02 -15.54
N VAL A 19 25.04 -2.47 -15.75
CA VAL A 19 26.34 -2.88 -15.12
C VAL A 19 27.05 -1.60 -14.67
N HIS A 20 27.08 -1.31 -13.38
CA HIS A 20 27.72 -0.07 -12.82
C HIS A 20 29.21 -0.35 -12.58
N TYR A 21 30.04 0.06 -13.54
CA TYR A 21 31.53 -0.05 -13.52
C TYR A 21 32.05 0.54 -12.21
N PHE A 22 31.39 1.59 -11.69
CA PHE A 22 31.91 2.37 -10.52
C PHE A 22 31.67 1.58 -9.22
N ARG A 23 30.95 0.47 -9.28
CA ARG A 23 30.54 -0.35 -8.12
C ARG A 23 31.01 -1.81 -8.29
N ILE A 24 31.89 -2.03 -9.24
CA ILE A 24 32.45 -3.37 -9.53
C ILE A 24 33.97 -3.28 -9.54
N ASN A 25 34.60 -4.28 -8.96
CA ASN A 25 36.07 -4.42 -9.04
C ASN A 25 36.48 -4.36 -10.50
N PRO A 26 37.31 -3.39 -10.95
CA PRO A 26 37.68 -3.28 -12.36
C PRO A 26 38.37 -4.51 -12.96
N LYS A 27 39.04 -5.31 -12.13
CA LYS A 27 39.62 -6.59 -12.58
C LYS A 27 38.49 -7.54 -13.03
N LEU A 28 37.22 -7.27 -12.68
CA LEU A 28 36.08 -8.17 -12.98
C LEU A 28 35.13 -7.55 -14.02
N TRP A 29 35.42 -6.31 -14.49
CA TRP A 29 34.58 -5.65 -15.52
C TRP A 29 34.40 -6.56 -16.72
N ARG A 30 35.48 -7.15 -17.23
CA ARG A 30 35.41 -7.93 -18.48
C ARG A 30 34.52 -9.15 -18.26
N ASN A 31 34.63 -9.78 -17.11
CA ASN A 31 33.82 -10.99 -16.80
C ASN A 31 32.34 -10.62 -16.76
N HIS A 32 31.97 -9.48 -16.18
CA HIS A 32 30.55 -9.03 -16.14
C HIS A 32 30.08 -8.85 -17.59
N LEU A 33 30.87 -8.15 -18.41
CA LEU A 33 30.45 -7.87 -19.81
C LEU A 33 30.29 -9.19 -20.58
N GLN A 34 31.23 -10.11 -20.46
CA GLN A 34 31.23 -11.41 -21.18
C GLN A 34 29.97 -12.20 -20.82
N LEU A 35 29.65 -12.25 -19.52
CA LEU A 35 28.48 -13.03 -19.03
C LEU A 35 27.16 -12.35 -19.44
N LEU A 36 27.12 -11.02 -19.50
CA LEU A 36 25.95 -10.28 -20.08
C LEU A 36 25.82 -10.69 -21.56
N LYS A 37 26.91 -10.58 -22.31
CA LYS A 37 26.88 -10.91 -23.74
C LYS A 37 26.33 -12.33 -23.89
N GLN A 38 26.75 -13.24 -23.03
CA GLN A 38 26.41 -14.68 -23.17
C GLN A 38 24.92 -14.90 -22.91
N THR A 39 24.20 -13.93 -22.34
CA THR A 39 22.73 -14.09 -22.25
C THR A 39 22.05 -13.69 -23.56
N GLY A 40 22.80 -13.17 -24.55
CA GLY A 40 22.26 -12.71 -25.85
C GLY A 40 21.97 -11.21 -25.86
N ALA A 41 22.24 -10.53 -24.74
CA ALA A 41 22.09 -9.06 -24.61
C ALA A 41 23.01 -8.43 -25.65
N ASP A 42 22.60 -7.32 -26.24
CA ASP A 42 23.40 -6.64 -27.30
C ASP A 42 23.99 -5.35 -26.74
N THR A 43 23.49 -4.88 -25.60
CA THR A 43 23.81 -3.54 -25.08
C THR A 43 24.08 -3.65 -23.58
N VAL A 44 24.92 -2.76 -23.09
CA VAL A 44 25.11 -2.55 -21.64
C VAL A 44 24.84 -1.07 -21.33
N SER A 45 24.36 -0.83 -20.11
CA SER A 45 23.88 0.48 -19.66
C SER A 45 24.55 0.85 -18.33
N THR A 46 24.97 2.10 -18.18
CA THR A 46 25.51 2.58 -16.90
C THR A 46 25.33 4.08 -16.74
N TYR A 47 25.19 4.47 -15.49
CA TYR A 47 25.38 5.86 -15.07
C TYR A 47 26.89 6.18 -15.09
N ILE A 48 27.19 7.46 -15.32
CA ILE A 48 28.50 8.09 -15.10
C ILE A 48 28.29 9.13 -14.04
N PRO A 49 28.57 8.80 -12.75
CA PRO A 49 28.29 9.69 -11.62
C PRO A 49 29.25 10.88 -11.57
N TRP A 50 28.67 12.05 -11.57
CA TRP A 50 29.38 13.34 -11.42
C TRP A 50 30.21 13.32 -10.14
N ASP A 51 29.61 12.91 -9.01
CA ASP A 51 30.33 12.83 -7.70
C ASP A 51 31.55 11.90 -7.84
N TRP A 52 31.44 10.86 -8.63
CA TRP A 52 32.53 9.83 -8.73
C TRP A 52 33.73 10.38 -9.54
N HIS A 53 33.50 11.27 -10.51
CA HIS A 53 34.52 11.67 -11.50
C HIS A 53 35.04 13.10 -11.22
N GLU A 54 34.25 13.98 -10.63
CA GLU A 54 34.76 15.31 -10.21
C GLU A 54 35.00 15.20 -8.70
N ILE A 55 36.14 14.64 -8.36
CA ILE A 55 36.47 14.13 -7.00
C ILE A 55 36.58 15.32 -6.03
N GLU A 56 37.03 16.46 -6.52
CA GLU A 56 36.99 17.76 -5.83
C GLU A 56 36.65 18.80 -6.90
N GLU A 57 36.29 20.02 -6.50
CA GLU A 57 35.89 21.04 -7.49
C GLU A 57 37.05 21.21 -8.47
N ASP A 58 36.77 21.00 -9.76
CA ASP A 58 37.67 21.17 -10.93
C ASP A 58 38.81 20.15 -10.87
N ASP A 59 38.64 19.03 -10.16
CA ASP A 59 39.63 17.93 -10.19
C ASP A 59 38.89 16.70 -10.76
N PHE A 60 39.24 16.30 -11.99
CA PHE A 60 38.50 15.26 -12.76
C PHE A 60 39.35 14.02 -12.92
N ASP A 61 38.75 12.84 -12.70
CA ASP A 61 39.44 11.56 -13.01
C ASP A 61 38.46 10.65 -13.72
N PHE A 62 38.77 10.33 -14.98
CA PHE A 62 38.06 9.33 -15.82
C PHE A 62 39.01 8.20 -16.24
N GLU A 63 40.21 8.12 -15.68
CA GLU A 63 41.23 7.13 -16.14
C GLU A 63 41.71 6.24 -14.99
N GLY A 64 41.09 6.31 -13.82
CA GLY A 64 41.49 5.48 -12.68
C GLY A 64 42.79 5.92 -12.03
N LYS A 65 43.19 7.19 -12.20
CA LYS A 65 44.38 7.78 -11.51
C LYS A 65 44.25 7.72 -9.99
N THR A 66 43.06 8.00 -9.41
CA THR A 66 42.85 8.18 -7.95
C THR A 66 42.11 6.98 -7.36
N HIS A 67 41.45 6.18 -8.19
CA HIS A 67 40.73 4.94 -7.84
C HIS A 67 40.58 4.14 -9.13
N PRO A 68 40.93 2.85 -9.15
CA PRO A 68 40.84 2.07 -10.39
C PRO A 68 39.45 2.16 -11.06
N ALA A 69 38.37 2.25 -10.27
CA ALA A 69 36.99 2.15 -10.79
C ALA A 69 36.50 3.53 -11.26
N ARG A 70 37.39 4.52 -11.25
CA ARG A 70 37.17 5.82 -11.92
C ARG A 70 37.62 5.73 -13.39
N ASN A 71 38.15 4.59 -13.83
CA ASN A 71 38.64 4.39 -15.23
C ASN A 71 37.45 4.14 -16.17
N LEU A 72 36.60 5.16 -16.37
CA LEU A 72 35.51 5.13 -17.34
C LEU A 72 36.07 4.76 -18.71
N ILE A 73 37.21 5.35 -19.09
CA ILE A 73 37.75 5.19 -20.47
C ILE A 73 38.01 3.71 -20.73
N ARG A 74 38.57 2.99 -19.74
CA ARG A 74 38.83 1.54 -19.88
C ARG A 74 37.50 0.77 -19.93
N PHE A 75 36.50 1.16 -19.15
CA PHE A 75 35.17 0.49 -19.22
C PHE A 75 34.59 0.61 -20.62
N ILE A 76 34.67 1.78 -21.22
CA ILE A 76 34.12 2.04 -22.58
C ILE A 76 34.88 1.14 -23.57
N LYS A 77 36.19 1.04 -23.40
CA LYS A 77 37.07 0.23 -24.30
C LYS A 77 36.64 -1.24 -24.20
N LEU A 78 36.41 -1.72 -22.98
CA LEU A 78 36.02 -3.13 -22.71
C LEU A 78 34.66 -3.40 -23.38
N CYS A 79 33.68 -2.49 -23.29
CA CYS A 79 32.38 -2.72 -23.98
C CYS A 79 32.62 -3.00 -25.48
N LYS A 80 33.44 -2.17 -26.12
CA LYS A 80 33.73 -2.31 -27.57
C LYS A 80 34.41 -3.67 -27.82
N GLU A 81 35.37 -4.04 -26.97
CA GLU A 81 36.13 -5.33 -27.08
C GLU A 81 35.18 -6.51 -26.87
N GLU A 82 34.15 -6.38 -26.04
CA GLU A 82 33.22 -7.51 -25.76
C GLU A 82 31.95 -7.40 -26.62
N ASN A 83 31.98 -6.58 -27.68
CA ASN A 83 30.91 -6.46 -28.71
C ASN A 83 29.58 -6.14 -28.05
N LEU A 84 29.59 -5.20 -27.12
CA LEU A 84 28.33 -4.66 -26.52
C LEU A 84 28.24 -3.19 -26.92
N ASP A 85 27.07 -2.75 -27.34
CA ASP A 85 26.81 -1.29 -27.43
C ASP A 85 26.60 -0.76 -26.01
N LEU A 86 26.75 0.54 -25.81
CA LEU A 86 26.74 1.16 -24.47
C LEU A 86 25.77 2.34 -24.45
N ILE A 87 24.91 2.33 -23.43
CA ILE A 87 24.03 3.44 -22.99
C ILE A 87 24.77 4.11 -21.84
N VAL A 88 25.09 5.41 -22.00
CA VAL A 88 25.70 6.23 -20.92
C VAL A 88 24.65 7.19 -20.35
N LYS A 89 24.81 7.51 -19.08
CA LYS A 89 23.79 8.29 -18.31
C LYS A 89 24.54 9.17 -17.33
N PRO A 90 25.11 10.30 -17.80
CA PRO A 90 25.96 11.17 -16.99
C PRO A 90 25.25 12.20 -16.09
N GLY A 91 23.94 12.16 -16.05
CA GLY A 91 23.19 12.98 -15.08
C GLY A 91 22.87 14.36 -15.65
N PRO A 92 22.90 15.45 -14.83
CA PRO A 92 23.61 15.52 -13.56
C PRO A 92 23.07 14.62 -12.44
N TYR A 93 21.74 14.50 -12.30
CA TYR A 93 21.14 13.53 -11.35
C TYR A 93 21.22 12.14 -11.96
N ILE A 94 21.57 11.14 -11.14
CA ILE A 94 21.47 9.70 -11.49
C ILE A 94 20.58 8.96 -10.48
N LEU A 95 20.35 9.47 -9.29
CA LEU A 95 19.58 8.73 -8.25
C LEU A 95 20.40 7.47 -7.92
N ALA A 96 20.09 6.32 -8.53
CA ALA A 96 20.94 5.10 -8.52
C ALA A 96 21.36 4.68 -7.08
N GLU A 97 20.60 5.03 -6.04
CA GLU A 97 20.92 4.77 -4.61
C GLU A 97 22.36 5.24 -4.32
N TYR A 98 22.72 6.39 -4.86
CA TYR A 98 24.08 6.95 -4.74
C TYR A 98 23.99 8.18 -3.87
N GLU A 99 24.97 8.40 -3.00
CA GLU A 99 24.93 9.53 -2.03
C GLU A 99 24.60 10.78 -2.81
N ASN A 100 23.65 11.57 -2.29
CA ASN A 100 23.28 12.88 -2.87
C ASN A 100 22.73 12.71 -4.30
N GLN A 101 22.16 11.55 -4.62
CA GLN A 101 21.57 11.24 -5.96
C GLN A 101 22.63 11.41 -7.10
N GLY A 102 23.92 11.38 -6.77
CA GLY A 102 25.03 11.47 -7.75
C GLY A 102 25.70 12.83 -7.75
N LEU A 103 25.11 13.83 -7.11
CA LEU A 103 25.73 15.19 -7.13
C LEU A 103 26.91 15.16 -6.18
N PRO A 104 27.99 15.90 -6.49
CA PRO A 104 29.15 15.93 -5.61
C PRO A 104 28.84 16.55 -4.24
N SER A 105 29.38 15.96 -3.16
CA SER A 105 29.33 16.53 -1.79
C SER A 105 29.86 17.95 -1.83
N TRP A 106 30.98 18.16 -2.49
CA TRP A 106 31.64 19.51 -2.47
C TRP A 106 30.67 20.53 -3.08
N LEU A 107 29.91 20.11 -4.11
CA LEU A 107 28.94 21.03 -4.78
C LEU A 107 27.83 21.40 -3.80
N LEU A 108 27.18 20.41 -3.18
CA LEU A 108 26.04 20.68 -2.27
C LEU A 108 26.50 21.53 -1.07
N LYS A 109 27.73 21.36 -0.61
CA LYS A 109 28.26 22.19 0.51
C LYS A 109 28.52 23.61 0.02
N LYS A 110 28.79 23.81 -1.27
CA LYS A 110 29.19 25.15 -1.77
C LYS A 110 27.99 25.99 -2.27
N LEU A 111 26.96 25.34 -2.80
CA LEU A 111 25.82 26.04 -3.45
C LEU A 111 25.17 26.99 -2.43
N SER A 112 24.70 28.14 -2.87
CA SER A 112 23.90 29.05 -2.02
C SER A 112 22.48 28.48 -1.85
N LYS A 113 21.71 29.02 -0.90
CA LYS A 113 20.33 28.55 -0.61
C LYS A 113 19.46 28.62 -1.87
N ASN A 114 19.64 29.65 -2.69
CA ASN A 114 18.81 29.87 -3.90
C ASN A 114 19.09 28.84 -4.99
N ALA A 115 20.11 27.99 -4.85
CA ALA A 115 20.30 26.84 -5.77
C ALA A 115 19.28 25.74 -5.44
N PHE A 116 18.65 25.72 -4.26
CA PHE A 116 17.84 24.57 -3.77
C PHE A 116 16.35 24.75 -4.04
N ALA A 117 15.61 23.65 -4.19
CA ALA A 117 14.14 23.68 -4.17
C ALA A 117 13.69 24.13 -2.76
N LEU A 118 12.74 25.05 -2.71
CA LEU A 118 12.28 25.69 -1.46
C LEU A 118 10.77 25.50 -1.35
N ASP A 119 10.26 25.36 -0.12
CA ASP A 119 8.79 25.19 0.16
C ASP A 119 8.13 26.57 0.15
N GLU A 120 6.81 26.66 0.37
CA GLU A 120 6.07 27.95 0.35
C GLU A 120 6.67 28.94 1.36
N ASN A 121 7.36 28.47 2.40
CA ASN A 121 7.96 29.32 3.46
C ASN A 121 9.36 29.82 3.09
N GLY A 122 9.98 29.30 2.03
CA GLY A 122 11.38 29.66 1.68
C GLY A 122 12.39 28.76 2.37
N ASN A 123 11.99 27.63 2.95
CA ASN A 123 12.93 26.65 3.54
C ASN A 123 13.33 25.57 2.52
N VAL A 124 14.58 25.11 2.60
CA VAL A 124 15.18 24.04 1.74
C VAL A 124 14.38 22.75 1.92
N ILE A 125 13.88 22.16 0.86
CA ILE A 125 13.03 20.95 0.96
C ILE A 125 13.91 19.75 1.32
N SER A 126 15.05 19.62 0.66
CA SER A 126 15.98 18.50 0.91
C SER A 126 17.40 18.92 0.54
N PRO A 127 18.41 18.55 1.36
CA PRO A 127 19.78 19.00 1.12
C PRO A 127 20.42 18.46 -0.16
N ASP A 128 19.81 17.51 -0.87
CA ASP A 128 20.34 17.05 -2.19
C ASP A 128 19.39 17.39 -3.33
N LEU A 129 18.35 18.21 -3.07
CA LEU A 129 17.33 18.58 -4.09
C LEU A 129 17.56 20.01 -4.56
N VAL A 130 18.10 20.16 -5.77
CA VAL A 130 18.34 21.49 -6.39
C VAL A 130 17.06 21.95 -7.08
N SER A 131 17.02 23.24 -7.37
CA SER A 131 16.04 23.85 -8.28
C SER A 131 16.60 23.75 -9.71
N TYR A 132 15.91 23.05 -10.61
CA TYR A 132 16.47 22.62 -11.92
C TYR A 132 17.04 23.79 -12.71
N LEU A 133 16.38 24.96 -12.70
CA LEU A 133 16.88 26.10 -13.52
C LEU A 133 17.66 27.08 -12.65
N SER A 134 18.14 26.65 -11.50
CA SER A 134 19.09 27.43 -10.65
C SER A 134 20.29 27.86 -11.51
N ASP A 135 20.65 29.13 -11.53
CA ASP A 135 21.81 29.58 -12.34
C ASP A 135 23.05 28.81 -11.92
N GLU A 136 23.25 28.69 -10.61
CA GLU A 136 24.46 28.07 -10.01
C GLU A 136 24.48 26.58 -10.37
N PHE A 137 23.36 25.89 -10.20
CA PHE A 137 23.24 24.45 -10.54
C PHE A 137 23.63 24.24 -11.99
N LEU A 138 23.07 25.02 -12.91
CA LEU A 138 23.35 24.81 -14.37
C LEU A 138 24.80 25.19 -14.68
N GLU A 139 25.40 26.17 -13.99
CA GLU A 139 26.82 26.53 -14.26
C GLU A 139 27.71 25.33 -13.92
N TYR A 140 27.48 24.70 -12.77
CA TYR A 140 28.30 23.54 -12.34
C TYR A 140 28.00 22.33 -13.22
N THR A 141 26.70 22.11 -13.55
CA THR A 141 26.30 21.01 -14.46
C THR A 141 27.06 21.18 -15.77
N PHE A 142 27.13 22.40 -16.29
CA PHE A 142 27.78 22.68 -17.59
C PHE A 142 29.26 22.34 -17.51
N LYS A 143 29.92 22.72 -16.40
CA LYS A 143 31.35 22.39 -16.18
C LYS A 143 31.57 20.87 -16.09
N TRP A 144 30.61 20.13 -15.52
CA TRP A 144 30.65 18.64 -15.51
C TRP A 144 30.50 18.12 -16.96
N TYR A 145 29.51 18.62 -17.70
CA TYR A 145 29.33 18.29 -19.14
C TYR A 145 30.58 18.63 -19.95
N ASP A 146 31.29 19.73 -19.65
CA ASP A 146 32.50 20.11 -20.41
C ASP A 146 33.56 19.01 -20.31
N LYS A 147 33.56 18.19 -19.25
CA LYS A 147 34.58 17.13 -19.08
C LYS A 147 34.05 15.75 -19.55
N VAL A 148 32.80 15.39 -19.28
CA VAL A 148 32.30 14.01 -19.57
C VAL A 148 31.81 13.94 -21.01
N MET A 149 31.30 15.05 -21.56
CA MET A 149 30.70 15.00 -22.91
C MET A 149 31.75 14.82 -24.01
N PRO A 150 32.98 15.36 -23.93
CA PRO A 150 34.00 15.09 -24.96
C PRO A 150 34.38 13.61 -25.04
N ILE A 151 34.39 12.91 -23.90
CA ILE A 151 34.66 11.44 -23.81
C ILE A 151 33.52 10.69 -24.51
N ILE A 152 32.27 11.02 -24.17
CA ILE A 152 31.05 10.39 -24.78
C ILE A 152 31.08 10.65 -26.29
N SER A 153 31.42 11.87 -26.72
CA SER A 153 31.40 12.26 -28.14
C SER A 153 32.44 11.44 -28.91
N LYS A 154 33.62 11.26 -28.35
CA LYS A 154 34.74 10.50 -28.96
C LYS A 154 34.37 9.02 -29.14
N HIS A 155 33.52 8.45 -28.26
CA HIS A 155 33.26 6.99 -28.18
C HIS A 155 31.88 6.63 -28.74
N GLN A 156 31.31 7.55 -29.50
CA GLN A 156 30.03 7.33 -30.21
C GLN A 156 30.20 6.28 -31.32
N LYS A 157 29.13 5.56 -31.58
CA LYS A 157 29.01 4.60 -32.70
C LYS A 157 29.53 5.22 -34.02
N GLU A 158 29.15 6.45 -34.37
CA GLU A 158 29.54 7.02 -35.69
C GLU A 158 31.06 7.15 -35.80
N HIS A 159 31.78 7.27 -34.67
CA HIS A 159 33.27 7.25 -34.61
C HIS A 159 33.82 5.86 -34.25
N TYR A 160 33.06 4.77 -34.52
CA TYR A 160 33.41 3.35 -34.25
C TYR A 160 33.59 3.08 -32.76
N GLY A 161 33.01 3.88 -31.87
CA GLY A 161 32.98 3.54 -30.43
C GLY A 161 31.73 2.72 -30.14
N PRO A 162 31.50 2.28 -28.88
CA PRO A 162 30.32 1.49 -28.58
C PRO A 162 29.06 2.28 -28.18
N ILE A 163 29.16 3.58 -27.95
CA ILE A 163 28.05 4.39 -27.35
C ILE A 163 26.95 4.64 -28.38
N THR A 164 25.75 4.10 -28.12
CA THR A 164 24.58 4.23 -29.03
C THR A 164 23.50 5.16 -28.47
N MET A 165 23.48 5.43 -27.17
CA MET A 165 22.37 6.19 -26.56
C MET A 165 22.89 6.89 -25.32
N MET A 166 22.22 7.96 -24.94
CA MET A 166 22.58 8.72 -23.74
C MET A 166 21.29 9.23 -23.11
N GLN A 167 21.17 8.99 -21.82
CA GLN A 167 20.05 9.50 -21.02
C GLN A 167 20.41 10.91 -20.55
N LEU A 168 19.45 11.83 -20.67
CA LEU A 168 19.58 13.22 -20.15
C LEU A 168 19.09 13.22 -18.71
N CYS A 169 19.95 13.45 -17.71
CA CYS A 169 19.57 13.55 -16.28
C CYS A 169 18.88 12.23 -15.93
N ASN A 170 17.90 12.25 -15.04
CA ASN A 170 17.27 11.00 -14.52
C ASN A 170 15.90 11.36 -13.94
N GLU A 171 14.81 10.80 -14.49
CA GLU A 171 13.43 10.91 -13.95
C GLU A 171 13.15 12.34 -13.49
N ILE A 172 13.14 13.28 -14.42
CA ILE A 172 12.91 14.70 -14.05
C ILE A 172 11.62 14.74 -13.19
N GLY A 173 11.72 15.41 -12.05
CA GLY A 173 10.67 15.63 -11.08
C GLY A 173 10.52 14.49 -10.08
N VAL A 174 11.22 13.37 -10.22
CA VAL A 174 11.03 12.24 -9.27
C VAL A 174 11.33 12.70 -7.84
N PHE A 175 12.40 13.48 -7.64
CA PHE A 175 12.88 13.91 -6.30
C PHE A 175 11.82 14.84 -5.73
N GLN A 176 11.31 15.78 -6.54
CA GLN A 176 10.24 16.68 -6.07
C GLN A 176 9.02 15.86 -5.62
N TRP A 177 8.59 14.90 -6.44
CA TRP A 177 7.43 14.01 -6.19
C TRP A 177 7.62 13.27 -4.86
N LEU A 178 8.73 12.57 -4.69
CA LEU A 178 9.00 11.74 -3.49
C LEU A 178 9.14 12.61 -2.22
N SER A 179 9.57 13.87 -2.35
CA SER A 179 9.73 14.81 -1.20
C SER A 179 8.35 15.22 -0.68
N GLY A 180 7.32 15.18 -1.52
CA GLY A 180 5.94 15.46 -1.07
C GLY A 180 5.63 16.93 -1.08
N LYS A 181 6.52 17.76 -1.66
CA LYS A 181 6.42 19.23 -1.72
C LYS A 181 6.85 19.73 -3.09
N SER A 182 6.26 20.82 -3.56
CA SER A 182 6.59 21.40 -4.88
C SER A 182 7.59 22.54 -4.68
N ASP A 183 8.24 22.95 -5.76
CA ASP A 183 9.34 23.93 -5.72
C ASP A 183 8.74 25.33 -5.82
N TYR A 184 8.93 26.16 -4.79
CA TYR A 184 8.58 27.60 -4.76
C TYR A 184 9.87 28.45 -4.78
N ASN A 185 10.99 27.96 -5.35
CA ASN A 185 12.26 28.73 -5.53
C ASN A 185 11.96 30.04 -6.24
N PRO A 186 12.67 31.16 -5.97
CA PRO A 186 12.36 32.44 -6.60
C PRO A 186 12.51 32.41 -8.13
N LYS A 187 13.39 31.59 -8.69
CA LYS A 187 13.50 31.43 -10.17
C LYS A 187 12.20 30.82 -10.69
N VAL A 188 11.67 29.82 -9.98
CA VAL A 188 10.37 29.22 -10.39
C VAL A 188 9.29 30.32 -10.38
N ILE A 189 9.20 31.07 -9.26
CA ILE A 189 8.17 32.13 -9.03
C ILE A 189 8.26 33.17 -10.15
N ASN A 190 9.46 33.67 -10.47
CA ASN A 190 9.65 34.72 -11.51
C ASN A 190 9.31 34.15 -12.90
N LEU A 191 9.72 32.92 -13.18
CA LEU A 191 9.42 32.30 -14.50
C LEU A 191 7.89 32.10 -14.62
N TYR A 192 7.24 31.69 -13.53
CA TYR A 192 5.78 31.53 -13.46
C TYR A 192 5.13 32.89 -13.78
N LYS A 193 5.62 33.98 -13.20
CA LYS A 193 5.00 35.32 -13.48
C LYS A 193 5.13 35.64 -14.98
N GLU A 194 6.29 35.38 -15.58
CA GLU A 194 6.50 35.70 -17.01
C GLU A 194 5.53 34.86 -17.84
N PHE A 195 5.39 33.57 -17.49
CA PHE A 195 4.48 32.60 -18.15
C PHE A 195 3.04 33.14 -18.16
N ILE A 196 2.56 33.56 -16.99
CA ILE A 196 1.18 34.11 -16.79
C ILE A 196 0.98 35.37 -17.65
N ILE A 197 1.94 36.29 -17.64
CA ILE A 197 1.88 37.56 -18.41
C ILE A 197 1.81 37.19 -19.89
N GLN A 198 2.67 36.27 -20.34
CA GLN A 198 2.69 35.85 -21.79
C GLN A 198 1.35 35.19 -22.15
N ARG A 199 0.74 34.47 -21.19
CA ARG A 199 -0.46 33.65 -21.47
C ARG A 199 -1.67 34.58 -21.64
N TYR A 200 -1.84 35.56 -20.74
CA TYR A 200 -3.07 36.36 -20.55
C TYR A 200 -2.96 37.76 -21.15
N LYS A 201 -1.75 38.33 -21.27
CA LYS A 201 -1.45 39.63 -21.94
C LYS A 201 -1.89 40.80 -21.07
N THR A 202 -3.10 40.75 -20.52
CA THR A 202 -3.62 41.81 -19.62
C THR A 202 -4.19 41.19 -18.36
N ILE A 203 -4.19 41.97 -17.28
CA ILE A 203 -4.78 41.50 -15.99
C ILE A 203 -6.30 41.36 -16.16
N GLU A 204 -6.93 42.19 -16.99
CA GLU A 204 -8.39 42.11 -17.23
C GLU A 204 -8.75 40.74 -17.85
N LYS A 205 -7.92 40.23 -18.76
CA LYS A 205 -8.16 38.90 -19.39
C LYS A 205 -8.00 37.79 -18.34
N LEU A 206 -6.98 37.85 -17.48
CA LEU A 206 -6.77 36.83 -16.43
C LEU A 206 -7.96 36.92 -15.48
N ASN A 207 -8.37 38.13 -15.10
CA ASN A 207 -9.48 38.34 -14.13
C ASN A 207 -10.77 37.71 -14.69
N SER A 208 -11.00 37.82 -16.00
CA SER A 208 -12.22 37.32 -16.68
C SER A 208 -12.23 35.79 -16.62
N VAL A 209 -11.08 35.14 -16.80
CA VAL A 209 -10.97 33.66 -16.75
C VAL A 209 -11.05 33.21 -15.28
N TYR A 210 -10.29 33.81 -14.37
CA TYR A 210 -10.23 33.34 -12.97
C TYR A 210 -11.44 33.82 -12.13
N SER A 211 -12.14 34.88 -12.57
CA SER A 211 -13.12 35.66 -11.74
C SER A 211 -12.40 36.29 -10.54
N THR A 212 -11.24 36.88 -10.76
CA THR A 212 -10.49 37.60 -9.70
C THR A 212 -10.59 39.10 -10.01
N ASN A 213 -10.07 39.92 -9.12
CA ASN A 213 -10.22 41.40 -9.14
C ASN A 213 -8.83 42.05 -8.98
N TYR A 214 -7.78 41.47 -9.57
CA TYR A 214 -6.42 42.01 -9.43
C TYR A 214 -6.38 43.34 -10.19
N ASN A 215 -5.65 44.30 -9.62
CA ASN A 215 -5.42 45.61 -10.27
C ASN A 215 -4.29 45.48 -11.29
N SER A 216 -3.32 44.60 -11.04
CA SER A 216 -2.17 44.41 -11.96
C SER A 216 -1.56 43.02 -11.76
N PHE A 217 -0.73 42.63 -12.72
CA PHE A 217 0.05 41.36 -12.66
C PHE A 217 0.91 41.34 -11.39
N ASP A 218 1.35 42.50 -10.92
CA ASP A 218 2.18 42.58 -9.68
C ASP A 218 1.40 42.07 -8.45
N ASP A 219 0.06 41.97 -8.49
CA ASP A 219 -0.72 41.54 -7.30
C ASP A 219 -0.84 40.01 -7.26
N LEU A 220 -0.49 39.36 -8.38
CA LEU A 220 -0.66 37.90 -8.62
C LEU A 220 0.64 37.25 -8.14
N LYS A 221 0.52 36.23 -7.29
CA LYS A 221 1.62 35.43 -6.69
C LYS A 221 1.42 33.97 -7.09
N ALA A 222 2.47 33.15 -7.14
CA ALA A 222 2.31 31.71 -7.44
C ALA A 222 1.34 31.18 -6.40
N PRO A 223 0.35 30.35 -6.79
CA PRO A 223 -0.61 29.83 -5.82
C PRO A 223 0.08 28.94 -4.78
N SER A 224 -0.29 29.14 -3.52
CA SER A 224 0.15 28.35 -2.34
C SER A 224 -1.08 28.01 -1.50
N GLY A 225 -0.95 27.06 -0.60
CA GLY A 225 -2.05 26.69 0.29
C GLY A 225 -3.16 25.96 -0.45
N LYS A 226 -4.21 25.63 0.28
CA LYS A 226 -5.31 24.76 -0.20
C LYS A 226 -6.20 25.55 -1.18
N ILE A 227 -6.81 24.84 -2.13
CA ILE A 227 -7.78 25.42 -3.12
C ILE A 227 -9.11 25.57 -2.38
N LYS A 228 -9.57 26.82 -2.24
CA LYS A 228 -10.86 27.12 -1.57
C LYS A 228 -11.86 27.71 -2.57
N LEU A 229 -11.40 28.39 -3.61
CA LEU A 229 -12.24 29.07 -4.63
C LEU A 229 -11.92 28.48 -6.01
N ARG A 230 -12.83 28.59 -6.99
CA ARG A 230 -12.54 28.19 -8.40
C ARG A 230 -11.33 28.99 -8.89
N SER A 231 -11.16 30.22 -8.44
CA SER A 231 -10.01 31.06 -8.88
C SER A 231 -8.68 30.43 -8.42
N ASP A 232 -8.66 29.75 -7.27
CA ASP A 232 -7.43 29.08 -6.79
C ASP A 232 -7.14 27.90 -7.70
N TYR A 233 -8.19 27.16 -8.10
CA TYR A 233 -8.10 26.00 -9.02
C TYR A 233 -7.47 26.50 -10.33
N CYS A 234 -8.01 27.58 -10.90
CA CYS A 234 -7.50 28.18 -12.16
C CYS A 234 -6.00 28.50 -12.02
N ALA A 235 -5.60 29.15 -10.91
CA ALA A 235 -4.19 29.56 -10.71
C ALA A 235 -3.33 28.28 -10.66
N TYR A 236 -3.78 27.24 -9.98
CA TYR A 236 -2.99 25.99 -9.87
C TYR A 236 -2.98 25.29 -11.22
N PHE A 237 -4.08 25.36 -11.98
CA PHE A 237 -4.09 24.71 -13.32
C PHE A 237 -2.98 25.34 -14.18
N ASP A 238 -2.92 26.68 -14.20
CA ASP A 238 -1.88 27.41 -14.95
C ASP A 238 -0.49 27.06 -14.39
N PHE A 239 -0.37 26.87 -13.07
CA PHE A 239 0.90 26.46 -12.41
C PHE A 239 1.35 25.10 -12.96
N HIS A 240 0.40 24.16 -13.14
CA HIS A 240 0.69 22.81 -13.73
C HIS A 240 1.15 22.99 -15.18
N LEU A 241 0.43 23.79 -15.96
CA LEU A 241 0.85 24.08 -17.36
C LEU A 241 2.26 24.65 -17.33
N PHE A 242 2.54 25.55 -16.39
CA PHE A 242 3.87 26.17 -16.29
C PHE A 242 4.94 25.09 -16.00
N PHE A 243 4.72 24.17 -15.05
CA PHE A 243 5.76 23.17 -14.69
C PHE A 243 6.08 22.27 -15.88
N ARG A 244 5.12 22.04 -16.78
CA ARG A 244 5.41 21.27 -18.01
C ARG A 244 6.33 22.07 -18.95
N GLU A 245 6.15 23.39 -19.04
CA GLU A 245 7.09 24.24 -19.83
C GLU A 245 8.44 24.26 -19.13
N TYR A 246 8.44 24.35 -17.81
CA TYR A 246 9.65 24.43 -16.95
C TYR A 246 10.52 23.18 -17.20
N TYR A 247 9.95 21.99 -17.14
CA TYR A 247 10.72 20.72 -17.35
C TYR A 247 11.23 20.66 -18.79
N ASN A 248 10.43 21.17 -19.72
CA ASN A 248 10.84 21.26 -21.14
C ASN A 248 12.02 22.24 -21.28
N LYS A 249 12.00 23.36 -20.54
CA LYS A 249 13.14 24.32 -20.54
C LYS A 249 14.40 23.61 -20.01
N TYR A 250 14.29 22.82 -18.93
CA TYR A 250 15.43 22.12 -18.32
C TYR A 250 16.04 21.17 -19.36
N ILE A 251 15.23 20.28 -19.93
CA ILE A 251 15.75 19.23 -20.83
C ILE A 251 16.25 19.87 -22.14
N SER A 252 15.63 20.96 -22.59
CA SER A 252 16.07 21.72 -23.81
C SER A 252 17.51 22.24 -23.62
N ILE A 253 17.74 22.83 -22.45
CA ILE A 253 19.06 23.43 -22.08
C ILE A 253 20.10 22.31 -22.06
N LEU A 254 19.80 21.16 -21.43
CA LEU A 254 20.76 20.03 -21.38
C LEU A 254 21.02 19.56 -22.80
N LYS A 255 19.97 19.40 -23.60
CA LYS A 255 20.05 18.83 -24.96
C LYS A 255 20.87 19.80 -25.83
N ASN A 256 20.56 21.10 -25.78
CA ASN A 256 21.32 22.07 -26.60
C ASN A 256 22.82 22.01 -26.23
N LYS A 257 23.16 22.02 -24.93
CA LYS A 257 24.54 21.85 -24.42
C LYS A 257 25.20 20.58 -25.01
N ILE A 258 24.58 19.42 -24.86
CA ILE A 258 25.09 18.11 -25.33
C ILE A 258 25.37 18.12 -26.82
N ARG A 259 24.43 18.62 -27.63
CA ARG A 259 24.56 18.63 -29.11
C ARG A 259 25.80 19.45 -29.51
N SER A 260 26.19 20.45 -28.74
CA SER A 260 27.35 21.33 -29.06
C SER A 260 28.68 20.56 -28.99
N PHE A 261 28.70 19.34 -28.45
CA PHE A 261 29.91 18.49 -28.36
C PHE A 261 29.99 17.53 -29.56
N GLY A 262 29.09 17.64 -30.52
CA GLY A 262 29.09 16.73 -31.69
C GLY A 262 28.46 15.39 -31.34
N ILE A 263 27.62 15.37 -30.32
CA ILE A 263 26.89 14.13 -29.86
C ILE A 263 25.58 14.05 -30.63
N ASN A 264 25.49 13.09 -31.55
CA ASN A 264 24.39 12.88 -32.51
C ASN A 264 23.62 11.60 -32.20
N ILE A 265 24.05 10.82 -31.21
CA ILE A 265 23.38 9.55 -30.78
C ILE A 265 21.97 9.85 -30.27
N LYS A 266 21.16 8.79 -30.15
CA LYS A 266 19.77 8.85 -29.65
C LYS A 266 19.83 9.32 -28.20
N LEU A 267 19.03 10.31 -27.84
CA LEU A 267 18.90 10.79 -26.44
C LEU A 267 17.66 10.15 -25.81
N THR A 268 17.75 9.82 -24.53
CA THR A 268 16.66 9.10 -23.83
C THR A 268 16.27 9.89 -22.59
N HIS A 269 15.12 9.56 -22.05
CA HIS A 269 14.75 9.96 -20.67
C HIS A 269 13.94 8.81 -20.09
N ASN A 270 13.87 8.74 -18.78
CA ASN A 270 13.28 7.56 -18.08
C ASN A 270 12.14 8.03 -17.21
N ILE A 271 11.04 7.28 -17.24
CA ILE A 271 9.75 7.64 -16.60
C ILE A 271 9.62 6.89 -15.29
N PRO A 272 9.55 7.63 -14.16
CA PRO A 272 9.28 7.02 -12.86
C PRO A 272 7.76 6.87 -12.60
N GLY A 273 7.37 6.16 -11.55
CA GLY A 273 5.98 6.19 -11.07
C GLY A 273 5.58 4.91 -10.35
N TRP A 274 6.35 3.83 -10.47
CA TRP A 274 6.01 2.61 -9.71
C TRP A 274 6.38 2.85 -8.25
N ILE A 275 5.51 2.44 -7.33
CA ILE A 275 5.88 2.47 -5.91
C ILE A 275 5.09 1.34 -5.22
N TYR A 276 5.76 0.58 -4.38
CA TYR A 276 5.14 -0.56 -3.66
C TYR A 276 4.58 -1.56 -4.67
N GLY A 277 5.15 -1.65 -5.87
CA GLY A 277 4.75 -2.65 -6.88
C GLY A 277 3.49 -2.33 -7.65
N ASN A 278 2.93 -1.12 -7.56
CA ASN A 278 1.92 -0.68 -8.56
C ASN A 278 2.29 0.68 -9.13
N ALA A 279 1.63 1.03 -10.24
CA ALA A 279 2.02 2.17 -11.09
C ALA A 279 0.84 3.08 -11.32
N SER A 280 -0.17 3.11 -10.42
CA SER A 280 -1.37 3.95 -10.60
C SER A 280 -1.02 5.45 -10.65
N GLU A 281 0.14 5.90 -10.13
CA GLU A 281 0.52 7.33 -10.15
C GLU A 281 1.44 7.61 -11.35
N LEU A 282 1.92 6.59 -12.06
CA LEU A 282 2.86 6.83 -13.18
C LEU A 282 2.23 7.71 -14.27
N PRO A 283 0.93 7.54 -14.58
CA PRO A 283 0.25 8.42 -15.55
C PRO A 283 0.35 9.92 -15.20
N MET A 284 0.28 10.26 -13.92
CA MET A 284 0.54 11.65 -13.43
C MET A 284 1.95 12.13 -13.79
N LEU A 285 2.96 11.31 -13.50
CA LEU A 285 4.38 11.68 -13.73
C LEU A 285 4.61 11.76 -15.23
N ILE A 286 4.14 10.79 -16.01
CA ILE A 286 4.33 10.87 -17.48
C ILE A 286 3.66 12.15 -17.99
N SER A 287 2.56 12.57 -17.38
CA SER A 287 1.83 13.79 -17.83
C SER A 287 2.71 15.04 -17.63
N THR A 288 3.63 15.04 -16.65
CA THR A 288 4.55 16.18 -16.44
C THR A 288 5.54 16.33 -17.61
N TYR A 289 5.64 15.36 -18.51
CA TYR A 289 6.58 15.41 -19.67
C TYR A 289 5.85 15.80 -20.95
N SER A 290 4.57 16.25 -20.86
CA SER A 290 3.71 16.46 -22.05
C SER A 290 4.39 17.45 -23.01
N GLU A 291 5.01 18.52 -22.49
CA GLU A 291 5.59 19.57 -23.38
C GLU A 291 6.93 19.09 -23.92
N ILE A 292 7.70 18.29 -23.15
CA ILE A 292 8.95 17.67 -23.67
C ILE A 292 8.59 16.81 -24.89
N MET A 293 7.61 15.93 -24.75
CA MET A 293 7.29 14.95 -25.82
C MET A 293 6.73 15.65 -27.07
N LYS A 294 6.04 16.76 -26.89
CA LYS A 294 5.53 17.58 -28.00
C LYS A 294 6.72 18.27 -28.70
N ASN A 295 7.73 18.71 -27.96
CA ASN A 295 8.77 19.61 -28.53
C ASN A 295 10.01 18.85 -28.99
N HIS A 296 10.22 17.62 -28.53
CA HIS A 296 11.46 16.85 -28.81
C HIS A 296 11.10 15.50 -29.39
N PRO A 297 10.92 15.41 -30.72
CA PRO A 297 10.65 14.14 -31.37
C PRO A 297 11.89 13.22 -31.33
N ASP A 298 13.07 13.76 -30.98
CA ASP A 298 14.36 13.01 -30.99
C ASP A 298 14.78 12.59 -29.56
N ILE A 299 13.94 12.77 -28.54
CA ILE A 299 14.20 12.19 -27.19
C ILE A 299 13.20 11.06 -26.99
N ILE A 300 13.69 9.84 -26.87
CA ILE A 300 12.85 8.65 -26.65
C ILE A 300 12.71 8.46 -25.15
N PHE A 301 11.48 8.52 -24.65
CA PHE A 301 11.17 8.15 -23.26
C PHE A 301 10.96 6.63 -23.20
N GLY A 302 11.54 6.04 -22.18
CA GLY A 302 11.31 4.64 -21.78
C GLY A 302 10.80 4.53 -20.35
N LEU A 303 10.16 3.41 -20.02
CA LEU A 303 9.57 3.24 -18.67
C LEU A 303 10.60 2.73 -17.68
N ASP A 304 10.41 3.08 -16.39
CA ASP A 304 11.12 2.43 -15.27
C ASP A 304 10.15 1.47 -14.61
N HIS A 305 10.20 0.18 -14.95
CA HIS A 305 9.22 -0.82 -14.45
C HIS A 305 9.75 -1.44 -13.17
N ILE A 306 9.07 -1.25 -12.04
CA ILE A 306 9.44 -1.85 -10.72
C ILE A 306 8.24 -2.58 -10.12
N PRO A 307 7.85 -3.73 -10.69
CA PRO A 307 6.69 -4.49 -10.19
C PRO A 307 6.83 -5.13 -8.79
N GLU A 308 8.03 -5.53 -8.37
CA GLU A 308 8.42 -6.11 -7.05
C GLU A 308 7.88 -7.54 -6.88
N PHE A 309 6.70 -7.85 -7.40
CA PHE A 309 6.10 -9.19 -7.40
C PHE A 309 5.23 -9.24 -8.64
N VAL A 310 4.62 -10.39 -8.95
CA VAL A 310 3.84 -10.53 -10.21
C VAL A 310 2.62 -11.35 -9.85
N SER A 311 1.48 -10.69 -9.67
CA SER A 311 0.22 -11.34 -9.23
C SER A 311 -0.93 -10.49 -9.74
N PHE A 312 -2.13 -10.99 -9.55
CA PHE A 312 -3.34 -10.20 -9.89
C PHE A 312 -3.31 -8.84 -9.17
N ARG A 313 -2.65 -8.73 -8.02
CA ARG A 313 -2.62 -7.43 -7.25
C ARG A 313 -1.97 -6.33 -8.10
N ASN A 314 -1.05 -6.64 -9.03
CA ASN A 314 -0.43 -5.60 -9.88
C ASN A 314 -0.39 -5.94 -11.38
N ALA A 315 -1.14 -6.96 -11.86
CA ALA A 315 -1.05 -7.46 -13.26
C ALA A 315 -1.31 -6.36 -14.31
N HIS A 316 -2.14 -5.37 -13.98
CA HIS A 316 -2.68 -4.36 -14.92
C HIS A 316 -1.73 -3.18 -15.07
N SER A 317 -0.81 -3.00 -14.11
CA SER A 317 0.06 -1.80 -14.06
C SER A 317 0.94 -1.71 -15.31
N ASP A 318 1.60 -2.81 -15.68
CA ASP A 318 2.61 -2.75 -16.76
C ASP A 318 1.88 -2.51 -18.09
N LEU A 319 0.76 -3.18 -18.35
CA LEU A 319 0.03 -2.97 -19.63
C LEU A 319 -0.49 -1.54 -19.71
N ALA A 320 -1.16 -1.05 -18.67
CA ALA A 320 -1.70 0.33 -18.62
C ALA A 320 -0.57 1.31 -18.90
N CYS A 321 0.56 1.13 -18.24
CA CYS A 321 1.75 2.00 -18.41
C CYS A 321 2.27 1.92 -19.85
N ASN A 322 2.36 0.73 -20.43
CA ASN A 322 2.94 0.59 -21.80
C ASN A 322 2.00 1.29 -22.78
N LYS A 323 0.71 1.18 -22.53
CA LYS A 323 -0.36 1.74 -23.40
C LYS A 323 -0.33 3.27 -23.30
N ILE A 324 -0.13 3.82 -22.12
CA ILE A 324 -0.13 5.29 -21.91
C ILE A 324 1.16 5.86 -22.52
N LEU A 325 2.28 5.15 -22.43
CA LEU A 325 3.53 5.63 -23.09
C LEU A 325 3.26 5.71 -24.59
N GLU A 326 2.65 4.65 -25.15
CA GLU A 326 2.33 4.60 -26.58
C GLU A 326 1.45 5.81 -26.96
N ALA A 327 0.43 6.13 -26.15
CA ALA A 327 -0.49 7.24 -26.42
C ALA A 327 0.29 8.56 -26.48
N MET A 328 1.26 8.75 -25.60
CA MET A 328 1.97 10.04 -25.51
C MET A 328 3.20 10.02 -26.43
N GLN A 329 3.66 8.84 -26.83
CA GLN A 329 4.83 8.70 -27.76
C GLN A 329 4.51 7.68 -28.84
N PRO A 330 3.54 7.98 -29.74
CA PRO A 330 3.08 7.03 -30.74
C PRO A 330 4.11 6.70 -31.83
N GLU A 331 5.16 7.51 -31.99
CA GLU A 331 6.11 7.37 -33.12
C GLU A 331 7.41 6.65 -32.69
N ALA A 332 7.55 6.22 -31.44
CA ALA A 332 8.72 5.45 -30.98
C ALA A 332 8.26 4.14 -30.34
N PRO A 333 9.13 3.14 -30.39
CA PRO A 333 8.87 1.87 -29.71
C PRO A 333 8.65 2.11 -28.21
N VAL A 334 7.74 1.33 -27.63
CA VAL A 334 7.57 1.22 -26.16
C VAL A 334 8.74 0.39 -25.64
N TRP A 335 9.43 0.87 -24.63
CA TRP A 335 10.55 0.12 -24.02
C TRP A 335 10.75 0.56 -22.58
N ALA A 336 11.50 -0.25 -21.84
CA ALA A 336 11.76 -0.01 -20.42
C ALA A 336 13.21 0.41 -20.27
N ALA A 337 13.46 1.68 -19.98
CA ALA A 337 14.83 2.21 -19.71
C ALA A 337 15.40 1.48 -18.48
N GLU A 338 14.54 1.12 -17.53
CA GLU A 338 14.91 0.30 -16.36
C GLU A 338 13.85 -0.77 -16.20
N PHE A 339 14.26 -2.03 -16.21
CA PHE A 339 13.39 -3.20 -16.30
C PHE A 339 13.79 -4.12 -15.16
N GLN A 340 12.98 -4.19 -14.13
CA GLN A 340 13.41 -4.76 -12.84
C GLN A 340 14.09 -6.13 -13.01
N ALA A 341 15.32 -6.18 -12.50
CA ALA A 341 16.16 -7.37 -12.25
C ALA A 341 16.71 -7.27 -10.83
N GLY A 342 16.43 -8.25 -9.99
CA GLY A 342 16.77 -8.10 -8.56
C GLY A 342 15.96 -6.98 -7.90
N THR A 343 16.39 -6.56 -6.73
CA THR A 343 15.67 -5.58 -5.88
C THR A 343 16.65 -4.53 -5.38
N ARG A 344 16.23 -3.27 -5.44
CA ARG A 344 17.00 -2.12 -4.89
C ARG A 344 17.02 -2.16 -3.34
N GLU A 345 16.14 -2.95 -2.71
CA GLU A 345 15.89 -2.95 -1.24
C GLU A 345 15.90 -4.39 -0.71
N HIS A 346 16.78 -4.69 0.26
CA HIS A 346 16.98 -6.06 0.81
C HIS A 346 15.68 -6.69 1.32
N HIS A 347 14.81 -5.90 1.97
CA HIS A 347 13.57 -6.36 2.65
C HIS A 347 12.39 -6.51 1.66
N VAL A 348 12.60 -6.15 0.40
CA VAL A 348 11.58 -6.24 -0.69
C VAL A 348 12.10 -7.25 -1.72
N LYS A 349 11.75 -8.51 -1.55
CA LYS A 349 12.38 -9.61 -2.33
C LYS A 349 11.97 -9.50 -3.80
N ALA A 350 12.80 -9.97 -4.69
CA ALA A 350 12.53 -10.05 -6.13
C ALA A 350 12.85 -11.47 -6.53
N TYR A 351 11.84 -12.30 -6.73
CA TYR A 351 12.07 -13.74 -7.05
C TYR A 351 12.26 -13.91 -8.54
N ALA A 352 13.25 -14.72 -8.93
CA ALA A 352 13.50 -15.04 -10.34
C ALA A 352 12.20 -15.56 -10.99
N LYS A 353 11.43 -16.41 -10.30
CA LYS A 353 10.19 -17.03 -10.83
C LYS A 353 9.10 -15.97 -11.03
N ASP A 354 9.04 -14.89 -10.24
CA ASP A 354 8.14 -13.74 -10.52
C ASP A 354 8.66 -12.99 -11.76
N LEU A 355 9.90 -12.58 -11.73
CA LEU A 355 10.44 -11.64 -12.76
C LEU A 355 10.41 -12.32 -14.13
N GLU A 356 10.69 -13.63 -14.21
CA GLU A 356 10.67 -14.37 -15.50
C GLU A 356 9.27 -14.19 -16.09
N THR A 357 8.21 -14.31 -15.29
CA THR A 357 6.82 -14.13 -15.77
C THR A 357 6.61 -12.67 -16.16
N PHE A 358 7.09 -11.73 -15.37
CA PHE A 358 7.02 -10.28 -15.72
C PHE A 358 7.59 -10.04 -17.12
N TYR A 359 8.72 -10.65 -17.40
CA TYR A 359 9.45 -10.42 -18.67
C TYR A 359 8.55 -10.91 -19.82
N ILE A 360 8.01 -12.11 -19.72
CA ILE A 360 7.11 -12.67 -20.75
C ILE A 360 5.82 -11.83 -20.85
N ALA A 361 5.18 -11.48 -19.75
CA ALA A 361 3.98 -10.62 -19.73
C ALA A 361 4.28 -9.29 -20.46
N SER A 362 5.46 -8.75 -20.27
CA SER A 362 5.89 -7.48 -20.91
C SER A 362 5.92 -7.66 -22.43
N LEU A 363 6.44 -8.79 -22.92
CA LEU A 363 6.36 -9.11 -24.38
C LEU A 363 4.89 -9.18 -24.82
N ALA A 364 4.05 -9.92 -24.10
CA ALA A 364 2.59 -10.00 -24.39
C ALA A 364 2.02 -8.57 -24.45
N HIS A 365 2.47 -7.72 -23.54
CA HIS A 365 1.93 -6.36 -23.30
C HIS A 365 2.65 -5.38 -24.22
N GLY A 366 3.40 -5.83 -25.22
CA GLY A 366 3.89 -5.00 -26.35
C GLY A 366 5.20 -4.28 -26.14
N ILE A 367 6.02 -4.68 -25.17
CA ILE A 367 7.35 -4.05 -24.98
C ILE A 367 8.24 -4.46 -26.16
N LYS A 368 9.08 -3.54 -26.61
CA LYS A 368 9.90 -3.68 -27.82
C LYS A 368 11.39 -3.68 -27.50
N GLY A 369 11.75 -3.40 -26.24
CA GLY A 369 13.14 -3.41 -25.77
C GLY A 369 13.20 -3.13 -24.30
N PHE A 370 14.30 -3.47 -23.65
CA PHE A 370 14.42 -3.20 -22.21
C PHE A 370 15.87 -3.29 -21.80
N ASN A 371 16.08 -2.77 -20.62
CA ASN A 371 17.37 -2.70 -19.93
C ASN A 371 17.16 -3.30 -18.56
N TYR A 372 17.65 -4.52 -18.37
CA TYR A 372 17.60 -5.22 -17.08
C TYR A 372 18.35 -4.37 -16.05
N TYR A 373 17.62 -3.94 -15.03
CA TYR A 373 18.08 -3.02 -13.96
C TYR A 373 17.73 -3.67 -12.62
N MET A 374 18.68 -4.36 -11.95
CA MET A 374 20.10 -4.37 -12.28
C MET A 374 20.50 -5.76 -12.77
N PHE A 375 21.22 -5.82 -13.86
CA PHE A 375 21.76 -7.11 -14.34
C PHE A 375 22.86 -7.56 -13.36
N SER A 376 23.81 -6.65 -13.10
CA SER A 376 24.93 -6.89 -12.16
C SER A 376 24.71 -6.13 -10.87
N GLN A 377 24.82 -6.85 -9.74
CA GLN A 377 24.95 -6.24 -8.40
C GLN A 377 26.19 -5.35 -8.35
N GLY A 378 26.18 -4.36 -7.48
CA GLY A 378 27.35 -3.53 -7.18
C GLY A 378 27.65 -3.54 -5.69
N ILE A 379 28.89 -3.21 -5.35
CA ILE A 379 29.32 -2.83 -3.98
C ILE A 379 29.79 -1.38 -4.05
N ASN A 380 29.21 -0.52 -3.24
CA ASN A 380 29.56 0.92 -3.31
C ASN A 380 30.98 1.08 -2.80
N PRO A 381 31.87 1.76 -3.54
CA PRO A 381 33.18 2.07 -2.97
C PRO A 381 33.01 3.25 -2.01
N GLU A 382 34.03 3.52 -1.20
CA GLU A 382 34.29 4.82 -0.54
C GLU A 382 33.00 5.38 0.10
N GLY A 383 32.16 4.58 0.72
CA GLY A 383 30.94 5.10 1.39
C GLY A 383 29.90 5.72 0.45
N LYS A 384 29.90 5.46 -0.87
CA LYS A 384 29.00 6.17 -1.84
C LYS A 384 27.56 5.65 -1.83
N GLY A 385 27.24 4.55 -1.13
CA GLY A 385 25.87 4.02 -1.09
C GLY A 385 24.94 4.90 -0.29
N PHE A 386 23.78 5.26 -0.84
CA PHE A 386 22.82 6.13 -0.11
C PHE A 386 22.39 5.41 1.18
N TYR A 387 22.11 4.10 1.12
CA TYR A 387 21.34 3.33 2.13
C TYR A 387 22.14 2.16 2.74
N GLY A 388 23.39 1.93 2.35
CA GLY A 388 24.16 0.75 2.76
C GLY A 388 25.25 0.41 1.73
N LYS A 389 26.07 -0.60 1.96
CA LYS A 389 27.26 -0.89 1.11
C LYS A 389 26.85 -1.59 -0.18
N THR A 390 25.83 -2.44 -0.14
CA THR A 390 25.49 -3.31 -1.29
C THR A 390 24.46 -2.59 -2.16
N PHE A 391 24.68 -2.63 -3.46
CA PHE A 391 23.78 -2.05 -4.48
C PHE A 391 23.07 -3.19 -5.19
N TYR A 392 21.80 -3.37 -4.83
CA TYR A 392 20.86 -4.37 -5.41
C TYR A 392 21.17 -5.75 -4.83
N PHE A 393 20.18 -6.60 -4.95
CA PHE A 393 20.17 -7.98 -4.45
C PHE A 393 19.39 -8.82 -5.46
N GLN A 394 19.70 -10.13 -5.49
CA GLN A 394 18.92 -11.11 -6.28
C GLN A 394 18.97 -10.72 -7.77
N THR A 395 20.11 -10.21 -8.21
CA THR A 395 20.38 -9.79 -9.61
C THR A 395 20.77 -10.99 -10.48
N ALA A 396 21.16 -10.78 -11.74
CA ALA A 396 21.62 -11.87 -12.66
C ALA A 396 23.02 -12.33 -12.21
N LEU A 397 23.87 -11.37 -11.90
CA LEU A 397 25.23 -11.60 -11.37
C LEU A 397 25.33 -10.92 -10.01
N ASP A 398 26.08 -11.51 -9.09
CA ASP A 398 26.54 -10.78 -7.87
C ASP A 398 27.66 -9.82 -8.29
N ALA A 399 28.10 -9.00 -7.37
CA ALA A 399 29.16 -7.99 -7.60
C ALA A 399 30.43 -8.70 -8.11
N ALA A 400 30.70 -9.92 -7.67
CA ALA A 400 31.90 -10.72 -8.02
C ALA A 400 31.81 -11.36 -9.41
N SER A 401 30.66 -11.28 -10.07
CA SER A 401 30.33 -11.87 -11.40
C SER A 401 29.88 -13.34 -11.32
N ASN A 402 29.63 -13.90 -10.12
CA ASN A 402 28.97 -15.22 -9.98
C ASN A 402 27.56 -15.14 -10.60
N LYS A 403 27.12 -16.18 -11.31
CA LYS A 403 25.71 -16.31 -11.74
C LYS A 403 24.82 -16.61 -10.53
N LEU A 404 23.73 -15.87 -10.41
CA LEU A 404 22.63 -16.12 -9.46
C LEU A 404 21.42 -16.72 -10.20
N ALA A 405 20.35 -17.07 -9.47
CA ALA A 405 19.13 -17.72 -10.02
C ALA A 405 18.56 -16.92 -11.20
N LEU A 406 18.60 -15.57 -11.14
CA LEU A 406 17.93 -14.80 -12.23
C LEU A 406 18.67 -14.98 -13.57
N TYR A 407 19.97 -15.28 -13.53
CA TYR A 407 20.77 -15.37 -14.78
C TYR A 407 20.08 -16.29 -15.78
N ASP A 408 19.68 -17.48 -15.31
CA ASP A 408 19.11 -18.53 -16.18
C ASP A 408 17.73 -18.08 -16.64
N SER A 409 16.96 -17.33 -15.83
CA SER A 409 15.64 -16.78 -16.27
C SER A 409 15.83 -15.80 -17.44
N ILE A 410 16.79 -14.89 -17.32
CA ILE A 410 17.09 -13.88 -18.37
C ILE A 410 17.61 -14.60 -19.62
N LYS A 411 18.40 -15.65 -19.45
CA LYS A 411 18.97 -16.37 -20.61
C LYS A 411 17.82 -17.03 -21.39
N LYS A 412 16.83 -17.59 -20.68
CA LYS A 412 15.67 -18.28 -21.28
C LYS A 412 14.83 -17.27 -22.05
N VAL A 413 14.49 -16.17 -21.40
CA VAL A 413 13.67 -15.12 -22.05
C VAL A 413 14.41 -14.58 -23.27
N ASN A 414 15.69 -14.24 -23.12
CA ASN A 414 16.48 -13.66 -24.23
C ASN A 414 16.58 -14.66 -25.39
N ARG A 415 16.63 -15.95 -25.09
CA ARG A 415 16.74 -16.98 -26.15
C ARG A 415 15.45 -16.98 -26.99
N PHE A 416 14.29 -16.95 -26.35
CA PHE A 416 12.99 -16.86 -27.04
C PHE A 416 12.97 -15.57 -27.88
N ILE A 417 13.35 -14.44 -27.29
CA ILE A 417 13.33 -13.13 -28.01
C ILE A 417 14.21 -13.20 -29.26
N ARG A 418 15.42 -13.71 -29.13
CA ARG A 418 16.35 -13.73 -30.30
C ARG A 418 15.78 -14.66 -31.38
N LYS A 419 15.13 -15.75 -31.02
CA LYS A 419 14.63 -16.71 -32.01
C LYS A 419 13.45 -16.04 -32.76
N GLU A 420 12.64 -15.23 -32.08
CA GLU A 420 11.29 -14.82 -32.54
C GLU A 420 11.23 -13.33 -32.95
N GLN A 421 12.26 -12.54 -32.67
CA GLN A 421 12.22 -11.05 -32.71
C GLN A 421 11.77 -10.56 -34.09
N LYS A 422 12.23 -11.20 -35.18
CA LYS A 422 11.87 -10.85 -36.59
C LYS A 422 10.35 -10.81 -36.80
N ASP A 423 9.60 -11.77 -36.26
CA ASP A 423 8.12 -11.81 -36.38
C ASP A 423 7.51 -11.04 -35.22
N LEU A 424 7.98 -11.33 -33.99
CA LEU A 424 7.31 -10.88 -32.75
C LEU A 424 7.28 -9.35 -32.73
N LEU A 425 8.37 -8.70 -33.14
CA LEU A 425 8.44 -7.22 -33.12
C LEU A 425 7.39 -6.63 -34.07
N ARG A 426 7.06 -7.37 -35.14
CA ARG A 426 6.06 -6.96 -36.17
C ARG A 426 4.62 -7.35 -35.80
N THR A 427 4.37 -8.01 -34.67
CA THR A 427 3.02 -8.45 -34.32
C THR A 427 2.28 -7.31 -33.62
N ASN A 428 0.96 -7.32 -33.80
CA ASN A 428 0.00 -6.39 -33.16
C ASN A 428 -1.08 -7.23 -32.48
N VAL A 429 -1.75 -6.66 -31.48
CA VAL A 429 -3.02 -7.18 -30.94
C VAL A 429 -4.14 -6.47 -31.73
N ASN A 430 -5.24 -7.17 -31.96
CA ASN A 430 -6.42 -6.58 -32.67
C ASN A 430 -7.24 -5.82 -31.62
N SER A 431 -7.03 -4.53 -31.44
CA SER A 431 -7.78 -3.74 -30.43
C SER A 431 -9.00 -3.13 -31.12
N GLU A 432 -10.20 -3.49 -30.67
CA GLU A 432 -11.44 -2.89 -31.20
C GLU A 432 -11.97 -1.81 -30.24
N ILE A 433 -11.33 -1.70 -29.07
CA ILE A 433 -11.68 -0.74 -27.99
C ILE A 433 -10.54 0.29 -27.93
N CYS A 434 -10.90 1.56 -27.96
CA CYS A 434 -9.98 2.69 -27.71
C CYS A 434 -10.40 3.35 -26.41
N VAL A 435 -9.47 3.61 -25.51
CA VAL A 435 -9.72 4.35 -24.25
C VAL A 435 -9.04 5.72 -24.32
N GLY A 436 -9.81 6.78 -24.05
CA GLY A 436 -9.35 8.17 -24.15
C GLY A 436 -8.43 8.52 -22.99
N PHE A 437 -7.28 9.11 -23.27
CA PHE A 437 -6.38 9.70 -22.26
C PHE A 437 -6.51 11.23 -22.30
N TYR A 438 -7.19 11.78 -21.30
CA TYR A 438 -7.46 13.22 -21.15
C TYR A 438 -6.46 13.80 -20.15
N LYS A 439 -5.41 14.42 -20.68
CA LYS A 439 -4.19 14.72 -19.87
C LYS A 439 -4.53 15.65 -18.72
N PRO A 440 -5.37 16.70 -18.92
CA PRO A 440 -5.67 17.61 -17.82
C PRO A 440 -6.15 16.97 -16.52
N TYR A 441 -6.81 15.81 -16.56
CA TYR A 441 -7.20 15.10 -15.31
C TYR A 441 -5.97 14.66 -14.50
N PHE A 442 -4.84 14.44 -15.17
CA PHE A 442 -3.54 14.00 -14.59
C PHE A 442 -2.70 15.17 -14.09
N PHE A 443 -3.08 16.41 -14.43
CA PHE A 443 -2.30 17.60 -14.02
C PHE A 443 -2.63 17.98 -12.58
N THR A 444 -2.26 17.17 -11.59
CA THR A 444 -2.56 17.49 -10.17
C THR A 444 -1.34 17.29 -9.27
N GLU A 445 -0.14 17.07 -9.81
CA GLU A 445 1.03 16.73 -8.96
C GLU A 445 1.32 17.83 -7.94
N LEU A 446 0.84 19.08 -8.13
CA LEU A 446 1.06 20.21 -7.19
C LEU A 446 -0.04 20.22 -6.12
N ILE A 447 -1.15 19.51 -6.31
CA ILE A 447 -2.37 19.70 -5.45
C ILE A 447 -2.93 18.37 -4.94
N SER A 448 -2.76 17.28 -5.67
CA SER A 448 -3.40 15.98 -5.29
C SER A 448 -2.63 14.80 -5.88
N SER A 449 -2.01 14.00 -5.04
CA SER A 449 -1.25 12.80 -5.44
C SER A 449 -1.10 11.88 -4.24
N GLN A 450 -0.73 10.63 -4.48
CA GLN A 450 -0.42 9.64 -3.42
C GLN A 450 0.77 10.11 -2.60
N LEU A 451 1.71 10.87 -3.18
CA LEU A 451 2.95 11.28 -2.48
C LEU A 451 2.84 12.69 -1.87
N LEU A 452 1.96 13.58 -2.34
CA LEU A 452 1.98 15.00 -1.88
C LEU A 452 1.59 15.08 -0.39
N LYS A 453 2.34 15.83 0.42
CA LYS A 453 2.17 15.83 1.90
C LYS A 453 0.81 16.40 2.27
N GLU A 454 0.43 17.49 1.61
CA GLU A 454 -0.81 18.27 1.88
C GLU A 454 -1.82 17.98 0.77
N LYS A 455 -3.06 17.61 1.07
CA LYS A 455 -4.13 17.57 0.06
C LYS A 455 -4.62 19.00 -0.18
N LYS A 456 -4.35 19.58 -1.34
CA LYS A 456 -4.76 20.96 -1.65
C LYS A 456 -6.09 20.99 -2.41
N LEU A 457 -6.49 19.87 -3.05
CA LEU A 457 -7.71 19.81 -3.90
C LEU A 457 -8.81 19.01 -3.18
N ASN A 458 -9.89 19.70 -2.78
CA ASN A 458 -11.16 19.14 -2.29
C ASN A 458 -12.24 19.65 -3.24
N VAL A 459 -12.69 18.82 -4.17
CA VAL A 459 -13.55 19.33 -5.28
C VAL A 459 -14.90 19.79 -4.73
N GLU A 460 -15.34 19.21 -3.63
CA GLU A 460 -16.62 19.56 -2.96
C GLU A 460 -16.64 21.06 -2.66
N GLU A 461 -15.50 21.65 -2.32
CA GLU A 461 -15.41 23.11 -1.99
C GLU A 461 -15.61 23.97 -3.24
N LEU A 462 -15.57 23.38 -4.44
CA LEU A 462 -15.73 24.08 -5.74
C LEU A 462 -17.12 23.80 -6.29
N GLY A 463 -17.94 23.07 -5.52
CA GLY A 463 -19.29 22.63 -5.92
C GLY A 463 -19.24 21.52 -6.95
N LEU A 464 -18.15 20.74 -6.99
CA LEU A 464 -17.98 19.55 -7.86
C LEU A 464 -18.10 18.30 -6.98
N TYR A 465 -18.25 17.12 -7.57
CA TYR A 465 -18.26 15.86 -6.77
C TYR A 465 -17.33 14.80 -7.38
N ILE A 466 -16.85 15.01 -8.61
CA ILE A 466 -15.96 14.02 -9.30
C ILE A 466 -14.52 14.52 -9.27
N ASP A 467 -13.74 13.94 -8.37
CA ASP A 467 -12.32 14.26 -8.16
C ASP A 467 -11.54 13.65 -9.34
N PRO A 468 -10.74 14.45 -10.05
CA PRO A 468 -10.04 13.94 -11.23
C PRO A 468 -9.00 12.84 -10.89
N ARG A 469 -8.42 12.91 -9.71
CA ARG A 469 -7.42 11.89 -9.29
C ARG A 469 -8.19 10.60 -8.96
N PHE A 470 -9.25 10.66 -8.16
CA PHE A 470 -10.12 9.48 -7.92
C PHE A 470 -10.58 8.88 -9.27
N LEU A 471 -11.06 9.69 -10.21
CA LEU A 471 -11.51 9.24 -11.56
C LEU A 471 -10.37 8.45 -12.22
N ARG A 472 -9.18 9.06 -12.34
CA ARG A 472 -8.10 8.50 -13.21
C ARG A 472 -7.44 7.30 -12.52
N GLU A 473 -7.45 7.23 -11.18
CA GLU A 473 -6.84 6.08 -10.45
C GLU A 473 -7.85 4.92 -10.34
N GLU A 474 -9.06 5.19 -9.84
CA GLU A 474 -10.01 4.11 -9.41
C GLU A 474 -11.00 3.78 -10.54
N ILE A 475 -11.48 4.78 -11.30
CA ILE A 475 -12.45 4.53 -12.39
C ILE A 475 -11.69 4.08 -13.65
N LEU A 476 -10.57 4.73 -13.98
CA LEU A 476 -9.74 4.38 -15.18
C LEU A 476 -8.67 3.31 -14.88
N PHE A 477 -7.62 3.59 -14.09
CA PHE A 477 -6.39 2.75 -14.05
C PHE A 477 -6.70 1.39 -13.38
N ASN A 478 -7.24 1.46 -12.16
CA ASN A 478 -7.61 0.28 -11.34
C ASN A 478 -9.00 -0.24 -11.72
N GLY A 479 -9.75 0.49 -12.57
CA GLY A 479 -11.13 0.17 -12.93
C GLY A 479 -11.26 -0.41 -14.33
N LEU A 480 -11.49 0.45 -15.30
CA LEU A 480 -11.75 0.08 -16.70
C LEU A 480 -10.56 -0.67 -17.27
N LEU A 481 -9.35 -0.12 -17.15
CA LEU A 481 -8.16 -0.77 -17.78
C LEU A 481 -7.95 -2.14 -17.10
N ARG A 482 -8.03 -2.18 -15.78
CA ARG A 482 -7.87 -3.45 -15.01
C ARG A 482 -8.96 -4.44 -15.47
N GLY A 483 -10.18 -3.96 -15.65
CA GLY A 483 -11.35 -4.77 -16.05
C GLY A 483 -11.13 -5.38 -17.42
N LEU A 484 -10.78 -4.56 -18.40
CA LEU A 484 -10.62 -5.01 -19.79
C LEU A 484 -9.50 -6.04 -19.83
N GLN A 485 -8.37 -5.80 -19.18
CA GLN A 485 -7.23 -6.77 -19.17
C GLN A 485 -7.71 -8.08 -18.53
N THR A 486 -8.46 -8.03 -17.44
CA THR A 486 -8.91 -9.22 -16.66
C THR A 486 -9.89 -10.01 -17.56
N LEU A 487 -10.70 -9.28 -18.33
CA LEU A 487 -11.72 -9.89 -19.23
C LEU A 487 -11.07 -10.31 -20.57
N ASN A 488 -9.79 -10.02 -20.78
CA ASN A 488 -9.06 -10.40 -22.01
C ASN A 488 -9.68 -9.72 -23.23
N TYR A 489 -10.06 -8.45 -23.09
CA TYR A 489 -10.40 -7.58 -24.24
C TYR A 489 -9.21 -6.66 -24.50
N ASN A 490 -8.66 -6.72 -25.71
CA ASN A 490 -7.58 -5.80 -26.16
C ASN A 490 -8.09 -4.36 -26.15
N TYR A 491 -7.29 -3.42 -25.66
CA TYR A 491 -7.60 -1.98 -25.83
C TYR A 491 -6.33 -1.27 -26.22
N ASP A 492 -6.51 -0.15 -26.89
CA ASP A 492 -5.50 0.91 -27.12
C ASP A 492 -5.90 2.16 -26.33
N VAL A 493 -4.92 3.00 -26.04
CA VAL A 493 -5.12 4.31 -25.40
C VAL A 493 -4.71 5.37 -26.43
N VAL A 494 -5.50 6.43 -26.56
CA VAL A 494 -5.19 7.54 -27.51
C VAL A 494 -5.22 8.83 -26.70
N ASP A 495 -4.18 9.65 -26.86
CA ASP A 495 -4.14 11.02 -26.30
C ASP A 495 -5.17 11.86 -27.05
N LEU A 496 -6.15 12.40 -26.34
CA LEU A 496 -7.22 13.23 -26.95
C LEU A 496 -6.71 14.60 -27.40
N GLU A 497 -5.51 15.02 -27.00
CA GLU A 497 -4.99 16.38 -27.34
C GLU A 497 -4.59 16.39 -28.82
N ASN A 498 -5.16 17.32 -29.63
CA ASN A 498 -4.85 17.51 -31.08
C ASN A 498 -5.06 16.18 -31.79
N CYS A 499 -6.04 15.42 -31.32
CA CYS A 499 -6.27 14.04 -31.78
C CYS A 499 -6.97 14.07 -33.14
N ASP A 500 -6.51 13.23 -34.06
CA ASP A 500 -7.08 13.07 -35.42
C ASP A 500 -8.39 12.25 -35.32
N LEU A 501 -9.53 12.78 -35.78
CA LEU A 501 -10.77 11.98 -35.89
C LEU A 501 -10.47 10.64 -36.57
N LYS A 502 -9.74 10.70 -37.70
CA LYS A 502 -9.24 9.54 -38.50
C LYS A 502 -8.63 8.48 -37.58
N SER A 503 -7.82 8.87 -36.60
CA SER A 503 -7.15 7.89 -35.70
C SER A 503 -8.08 7.39 -34.59
N LEU A 504 -9.38 7.74 -34.58
CA LEU A 504 -10.36 7.16 -33.63
C LEU A 504 -11.36 6.24 -34.35
N THR A 505 -11.53 6.38 -35.67
CA THR A 505 -12.70 5.84 -36.42
C THR A 505 -12.43 4.37 -36.81
N ALA A 506 -11.20 3.86 -36.61
CA ALA A 506 -10.86 2.42 -36.77
C ALA A 506 -11.41 1.52 -35.65
N TYR A 507 -11.81 2.07 -34.50
CA TYR A 507 -12.28 1.29 -33.32
C TYR A 507 -13.78 1.03 -33.40
N LYS A 508 -14.26 -0.09 -32.90
CA LYS A 508 -15.71 -0.35 -32.75
C LYS A 508 -16.26 0.55 -31.62
N GLN A 509 -15.50 0.76 -30.55
CA GLN A 509 -15.92 1.62 -29.41
C GLN A 509 -14.77 2.52 -28.95
N LEU A 510 -15.15 3.74 -28.57
CA LEU A 510 -14.33 4.72 -27.83
C LEU A 510 -14.92 4.90 -26.41
N TRP A 511 -14.09 4.68 -25.40
CA TRP A 511 -14.50 4.83 -23.99
C TRP A 511 -13.86 6.09 -23.41
N ILE A 512 -14.68 6.93 -22.77
CA ILE A 512 -14.22 8.20 -22.15
C ILE A 512 -14.69 8.17 -20.71
N THR A 513 -13.74 8.15 -19.77
CA THR A 513 -14.01 8.34 -18.32
C THR A 513 -13.95 9.84 -18.10
N SER A 514 -15.12 10.47 -17.87
CA SER A 514 -15.23 11.95 -17.85
C SER A 514 -15.52 12.47 -16.44
N ALA A 515 -14.89 13.59 -16.08
CA ALA A 515 -15.27 14.37 -14.90
C ALA A 515 -16.34 15.39 -15.31
N GLU A 516 -16.63 16.35 -14.45
CA GLU A 516 -17.63 17.39 -14.79
C GLU A 516 -17.00 18.46 -15.70
N PHE A 517 -15.69 18.40 -15.98
CA PHE A 517 -14.97 19.41 -16.78
C PHE A 517 -14.22 18.70 -17.89
N MET A 518 -14.06 19.40 -19.00
CA MET A 518 -13.45 18.90 -20.25
C MET A 518 -13.38 20.10 -21.21
N ASP A 519 -12.25 20.31 -21.89
CA ASP A 519 -12.02 21.54 -22.70
C ASP A 519 -12.92 21.46 -23.94
N ALA A 520 -13.17 22.62 -24.53
CA ALA A 520 -14.04 22.80 -25.71
C ALA A 520 -13.54 21.93 -26.86
N GLU A 521 -12.23 21.87 -27.08
CA GLU A 521 -11.60 21.10 -28.19
C GLU A 521 -11.96 19.62 -28.06
N THR A 522 -11.88 19.09 -26.84
CA THR A 522 -12.17 17.65 -26.63
C THR A 522 -13.68 17.42 -26.71
N GLN A 523 -14.51 18.27 -26.10
CA GLN A 523 -15.98 18.18 -26.23
C GLN A 523 -16.36 18.19 -27.73
N ASN A 524 -15.75 19.06 -28.55
CA ASN A 524 -16.04 19.14 -30.01
C ASN A 524 -15.56 17.84 -30.71
N LEU A 525 -14.38 17.34 -30.39
CA LEU A 525 -13.84 16.10 -31.01
C LEU A 525 -14.77 14.92 -30.73
N LEU A 526 -15.23 14.76 -29.51
CA LEU A 526 -16.10 13.59 -29.17
C LEU A 526 -17.46 13.74 -29.88
N SER A 527 -17.96 14.96 -30.05
CA SER A 527 -19.23 15.29 -30.75
C SER A 527 -19.13 14.85 -32.22
N GLU A 528 -18.09 15.30 -32.92
CA GLU A 528 -17.81 14.92 -34.32
C GLU A 528 -17.64 13.41 -34.39
N PHE A 529 -16.94 12.81 -33.44
CA PHE A 529 -16.70 11.34 -33.44
C PHE A 529 -18.04 10.62 -33.61
N VAL A 530 -19.02 10.97 -32.79
CA VAL A 530 -20.33 10.25 -32.76
C VAL A 530 -21.13 10.65 -34.01
N LEU A 531 -21.24 11.95 -34.31
CA LEU A 531 -22.06 12.42 -35.46
C LEU A 531 -21.58 11.69 -36.73
N ASN A 532 -20.28 11.45 -36.85
CA ASN A 532 -19.67 10.90 -38.09
C ASN A 532 -19.74 9.36 -38.14
N GLY A 533 -20.26 8.67 -37.11
CA GLY A 533 -20.40 7.20 -37.14
C GLY A 533 -19.74 6.49 -35.95
N GLY A 534 -19.12 7.23 -35.04
CA GLY A 534 -18.45 6.64 -33.86
C GLY A 534 -19.43 6.10 -32.81
N ASN A 535 -18.99 5.05 -32.11
CA ASN A 535 -19.73 4.48 -30.95
C ASN A 535 -19.01 4.88 -29.66
N LEU A 536 -19.68 5.69 -28.84
CA LEU A 536 -19.04 6.33 -27.67
C LEU A 536 -19.66 5.79 -26.41
N ILE A 537 -18.84 5.34 -25.47
CA ILE A 537 -19.26 5.00 -24.08
C ILE A 537 -18.66 6.06 -23.16
N LEU A 538 -19.51 6.76 -22.40
CA LEU A 538 -19.09 7.93 -21.60
C LEU A 538 -19.74 7.86 -20.22
N TYR A 539 -18.92 7.94 -19.18
CA TYR A 539 -19.28 7.90 -17.74
C TYR A 539 -18.09 8.41 -16.94
N PRO A 540 -18.27 8.82 -15.66
CA PRO A 540 -19.59 8.88 -15.00
C PRO A 540 -20.41 10.18 -15.20
N ALA A 541 -19.90 11.11 -16.00
CA ALA A 541 -20.54 12.44 -16.11
C ALA A 541 -20.41 12.94 -17.55
N VAL A 542 -21.53 13.44 -18.09
CA VAL A 542 -21.52 14.47 -19.16
C VAL A 542 -20.84 15.69 -18.56
N PRO A 543 -19.70 16.15 -19.10
CA PRO A 543 -19.08 17.37 -18.56
C PRO A 543 -19.90 18.61 -18.93
N THR A 544 -19.84 19.66 -18.11
CA THR A 544 -20.57 20.95 -18.35
C THR A 544 -19.65 22.15 -18.13
N LEU A 545 -18.39 21.90 -17.75
CA LEU A 545 -17.38 22.96 -17.51
C LEU A 545 -16.14 22.70 -18.37
N ASP A 546 -15.32 23.75 -18.52
CA ASP A 546 -14.02 23.67 -19.21
C ASP A 546 -12.93 23.48 -18.17
N ASN A 547 -11.65 23.52 -18.57
CA ASN A 547 -10.53 23.18 -17.68
C ASN A 547 -10.38 24.23 -16.57
N TYR A 548 -10.98 25.42 -16.73
CA TYR A 548 -10.96 26.52 -15.74
C TYR A 548 -12.28 26.58 -14.97
N LEU A 549 -13.13 25.55 -15.14
CA LEU A 549 -14.40 25.36 -14.40
C LEU A 549 -15.39 26.48 -14.76
N ASN A 550 -15.29 26.98 -15.98
CA ASN A 550 -16.25 27.94 -16.59
C ASN A 550 -17.20 27.10 -17.46
N ARG A 551 -18.40 27.64 -17.68
CA ARG A 551 -19.46 26.95 -18.45
C ARG A 551 -18.91 26.47 -19.80
N CYS A 552 -19.13 25.22 -20.14
CA CYS A 552 -18.89 24.66 -21.50
C CYS A 552 -19.79 23.44 -21.72
N GLU A 553 -20.88 23.61 -22.47
CA GLU A 553 -21.95 22.58 -22.57
C GLU A 553 -21.99 22.06 -24.02
N ILE A 554 -20.87 22.15 -24.72
CA ILE A 554 -20.79 21.77 -26.16
C ILE A 554 -21.27 20.32 -26.34
N LEU A 555 -20.70 19.38 -25.60
CA LEU A 555 -21.01 17.94 -25.79
C LEU A 555 -22.45 17.67 -25.34
N LYS A 556 -22.85 18.18 -24.19
CA LYS A 556 -24.24 18.01 -23.70
C LYS A 556 -25.26 18.48 -24.76
N ASN A 557 -25.03 19.66 -25.34
CA ASN A 557 -25.95 20.25 -26.37
C ASN A 557 -25.85 19.48 -27.67
N ASN A 558 -24.65 19.07 -28.14
CA ASN A 558 -24.52 18.34 -29.41
C ASN A 558 -25.19 16.97 -29.32
N PHE A 559 -25.24 16.35 -28.13
CA PHE A 559 -25.85 15.02 -27.89
C PHE A 559 -27.32 15.12 -27.44
N GLY A 560 -27.85 16.33 -27.34
CA GLY A 560 -29.26 16.55 -26.96
C GLY A 560 -29.59 15.88 -25.64
N ILE A 561 -28.71 16.05 -24.66
CA ILE A 561 -28.84 15.46 -23.30
C ILE A 561 -29.38 16.52 -22.37
N GLU A 562 -30.38 16.17 -21.57
CA GLU A 562 -30.85 16.97 -20.43
C GLU A 562 -30.70 16.12 -19.17
N PHE A 563 -30.16 16.67 -18.11
CA PHE A 563 -29.99 15.88 -16.86
C PHE A 563 -30.10 16.81 -15.67
N ILE A 564 -30.45 16.23 -14.54
CA ILE A 564 -30.38 16.85 -13.20
C ILE A 564 -29.49 15.94 -12.38
N THR A 565 -28.71 16.50 -11.48
CA THR A 565 -27.84 15.74 -10.54
C THR A 565 -28.64 15.53 -9.26
N LYS A 566 -28.88 14.27 -8.88
CA LYS A 566 -29.72 13.92 -7.70
C LYS A 566 -28.97 12.93 -6.81
N ASP A 567 -29.20 13.00 -5.50
CA ASP A 567 -28.64 12.05 -4.49
C ASP A 567 -29.50 10.79 -4.43
N SER A 568 -28.87 9.62 -4.36
CA SER A 568 -29.54 8.29 -4.23
C SER A 568 -28.54 7.28 -3.65
N SER A 569 -29.05 6.12 -3.27
CA SER A 569 -28.27 4.93 -2.88
C SER A 569 -27.10 4.74 -3.84
N HIS A 570 -25.95 4.26 -3.34
CA HIS A 570 -24.75 3.96 -4.18
C HIS A 570 -25.10 2.91 -5.24
N LYS A 571 -26.09 2.07 -4.97
CA LYS A 571 -26.44 0.95 -5.87
C LYS A 571 -27.44 1.37 -6.95
N VAL A 572 -27.13 0.94 -8.17
CA VAL A 572 -27.98 1.10 -9.36
C VAL A 572 -28.13 -0.27 -10.00
N SER A 573 -29.07 -0.36 -10.91
CA SER A 573 -29.11 -1.49 -11.84
C SER A 573 -28.76 -0.95 -13.22
N ALA A 574 -28.05 -1.75 -13.99
CA ALA A 574 -27.58 -1.37 -15.33
C ALA A 574 -27.62 -2.62 -16.21
N PHE A 575 -28.27 -2.51 -17.37
CA PHE A 575 -28.46 -3.61 -18.36
C PHE A 575 -28.99 -4.87 -17.67
N GLY A 576 -29.84 -4.75 -16.65
CA GLY A 576 -30.44 -5.91 -15.98
C GLY A 576 -29.56 -6.48 -14.87
N ILE A 577 -28.36 -5.93 -14.67
CA ILE A 577 -27.46 -6.27 -13.51
C ILE A 577 -27.92 -5.45 -12.31
N GLU A 578 -28.39 -6.12 -11.26
CA GLU A 578 -28.91 -5.48 -10.03
C GLU A 578 -27.74 -5.16 -9.08
N ASP A 579 -27.90 -4.17 -8.21
CA ASP A 579 -26.97 -3.94 -7.07
C ASP A 579 -25.53 -3.72 -7.58
N VAL A 580 -25.38 -2.97 -8.68
CA VAL A 580 -24.07 -2.41 -9.11
C VAL A 580 -23.73 -1.30 -8.12
N PHE A 581 -22.71 -1.50 -7.29
CA PHE A 581 -22.24 -0.49 -6.32
C PHE A 581 -21.50 0.61 -7.09
N THR A 582 -21.93 1.85 -6.94
CA THR A 582 -21.32 3.02 -7.60
C THR A 582 -20.67 3.91 -6.56
N ALA A 583 -19.71 4.73 -6.97
CA ALA A 583 -18.82 5.43 -6.02
C ALA A 583 -19.52 6.62 -5.35
N PHE A 584 -20.47 7.28 -6.01
CA PHE A 584 -21.09 8.56 -5.54
C PHE A 584 -22.59 8.41 -5.31
N SER A 585 -23.08 9.03 -4.25
CA SER A 585 -24.52 9.24 -3.98
C SER A 585 -25.14 10.06 -5.13
N LYS A 586 -24.52 11.19 -5.48
CA LYS A 586 -24.97 12.02 -6.61
C LYS A 586 -24.77 11.26 -7.93
N LYS A 587 -25.74 11.40 -8.84
CA LYS A 587 -25.77 10.76 -10.19
C LYS A 587 -26.45 11.72 -11.15
N GLN A 588 -26.15 11.58 -12.43
CA GLN A 588 -26.83 12.30 -13.52
C GLN A 588 -28.11 11.52 -13.86
N ILE A 589 -29.27 12.17 -13.71
CA ILE A 589 -30.61 11.65 -14.09
C ILE A 589 -31.00 12.24 -15.45
N TYR A 590 -31.14 11.40 -16.46
CA TYR A 590 -31.37 11.80 -17.88
C TYR A 590 -32.86 11.72 -18.23
N ASN A 591 -33.35 12.65 -19.07
CA ASN A 591 -34.68 12.56 -19.74
C ASN A 591 -34.58 11.38 -20.73
N ASP A 592 -35.61 10.54 -20.87
CA ASP A 592 -35.62 9.39 -21.83
C ASP A 592 -35.87 9.83 -23.28
N THR A 593 -35.82 11.12 -23.61
CA THR A 593 -36.15 11.66 -24.94
C THR A 593 -35.26 11.03 -26.03
N ASN A 594 -35.86 10.34 -27.00
CA ASN A 594 -35.15 9.83 -28.20
C ASN A 594 -34.02 8.92 -27.74
N SER A 595 -34.26 8.10 -26.73
CA SER A 595 -33.21 7.26 -26.10
C SER A 595 -33.85 6.00 -25.52
N LYS A 596 -33.03 5.01 -25.22
CA LYS A 596 -33.43 3.81 -24.47
C LYS A 596 -32.82 3.90 -23.07
N PRO A 597 -33.61 3.92 -21.99
CA PRO A 597 -33.05 3.95 -20.65
C PRO A 597 -32.52 2.55 -20.32
N ILE A 598 -31.30 2.48 -19.80
CA ILE A 598 -30.64 1.16 -19.57
C ILE A 598 -30.04 1.09 -18.18
N ALA A 599 -30.24 2.11 -17.34
CA ALA A 599 -29.74 2.10 -15.95
C ALA A 599 -30.68 2.90 -15.05
N PHE A 600 -30.93 2.43 -13.85
CA PHE A 600 -31.96 2.95 -12.93
C PHE A 600 -31.40 3.03 -11.52
N THR A 601 -31.77 4.09 -10.82
CA THR A 601 -31.46 4.29 -9.38
C THR A 601 -32.42 3.41 -8.55
N GLN A 602 -32.22 3.39 -7.24
CA GLN A 602 -33.09 2.60 -6.35
C GLN A 602 -34.51 3.17 -6.39
N GLU A 603 -34.71 4.41 -6.85
CA GLU A 603 -36.05 5.04 -7.00
C GLU A 603 -36.52 4.91 -8.45
N ASN A 604 -35.81 4.12 -9.27
CA ASN A 604 -36.13 3.84 -10.69
C ASN A 604 -36.01 5.09 -11.56
N GLU A 605 -35.23 6.07 -11.12
CA GLU A 605 -34.87 7.26 -11.95
C GLU A 605 -33.79 6.85 -12.96
N ILE A 606 -33.79 7.46 -14.13
CA ILE A 606 -32.95 7.00 -15.27
C ILE A 606 -31.54 7.60 -15.06
N CYS A 607 -30.53 6.74 -14.82
CA CYS A 607 -29.13 7.18 -14.68
C CYS A 607 -28.24 6.58 -15.79
N GLY A 608 -28.81 6.12 -16.90
CA GLY A 608 -28.05 5.70 -18.10
C GLY A 608 -28.97 5.51 -19.28
N ILE A 609 -28.53 5.93 -20.45
CA ILE A 609 -29.36 5.87 -21.68
C ILE A 609 -28.46 5.48 -22.83
N ARG A 610 -29.06 4.95 -23.88
CA ARG A 610 -28.41 4.71 -25.20
C ARG A 610 -29.19 5.50 -26.24
N LYS A 611 -28.50 6.08 -27.22
CA LYS A 611 -29.12 6.90 -28.30
C LYS A 611 -28.33 6.71 -29.58
N LYS A 612 -29.01 6.94 -30.70
CA LYS A 612 -28.42 7.09 -32.04
C LYS A 612 -28.41 8.59 -32.34
N ILE A 613 -27.26 9.10 -32.74
CA ILE A 613 -26.98 10.53 -33.03
C ILE A 613 -26.19 10.60 -34.32
N GLY A 614 -26.76 11.24 -35.35
CA GLY A 614 -26.23 11.18 -36.72
C GLY A 614 -26.01 9.74 -37.13
N LYS A 615 -24.79 9.38 -37.51
CA LYS A 615 -24.47 8.00 -37.93
C LYS A 615 -23.95 7.17 -36.75
N GLY A 616 -23.82 7.77 -35.56
CA GLY A 616 -23.13 7.18 -34.40
C GLY A 616 -24.08 6.69 -33.33
N GLU A 617 -23.50 6.10 -32.27
CA GLU A 617 -24.17 5.57 -31.07
C GLU A 617 -23.54 6.20 -29.84
N LEU A 618 -24.38 6.55 -28.87
CA LEU A 618 -23.91 7.06 -27.56
C LEU A 618 -24.48 6.20 -26.44
N THR A 619 -23.65 5.77 -25.50
CA THR A 619 -24.08 5.19 -24.20
C THR A 619 -23.57 6.08 -23.07
N ILE A 620 -24.43 6.69 -22.27
CA ILE A 620 -24.02 7.53 -21.11
C ILE A 620 -24.46 6.80 -19.87
N LEU A 621 -23.55 6.69 -18.90
CA LEU A 621 -23.86 6.21 -17.52
C LEU A 621 -23.56 7.34 -16.55
N GLY A 622 -24.59 7.81 -15.85
CA GLY A 622 -24.48 8.92 -14.90
C GLY A 622 -24.04 8.47 -13.52
N PHE A 623 -23.17 7.47 -13.43
CA PHE A 623 -22.69 6.90 -12.15
C PHE A 623 -21.27 6.40 -12.39
N ALA A 624 -20.49 6.28 -11.31
CA ALA A 624 -19.06 5.89 -11.37
C ALA A 624 -18.88 4.48 -10.85
N PHE A 625 -18.17 3.66 -11.62
CA PHE A 625 -17.77 2.32 -11.14
C PHE A 625 -16.36 2.08 -11.67
N GLY A 626 -15.53 1.41 -10.88
CA GLY A 626 -14.26 0.84 -11.35
C GLY A 626 -14.35 -0.67 -11.41
N TYR A 627 -13.52 -1.36 -10.62
CA TYR A 627 -13.57 -2.83 -10.50
C TYR A 627 -13.32 -3.16 -9.04
N THR A 628 -14.38 -3.13 -8.24
CA THR A 628 -14.34 -3.46 -6.78
C THR A 628 -15.42 -4.50 -6.43
N SER A 629 -16.03 -5.12 -7.43
CA SER A 629 -17.05 -6.19 -7.28
C SER A 629 -17.17 -6.98 -8.58
N ASP A 630 -17.81 -8.15 -8.52
CA ASP A 630 -18.08 -8.99 -9.70
C ASP A 630 -19.05 -8.26 -10.64
N GLU A 631 -19.99 -7.45 -10.11
CA GLU A 631 -21.00 -6.75 -10.93
C GLU A 631 -20.26 -5.85 -11.92
N HIS A 632 -19.16 -5.27 -11.49
CA HIS A 632 -18.42 -4.31 -12.35
C HIS A 632 -17.86 -5.04 -13.58
N LEU A 633 -17.31 -6.26 -13.42
CA LEU A 633 -16.81 -7.00 -14.60
C LEU A 633 -18.00 -7.37 -15.49
N GLU A 634 -19.15 -7.70 -14.89
CA GLU A 634 -20.37 -8.05 -15.66
C GLU A 634 -20.77 -6.84 -16.52
N LEU A 635 -20.73 -5.65 -15.92
CA LEU A 635 -21.14 -4.38 -16.59
C LEU A 635 -20.16 -4.04 -17.73
N ILE A 636 -18.87 -4.15 -17.48
CA ILE A 636 -17.85 -3.88 -18.55
C ILE A 636 -18.10 -4.87 -19.69
N ASP A 637 -18.39 -6.14 -19.36
CA ASP A 637 -18.54 -7.17 -20.41
C ASP A 637 -19.78 -6.82 -21.26
N LYS A 638 -20.87 -6.45 -20.61
CA LYS A 638 -22.14 -6.06 -21.24
C LYS A 638 -21.90 -4.91 -22.21
N LEU A 639 -21.20 -3.88 -21.75
CA LEU A 639 -20.92 -2.65 -22.54
C LEU A 639 -20.11 -3.03 -23.80
N VAL A 640 -19.07 -3.81 -23.61
CA VAL A 640 -18.22 -4.27 -24.75
C VAL A 640 -19.13 -5.01 -25.74
N LYS A 641 -20.01 -5.91 -25.27
CA LYS A 641 -20.86 -6.76 -26.15
C LYS A 641 -21.92 -5.92 -26.87
N LEU A 642 -22.14 -4.66 -26.49
CA LEU A 642 -23.10 -3.79 -27.22
C LEU A 642 -22.70 -3.68 -28.70
N ASN A 643 -21.41 -3.76 -29.03
CA ASN A 643 -20.94 -3.66 -30.44
C ASN A 643 -20.33 -4.99 -30.89
N LYS A 644 -20.72 -6.05 -30.23
CA LYS A 644 -20.48 -7.45 -30.70
C LYS A 644 -18.97 -7.71 -30.71
N ILE A 645 -18.22 -7.04 -29.85
CA ILE A 645 -16.76 -7.29 -29.71
C ILE A 645 -16.57 -8.65 -29.05
N LYS A 646 -15.71 -9.48 -29.63
CA LYS A 646 -15.50 -10.87 -29.14
C LYS A 646 -14.04 -11.03 -28.71
N ARG A 647 -13.81 -11.80 -27.65
CA ARG A 647 -12.42 -12.20 -27.27
C ARG A 647 -11.84 -13.04 -28.42
N GLU A 648 -10.53 -13.12 -28.55
CA GLU A 648 -9.84 -13.90 -29.62
C GLU A 648 -9.93 -15.40 -29.33
N LEU A 649 -9.98 -15.77 -28.05
CA LEU A 649 -10.01 -17.18 -27.61
C LEU A 649 -11.21 -17.40 -26.71
N PHE A 650 -11.81 -18.60 -26.75
CA PHE A 650 -12.63 -19.19 -25.67
C PHE A 650 -11.67 -19.94 -24.73
N VAL A 651 -11.58 -19.53 -23.47
CA VAL A 651 -10.72 -20.18 -22.45
C VAL A 651 -11.65 -20.64 -21.33
N SER A 652 -11.50 -21.85 -20.83
CA SER A 652 -12.45 -22.47 -19.88
C SER A 652 -12.23 -21.93 -18.46
N ASP A 653 -11.11 -21.25 -18.21
CA ASP A 653 -10.84 -20.65 -16.88
C ASP A 653 -10.80 -19.13 -17.06
N LYS A 654 -11.78 -18.42 -16.50
CA LYS A 654 -11.93 -16.95 -16.69
C LYS A 654 -10.76 -16.22 -16.02
N ASP A 655 -10.03 -16.87 -15.13
CA ASP A 655 -8.93 -16.23 -14.36
C ASP A 655 -7.61 -16.38 -15.12
N ILE A 656 -7.61 -17.08 -16.26
CA ILE A 656 -6.41 -17.11 -17.14
C ILE A 656 -6.39 -15.85 -18.01
N GLN A 657 -5.29 -15.13 -18.00
CA GLN A 657 -5.10 -13.99 -18.93
C GLN A 657 -4.40 -14.50 -20.18
N PHE A 658 -4.79 -13.97 -21.31
CA PHE A 658 -4.08 -14.27 -22.57
C PHE A 658 -3.97 -13.00 -23.39
N VAL A 659 -3.02 -13.03 -24.30
CA VAL A 659 -2.86 -12.00 -25.35
C VAL A 659 -2.53 -12.76 -26.63
N VAL A 660 -3.27 -12.50 -27.69
CA VAL A 660 -2.90 -12.99 -29.05
C VAL A 660 -2.18 -11.86 -29.80
N ARG A 661 -0.96 -12.11 -30.26
CA ARG A 661 -0.23 -11.15 -31.12
C ARG A 661 -0.04 -11.80 -32.49
N GLU A 662 -0.31 -11.08 -33.57
CA GLU A 662 -0.09 -11.67 -34.91
C GLU A 662 0.32 -10.63 -35.93
N ASN A 663 0.98 -11.13 -36.98
CA ASN A 663 1.17 -10.43 -38.27
C ASN A 663 0.70 -11.38 -39.38
N ASN A 664 1.16 -11.16 -40.61
CA ASN A 664 0.86 -12.04 -41.78
C ASN A 664 1.42 -13.45 -41.50
N LYS A 665 2.66 -13.56 -41.04
CA LYS A 665 3.38 -14.86 -40.98
C LYS A 665 2.95 -15.67 -39.75
N SER A 666 2.76 -15.01 -38.58
CA SER A 666 2.90 -15.68 -37.27
C SER A 666 1.80 -15.25 -36.29
N ARG A 667 1.40 -16.15 -35.40
CA ARG A 667 0.49 -15.88 -34.26
C ARG A 667 1.20 -16.36 -33.00
N TYR A 668 1.32 -15.52 -31.99
CA TYR A 668 1.83 -15.90 -30.66
C TYR A 668 0.65 -15.83 -29.69
N ILE A 669 0.38 -16.92 -28.99
CA ILE A 669 -0.57 -16.91 -27.85
C ILE A 669 0.24 -16.88 -26.56
N PHE A 670 0.08 -15.82 -25.78
CA PHE A 670 0.63 -15.68 -24.41
C PHE A 670 -0.46 -16.02 -23.39
N PHE A 671 -0.23 -17.05 -22.57
CA PHE A 671 -1.08 -17.34 -21.39
C PHE A 671 -0.35 -16.90 -20.15
N LEU A 672 -1.05 -16.17 -19.30
CA LEU A 672 -0.46 -15.59 -18.06
C LEU A 672 -1.36 -15.99 -16.88
N ASN A 673 -0.79 -16.74 -15.93
CA ASN A 673 -1.42 -17.11 -14.66
C ASN A 673 -0.82 -16.23 -13.55
N TYR A 674 -1.58 -15.20 -13.20
CA TYR A 674 -1.27 -14.23 -12.13
C TYR A 674 -1.75 -14.72 -10.75
N HIS A 675 -2.01 -16.03 -10.58
CA HIS A 675 -2.74 -16.53 -9.39
C HIS A 675 -1.93 -17.65 -8.74
N ASN A 676 -2.05 -17.80 -7.41
CA ASN A 676 -1.29 -18.88 -6.71
C ASN A 676 -2.14 -20.16 -6.77
N GLU A 677 -2.24 -20.71 -7.98
CA GLU A 677 -3.03 -21.94 -8.23
C GLU A 677 -2.45 -22.61 -9.47
N ARG A 678 -2.20 -23.92 -9.45
CA ARG A 678 -1.92 -24.67 -10.70
C ARG A 678 -3.24 -24.75 -11.46
N LYS A 679 -3.29 -24.20 -12.66
CA LYS A 679 -4.55 -24.13 -13.45
C LYS A 679 -4.44 -25.07 -14.65
N THR A 680 -5.40 -26.01 -14.77
CA THR A 680 -5.59 -26.86 -15.97
C THR A 680 -6.85 -26.37 -16.68
N PHE A 681 -6.71 -25.95 -17.92
CA PHE A 681 -7.82 -25.37 -18.70
C PHE A 681 -7.69 -25.84 -20.13
N ASN A 682 -8.72 -25.50 -20.89
CA ASN A 682 -8.75 -25.76 -22.34
C ASN A 682 -9.07 -24.43 -23.03
N TYR A 683 -8.66 -24.30 -24.28
CA TYR A 683 -8.98 -23.10 -25.08
C TYR A 683 -9.20 -23.49 -26.54
N ARG A 684 -9.82 -22.58 -27.27
CA ARG A 684 -9.89 -22.62 -28.75
C ARG A 684 -9.99 -21.19 -29.28
N LYS A 685 -9.60 -20.99 -30.55
CA LYS A 685 -9.79 -19.69 -31.25
C LYS A 685 -11.29 -19.45 -31.43
N SER A 686 -11.77 -18.22 -31.23
CA SER A 686 -13.24 -17.89 -31.19
C SER A 686 -13.89 -18.18 -32.56
N SER A 687 -13.10 -18.25 -33.64
CA SER A 687 -13.52 -18.75 -34.98
C SER A 687 -12.70 -19.99 -35.37
N GLU A 688 -13.30 -21.18 -35.24
CA GLU A 688 -12.63 -22.51 -35.20
C GLU A 688 -11.15 -22.39 -35.60
N LYS A 693 -10.64 -31.22 -29.45
CA LYS A 693 -10.49 -30.16 -30.49
C LYS A 693 -9.94 -28.89 -29.83
N SER A 694 -10.56 -28.45 -28.74
CA SER A 694 -9.93 -27.54 -27.75
C SER A 694 -8.60 -28.15 -27.27
N GLU A 695 -7.56 -27.33 -27.13
CA GLU A 695 -6.23 -27.71 -26.59
C GLU A 695 -6.27 -27.63 -25.06
N GLU A 696 -5.68 -28.60 -24.37
CA GLU A 696 -5.58 -28.60 -22.89
C GLU A 696 -4.20 -28.05 -22.50
N ILE A 697 -4.18 -27.27 -21.43
CA ILE A 697 -2.95 -26.63 -20.89
C ILE A 697 -2.99 -26.70 -19.36
N SER A 698 -1.83 -27.02 -18.78
N SER A 698 -1.84 -27.03 -18.76
CA SER A 698 -1.55 -26.90 -17.33
CA SER A 698 -1.60 -26.86 -17.31
C SER A 698 -0.49 -25.81 -17.13
C SER A 698 -0.50 -25.81 -17.13
N ILE A 699 -0.75 -24.87 -16.23
CA ILE A 699 0.16 -23.71 -16.01
C ILE A 699 0.38 -23.59 -14.51
N ALA A 700 1.63 -23.46 -14.08
CA ALA A 700 2.03 -23.37 -12.68
C ALA A 700 1.53 -22.05 -12.09
N PRO A 701 1.53 -21.90 -10.75
CA PRO A 701 1.26 -20.61 -10.14
C PRO A 701 2.20 -19.53 -10.71
N PHE A 702 1.68 -18.32 -10.93
CA PHE A 702 2.49 -17.12 -11.29
C PHE A 702 3.41 -17.43 -12.47
N SER A 703 2.89 -18.13 -13.47
CA SER A 703 3.67 -18.64 -14.60
C SER A 703 3.00 -18.29 -15.93
N TYR A 704 3.59 -18.81 -17.01
CA TYR A 704 3.24 -18.39 -18.37
C TYR A 704 3.40 -19.60 -19.29
N LYS A 705 2.69 -19.58 -20.41
CA LYS A 705 2.99 -20.40 -21.61
C LYS A 705 2.96 -19.50 -22.84
N VAL A 706 3.84 -19.77 -23.82
CA VAL A 706 3.81 -19.14 -25.14
C VAL A 706 3.68 -20.22 -26.20
N ILE A 707 2.65 -20.10 -27.04
CA ILE A 707 2.42 -20.99 -28.23
C ILE A 707 2.70 -20.17 -29.48
N LYS A 708 3.54 -20.63 -30.41
CA LYS A 708 3.71 -19.98 -31.74
C LYS A 708 2.99 -20.81 -32.79
N GLU A 709 2.20 -20.15 -33.65
CA GLU A 709 1.53 -20.79 -34.81
C GLU A 709 2.06 -20.15 -36.08
N ASN A 710 2.40 -20.98 -37.05
CA ASN A 710 2.86 -20.55 -38.40
C ASN A 710 1.61 -20.29 -39.27
N LYS A 711 1.39 -19.03 -39.66
CA LYS A 711 0.28 -18.47 -40.48
C LYS A 711 -0.84 -17.98 -39.55
N SER B 1 1.38 -22.98 32.28
CA SER B 1 2.11 -22.03 31.36
C SER B 1 1.13 -21.43 30.33
N GLU B 2 0.71 -22.22 29.31
CA GLU B 2 -0.06 -21.72 28.12
C GLU B 2 -1.54 -21.51 28.42
N LYS B 3 -2.18 -20.61 27.68
CA LYS B 3 -3.65 -20.36 27.72
C LYS B 3 -4.26 -20.97 26.47
N TYR B 4 -5.31 -21.77 26.66
CA TYR B 4 -5.99 -22.47 25.55
C TYR B 4 -7.42 -22.73 25.98
N PHE B 5 -8.29 -22.87 24.98
CA PHE B 5 -9.68 -23.28 25.18
C PHE B 5 -9.65 -24.73 25.66
N VAL B 6 -10.71 -25.10 26.37
CA VAL B 6 -10.84 -26.48 26.91
C VAL B 6 -12.22 -27.03 26.50
N LYS B 7 -12.25 -28.30 26.14
CA LYS B 7 -13.47 -29.06 25.87
C LYS B 7 -13.28 -30.43 26.54
N ASN B 8 -14.31 -30.90 27.26
CA ASN B 8 -14.26 -32.22 27.94
C ASN B 8 -12.97 -32.32 28.80
N GLY B 9 -12.64 -31.23 29.53
CA GLY B 9 -11.46 -31.10 30.41
C GLY B 9 -10.14 -31.42 29.73
N GLN B 10 -10.03 -31.24 28.41
CA GLN B 10 -8.78 -31.43 27.64
C GLN B 10 -8.53 -30.14 26.86
N PRO B 11 -7.27 -29.87 26.45
CA PRO B 11 -6.98 -28.76 25.51
C PRO B 11 -7.82 -28.94 24.24
N HIS B 12 -8.48 -27.87 23.81
CA HIS B 12 -9.39 -27.84 22.64
C HIS B 12 -8.96 -26.69 21.72
N PHE B 13 -8.58 -27.00 20.48
CA PHE B 13 -8.34 -25.95 19.47
C PHE B 13 -9.71 -25.48 19.01
N LEU B 14 -10.09 -24.24 19.30
CA LEU B 14 -11.38 -23.70 18.78
C LEU B 14 -11.28 -23.59 17.26
N ILE B 15 -12.06 -24.40 16.54
CA ILE B 15 -12.20 -24.32 15.07
C ILE B 15 -13.64 -23.92 14.77
N SER B 16 -13.86 -22.65 14.44
CA SER B 16 -15.19 -22.08 14.12
C SER B 16 -15.20 -21.71 12.63
N GLY B 17 -16.39 -21.80 12.03
CA GLY B 17 -16.66 -21.29 10.68
C GLY B 17 -17.80 -20.31 10.72
N GLU B 18 -17.61 -19.16 10.06
CA GLU B 18 -18.63 -18.09 9.96
C GLU B 18 -19.60 -18.50 8.84
N VAL B 19 -20.87 -18.54 9.19
CA VAL B 19 -22.01 -18.93 8.31
C VAL B 19 -23.16 -17.97 8.64
N HIS B 20 -23.46 -17.03 7.74
CA HIS B 20 -24.52 -16.02 7.94
C HIS B 20 -25.84 -16.59 7.46
N TYR B 21 -26.61 -17.19 8.37
CA TYR B 21 -27.96 -17.74 8.09
C TYR B 21 -28.79 -16.72 7.31
N PHE B 22 -28.65 -15.42 7.60
CA PHE B 22 -29.50 -14.35 7.03
C PHE B 22 -29.13 -14.08 5.57
N ARG B 23 -28.05 -14.68 5.08
CA ARG B 23 -27.54 -14.49 3.70
C ARG B 23 -27.58 -15.81 2.95
N ILE B 24 -28.23 -16.82 3.52
CA ILE B 24 -28.22 -18.18 2.94
C ILE B 24 -29.65 -18.69 2.82
N ASN B 25 -29.94 -19.27 1.67
CA ASN B 25 -31.16 -20.03 1.39
C ASN B 25 -31.41 -20.99 2.55
N PRO B 26 -32.50 -20.80 3.34
CA PRO B 26 -32.76 -21.65 4.50
C PRO B 26 -32.91 -23.14 4.19
N LYS B 27 -33.30 -23.48 2.96
CA LYS B 27 -33.36 -24.89 2.55
C LYS B 27 -31.95 -25.50 2.62
N LEU B 28 -30.89 -24.68 2.60
CA LEU B 28 -29.48 -25.18 2.55
C LEU B 28 -28.75 -24.92 3.86
N TRP B 29 -29.42 -24.41 4.89
CA TRP B 29 -28.78 -24.21 6.21
C TRP B 29 -28.19 -25.52 6.72
N ARG B 30 -28.96 -26.63 6.71
CA ARG B 30 -28.47 -27.91 7.24
C ARG B 30 -27.29 -28.37 6.38
N ASN B 31 -27.35 -28.18 5.06
CA ASN B 31 -26.24 -28.63 4.18
C ASN B 31 -24.93 -27.87 4.55
N HIS B 32 -24.99 -26.55 4.72
CA HIS B 32 -23.83 -25.69 5.11
C HIS B 32 -23.22 -26.23 6.42
N LEU B 33 -24.08 -26.47 7.42
CA LEU B 33 -23.66 -26.87 8.78
C LEU B 33 -23.02 -28.25 8.71
N GLN B 34 -23.58 -29.15 7.92
CA GLN B 34 -23.02 -30.52 7.76
C GLN B 34 -21.68 -30.42 7.08
N LEU B 35 -21.55 -29.65 6.01
CA LEU B 35 -20.24 -29.53 5.30
C LEU B 35 -19.18 -28.87 6.22
N LEU B 36 -19.60 -27.98 7.11
CA LEU B 36 -18.68 -27.30 8.05
C LEU B 36 -18.20 -28.33 9.08
N LYS B 37 -19.12 -29.04 9.72
CA LYS B 37 -18.76 -30.14 10.66
C LYS B 37 -17.83 -31.16 9.97
N GLN B 38 -18.03 -31.44 8.68
CA GLN B 38 -17.28 -32.52 8.00
C GLN B 38 -15.82 -32.09 7.75
N THR B 39 -15.49 -30.79 7.91
CA THR B 39 -14.08 -30.33 7.89
C THR B 39 -13.40 -30.59 9.25
N GLY B 40 -14.13 -31.01 10.29
CA GLY B 40 -13.57 -31.13 11.65
C GLY B 40 -13.79 -29.89 12.51
N ALA B 41 -14.37 -28.81 11.96
CA ALA B 41 -14.83 -27.63 12.73
C ALA B 41 -15.74 -28.09 13.87
N ASP B 42 -15.69 -27.41 15.01
CA ASP B 42 -16.54 -27.77 16.18
C ASP B 42 -17.58 -26.68 16.42
N THR B 43 -17.40 -25.48 15.87
CA THR B 43 -18.26 -24.30 16.18
C THR B 43 -18.63 -23.60 14.86
N VAL B 44 -19.77 -22.95 14.85
CA VAL B 44 -20.25 -22.06 13.74
C VAL B 44 -20.54 -20.71 14.38
N SER B 45 -20.29 -19.63 13.63
CA SER B 45 -20.33 -18.24 14.14
C SER B 45 -21.22 -17.39 13.21
N THR B 46 -22.05 -16.52 13.76
CA THR B 46 -22.89 -15.60 12.94
C THR B 46 -23.27 -14.35 13.71
N TYR B 47 -23.39 -13.25 12.97
CA TYR B 47 -24.16 -12.07 13.39
C TYR B 47 -25.64 -12.45 13.55
N ILE B 48 -26.31 -11.76 14.46
CA ILE B 48 -27.79 -11.69 14.49
C ILE B 48 -28.15 -10.24 14.24
N PRO B 49 -28.45 -9.86 12.99
CA PRO B 49 -28.59 -8.44 12.64
C PRO B 49 -29.89 -7.83 13.18
N TRP B 50 -29.73 -6.77 13.95
CA TRP B 50 -30.83 -5.97 14.51
C TRP B 50 -31.78 -5.56 13.38
N ASP B 51 -31.27 -5.00 12.29
CA ASP B 51 -32.11 -4.57 11.14
C ASP B 51 -32.92 -5.77 10.60
N TRP B 52 -32.35 -6.97 10.61
CA TRP B 52 -32.91 -8.16 9.95
C TRP B 52 -34.10 -8.70 10.75
N HIS B 53 -34.16 -8.48 12.07
CA HIS B 53 -35.17 -9.13 12.95
C HIS B 53 -36.18 -8.11 13.52
N GLU B 54 -35.77 -6.88 13.81
CA GLU B 54 -36.75 -5.82 14.19
C GLU B 54 -37.12 -5.10 12.89
N ILE B 55 -37.99 -5.75 12.10
CA ILE B 55 -38.36 -5.40 10.69
C ILE B 55 -39.05 -4.04 10.63
N GLU B 56 -39.79 -3.66 11.68
CA GLU B 56 -40.36 -2.30 11.92
C GLU B 56 -40.24 -2.04 13.43
N GLU B 57 -40.36 -0.78 13.87
CA GLU B 57 -40.21 -0.46 15.31
C GLU B 57 -41.19 -1.35 16.08
N ASP B 58 -40.66 -2.09 17.06
CA ASP B 58 -41.41 -3.01 17.96
C ASP B 58 -42.12 -4.15 17.20
N ASP B 59 -41.64 -4.57 16.03
CA ASP B 59 -42.17 -5.76 15.30
C ASP B 59 -40.98 -6.70 15.08
N PHE B 60 -40.90 -7.79 15.86
CA PHE B 60 -39.76 -8.75 15.83
C PHE B 60 -40.19 -10.04 15.13
N ASP B 61 -39.26 -10.60 14.35
CA ASP B 61 -39.40 -11.87 13.62
C ASP B 61 -38.09 -12.65 13.79
N PHE B 62 -38.10 -13.63 14.69
CA PHE B 62 -36.99 -14.60 14.94
C PHE B 62 -37.40 -16.01 14.50
N GLU B 63 -38.56 -16.17 13.84
CA GLU B 63 -39.17 -17.50 13.53
C GLU B 63 -39.48 -17.63 12.04
N GLY B 64 -39.03 -16.68 11.24
CA GLY B 64 -39.27 -16.68 9.80
C GLY B 64 -40.74 -16.44 9.46
N LYS B 65 -41.47 -15.66 10.26
CA LYS B 65 -42.89 -15.34 9.97
C LYS B 65 -42.98 -14.56 8.65
N THR B 66 -42.03 -13.64 8.40
CA THR B 66 -42.08 -12.65 7.28
C THR B 66 -41.06 -12.98 6.20
N HIS B 67 -40.07 -13.82 6.47
CA HIS B 67 -39.03 -14.24 5.50
C HIS B 67 -38.39 -15.48 6.09
N PRO B 68 -38.18 -16.56 5.32
CA PRO B 68 -37.72 -17.81 5.93
C PRO B 68 -36.33 -17.64 6.59
N ALA B 69 -35.53 -16.67 6.13
CA ALA B 69 -34.14 -16.46 6.59
C ALA B 69 -34.12 -15.59 7.84
N ARG B 70 -35.28 -15.16 8.35
CA ARG B 70 -35.40 -14.54 9.68
C ARG B 70 -35.67 -15.61 10.76
N ASN B 71 -35.71 -16.89 10.39
CA ASN B 71 -35.91 -18.00 11.36
C ASN B 71 -34.59 -18.36 12.09
N LEU B 72 -34.08 -17.40 12.88
CA LEU B 72 -32.97 -17.60 13.84
C LEU B 72 -33.24 -18.84 14.69
N ILE B 73 -34.44 -19.02 15.21
CA ILE B 73 -34.78 -20.14 16.16
C ILE B 73 -34.45 -21.46 15.46
N ARG B 74 -34.85 -21.59 14.21
CA ARG B 74 -34.61 -22.82 13.44
C ARG B 74 -33.10 -23.00 13.19
N PHE B 75 -32.37 -21.92 12.88
CA PHE B 75 -30.90 -22.02 12.64
C PHE B 75 -30.22 -22.58 13.89
N ILE B 76 -30.62 -22.07 15.05
CA ILE B 76 -30.06 -22.52 16.35
C ILE B 76 -30.40 -24.00 16.54
N LYS B 77 -31.62 -24.42 16.22
CA LYS B 77 -32.02 -25.85 16.40
C LYS B 77 -31.14 -26.71 15.48
N LEU B 78 -30.84 -26.22 14.26
CA LEU B 78 -30.01 -26.98 13.29
C LEU B 78 -28.57 -27.10 13.81
N CYS B 79 -28.01 -26.04 14.38
CA CYS B 79 -26.65 -26.13 15.00
C CYS B 79 -26.67 -27.27 16.05
N LYS B 80 -27.71 -27.28 16.88
CA LYS B 80 -27.86 -28.33 17.93
C LYS B 80 -27.89 -29.70 17.24
N GLU B 81 -28.69 -29.86 16.18
CA GLU B 81 -28.93 -31.19 15.56
C GLU B 81 -27.65 -31.65 14.85
N GLU B 82 -26.83 -30.70 14.37
CA GLU B 82 -25.63 -31.04 13.58
C GLU B 82 -24.40 -31.01 14.51
N ASN B 83 -24.61 -30.86 15.82
CA ASN B 83 -23.57 -30.99 16.87
C ASN B 83 -22.47 -29.96 16.64
N LEU B 84 -22.86 -28.74 16.31
CA LEU B 84 -21.97 -27.56 16.31
C LEU B 84 -22.32 -26.67 17.47
N ASP B 85 -21.30 -26.18 18.16
CA ASP B 85 -21.46 -25.05 19.09
C ASP B 85 -21.70 -23.81 18.23
N LEU B 86 -22.23 -22.76 18.87
CA LEU B 86 -22.67 -21.52 18.20
C LEU B 86 -22.05 -20.30 18.88
N ILE B 87 -21.38 -19.45 18.12
CA ILE B 87 -21.02 -18.07 18.56
C ILE B 87 -22.06 -17.13 17.96
N VAL B 88 -22.73 -16.33 18.78
CA VAL B 88 -23.74 -15.34 18.30
C VAL B 88 -23.19 -13.94 18.49
N LYS B 89 -23.57 -13.04 17.60
CA LYS B 89 -23.02 -11.66 17.59
C LYS B 89 -24.17 -10.70 17.25
N PRO B 90 -25.00 -10.31 18.24
CA PRO B 90 -26.20 -9.51 18.00
C PRO B 90 -26.01 -7.99 17.89
N GLY B 91 -24.79 -7.50 17.93
CA GLY B 91 -24.53 -6.06 17.76
C GLY B 91 -24.61 -5.26 19.06
N PRO B 92 -25.13 -4.01 19.03
CA PRO B 92 -25.98 -3.53 17.94
C PRO B 92 -25.33 -3.29 16.56
N TYR B 93 -24.07 -2.84 16.51
CA TYR B 93 -23.32 -2.76 15.23
C TYR B 93 -22.78 -4.15 14.87
N ILE B 94 -22.90 -4.52 13.61
CA ILE B 94 -22.26 -5.75 13.08
C ILE B 94 -21.28 -5.44 11.95
N LEU B 95 -21.33 -4.26 11.35
CA LEU B 95 -20.60 -3.94 10.09
C LEU B 95 -20.93 -5.01 9.05
N ALA B 96 -20.05 -5.98 8.79
CA ALA B 96 -20.37 -7.21 8.02
C ALA B 96 -20.90 -6.86 6.62
N GLU B 97 -20.51 -5.70 6.08
CA GLU B 97 -21.00 -5.19 4.76
C GLU B 97 -22.54 -5.21 4.70
N TYR B 98 -23.19 -4.97 5.83
CA TYR B 98 -24.66 -4.99 5.94
C TYR B 98 -25.07 -3.51 5.92
N GLU B 99 -26.14 -3.20 5.20
CA GLU B 99 -26.70 -1.82 5.04
C GLU B 99 -26.81 -1.20 6.44
N ASN B 100 -26.34 0.04 6.59
CA ASN B 100 -26.44 0.79 7.88
C ASN B 100 -25.63 0.10 8.98
N GLN B 101 -24.71 -0.78 8.61
CA GLN B 101 -23.81 -1.51 9.54
C GLN B 101 -24.62 -2.38 10.50
N GLY B 102 -25.87 -2.68 10.17
CA GLY B 102 -26.73 -3.62 10.93
C GLY B 102 -27.84 -2.92 11.68
N LEU B 103 -27.80 -1.60 11.75
CA LEU B 103 -28.83 -0.80 12.45
C LEU B 103 -30.06 -0.74 11.58
N PRO B 104 -31.29 -0.83 12.15
CA PRO B 104 -32.51 -0.73 11.36
C PRO B 104 -32.61 0.61 10.60
N SER B 105 -33.15 0.59 9.37
CA SER B 105 -33.43 1.85 8.60
C SER B 105 -34.44 2.70 9.37
N TRP B 106 -35.43 2.07 10.00
CA TRP B 106 -36.51 2.78 10.74
C TRP B 106 -35.92 3.54 11.94
N LEU B 107 -34.89 2.99 12.58
CA LEU B 107 -34.15 3.62 13.72
C LEU B 107 -33.42 4.87 13.22
N LEU B 108 -32.60 4.73 12.19
CA LEU B 108 -31.80 5.84 11.65
C LEU B 108 -32.72 6.97 11.17
N LYS B 109 -33.91 6.65 10.66
CA LYS B 109 -34.83 7.68 10.14
C LYS B 109 -35.38 8.51 11.31
N LYS B 110 -35.57 7.90 12.48
CA LYS B 110 -36.37 8.41 13.64
C LYS B 110 -35.49 9.04 14.74
N LEU B 111 -34.19 8.72 14.80
CA LEU B 111 -33.26 9.29 15.81
C LEU B 111 -33.12 10.80 15.57
N SER B 112 -33.07 11.57 16.67
CA SER B 112 -32.71 13.01 16.67
C SER B 112 -31.28 13.18 16.19
N LYS B 113 -30.95 14.38 15.72
CA LYS B 113 -29.59 14.80 15.33
C LYS B 113 -28.59 14.46 16.45
N ASN B 114 -28.96 14.69 17.72
CA ASN B 114 -28.02 14.60 18.88
C ASN B 114 -27.88 13.14 19.35
N ALA B 115 -28.42 12.17 18.60
CA ALA B 115 -28.12 10.73 18.77
C ALA B 115 -26.91 10.33 17.93
N PHE B 116 -26.50 11.17 16.97
CA PHE B 116 -25.47 10.85 15.96
C PHE B 116 -24.12 11.41 16.39
N ALA B 117 -23.05 10.82 15.86
CA ALA B 117 -21.67 11.33 16.00
C ALA B 117 -21.57 12.63 15.18
N LEU B 118 -21.11 13.72 15.79
CA LEU B 118 -21.07 15.08 15.17
C LEU B 118 -19.60 15.51 15.00
N ASP B 119 -19.27 16.17 13.88
CA ASP B 119 -17.92 16.76 13.63
C ASP B 119 -17.79 18.01 14.52
N GLU B 120 -16.69 18.77 14.47
CA GLU B 120 -16.49 19.89 15.43
C GLU B 120 -17.54 21.00 15.21
N ASN B 121 -18.20 21.02 14.05
CA ASN B 121 -19.19 22.07 13.67
C ASN B 121 -20.62 21.66 14.05
N GLY B 122 -20.82 20.46 14.64
CA GLY B 122 -22.16 19.96 15.03
C GLY B 122 -22.93 19.34 13.86
N ASN B 123 -22.23 19.02 12.76
CA ASN B 123 -22.81 18.33 11.57
C ASN B 123 -22.70 16.82 11.76
N VAL B 124 -23.76 16.08 11.39
CA VAL B 124 -23.75 14.59 11.35
C VAL B 124 -22.58 14.11 10.48
N ILE B 125 -21.71 13.25 11.02
CA ILE B 125 -20.51 12.69 10.34
C ILE B 125 -20.94 11.69 9.25
N SER B 126 -21.89 10.82 9.55
CA SER B 126 -22.39 9.74 8.64
C SER B 126 -23.79 9.35 9.08
N PRO B 127 -24.76 9.22 8.15
CA PRO B 127 -26.16 8.92 8.52
C PRO B 127 -26.37 7.54 9.16
N ASP B 128 -25.35 6.67 9.16
CA ASP B 128 -25.39 5.37 9.88
C ASP B 128 -24.45 5.32 11.10
N LEU B 129 -23.84 6.44 11.49
CA LEU B 129 -22.89 6.51 12.63
C LEU B 129 -23.54 7.23 13.81
N VAL B 130 -24.02 6.45 14.79
CA VAL B 130 -24.63 6.97 16.04
C VAL B 130 -23.50 7.26 17.03
N SER B 131 -23.80 8.01 18.09
CA SER B 131 -22.92 8.24 19.26
C SER B 131 -23.11 7.06 20.22
N TYR B 132 -22.05 6.33 20.55
CA TYR B 132 -22.16 5.07 21.34
C TYR B 132 -22.98 5.31 22.62
N LEU B 133 -22.80 6.44 23.29
CA LEU B 133 -23.45 6.67 24.60
C LEU B 133 -24.69 7.55 24.45
N SER B 134 -25.23 7.70 23.22
CA SER B 134 -26.51 8.42 22.97
C SER B 134 -27.61 7.74 23.77
N ASP B 135 -28.33 8.49 24.61
CA ASP B 135 -29.49 8.00 25.40
C ASP B 135 -30.48 7.26 24.50
N GLU B 136 -30.85 7.91 23.40
CA GLU B 136 -31.78 7.38 22.35
C GLU B 136 -31.24 6.07 21.78
N PHE B 137 -29.98 6.05 21.38
CA PHE B 137 -29.32 4.85 20.80
C PHE B 137 -29.36 3.70 21.81
N LEU B 138 -28.97 3.95 23.08
CA LEU B 138 -28.93 2.89 24.13
C LEU B 138 -30.35 2.41 24.50
N GLU B 139 -31.32 3.33 24.46
CA GLU B 139 -32.77 3.04 24.65
C GLU B 139 -33.17 1.95 23.64
N TYR B 140 -32.94 2.20 22.36
CA TYR B 140 -33.35 1.27 21.27
C TYR B 140 -32.47 0.01 21.29
N THR B 141 -31.16 0.15 21.55
CA THR B 141 -30.26 -1.02 21.74
C THR B 141 -30.86 -1.91 22.85
N PHE B 142 -31.22 -1.34 24.01
CA PHE B 142 -31.78 -2.11 25.16
C PHE B 142 -33.06 -2.84 24.72
N LYS B 143 -33.92 -2.17 23.97
CA LYS B 143 -35.18 -2.78 23.45
C LYS B 143 -34.86 -3.94 22.49
N TRP B 144 -33.84 -3.81 21.63
CA TRP B 144 -33.33 -4.93 20.79
C TRP B 144 -32.83 -6.09 21.69
N TYR B 145 -32.01 -5.82 22.71
CA TYR B 145 -31.52 -6.82 23.69
C TYR B 145 -32.71 -7.51 24.38
N ASP B 146 -33.74 -6.74 24.80
CA ASP B 146 -34.92 -7.28 25.52
C ASP B 146 -35.56 -8.41 24.73
N LYS B 147 -35.43 -8.43 23.40
CA LYS B 147 -36.03 -9.47 22.52
C LYS B 147 -35.03 -10.56 22.15
N VAL B 148 -33.79 -10.19 21.84
CA VAL B 148 -32.81 -11.20 21.32
C VAL B 148 -32.14 -11.89 22.52
N MET B 149 -31.90 -11.21 23.64
CA MET B 149 -31.11 -11.84 24.75
C MET B 149 -31.87 -13.00 25.39
N PRO B 150 -33.22 -12.99 25.55
CA PRO B 150 -33.93 -14.15 26.14
C PRO B 150 -33.78 -15.41 25.30
N ILE B 151 -33.75 -15.24 23.98
CA ILE B 151 -33.47 -16.34 23.01
C ILE B 151 -32.05 -16.87 23.25
N ILE B 152 -31.07 -15.98 23.33
CA ILE B 152 -29.66 -16.37 23.58
C ILE B 152 -29.55 -17.04 24.96
N SER B 153 -30.15 -16.48 26.01
CA SER B 153 -30.10 -17.07 27.37
C SER B 153 -30.61 -18.52 27.33
N LYS B 154 -31.76 -18.73 26.68
CA LYS B 154 -32.45 -20.03 26.60
C LYS B 154 -31.51 -21.07 25.99
N HIS B 155 -30.64 -20.66 25.05
CA HIS B 155 -29.84 -21.58 24.21
C HIS B 155 -28.36 -21.51 24.61
N GLN B 156 -28.04 -20.89 25.76
CA GLN B 156 -26.64 -20.69 26.23
C GLN B 156 -26.11 -21.99 26.85
N LYS B 157 -24.78 -22.11 26.98
CA LYS B 157 -24.04 -23.32 27.44
C LYS B 157 -24.28 -23.53 28.94
N GLU B 158 -24.35 -22.44 29.72
CA GLU B 158 -24.76 -22.42 31.17
C GLU B 158 -26.16 -23.05 31.38
N HIS B 159 -27.01 -23.16 30.35
CA HIS B 159 -28.30 -23.91 30.33
C HIS B 159 -28.20 -25.16 29.44
N TYR B 160 -26.98 -25.63 29.17
CA TYR B 160 -26.65 -26.81 28.29
C TYR B 160 -26.77 -26.49 26.81
N GLY B 161 -27.29 -25.32 26.40
CA GLY B 161 -27.56 -25.01 24.98
C GLY B 161 -26.27 -24.94 24.15
N PRO B 162 -26.36 -24.81 22.80
CA PRO B 162 -25.18 -24.79 21.92
C PRO B 162 -24.36 -23.48 21.95
N ILE B 163 -24.90 -22.37 22.48
CA ILE B 163 -24.22 -21.06 22.39
C ILE B 163 -23.13 -20.98 23.46
N THR B 164 -21.86 -20.95 23.04
CA THR B 164 -20.69 -20.99 23.94
C THR B 164 -20.11 -19.59 24.12
N MET B 165 -20.32 -18.67 23.20
CA MET B 165 -19.72 -17.33 23.29
C MET B 165 -20.63 -16.32 22.58
N MET B 166 -20.55 -15.07 22.99
CA MET B 166 -21.27 -13.96 22.35
C MET B 166 -20.36 -12.75 22.21
N GLN B 167 -20.34 -12.14 21.03
CA GLN B 167 -19.55 -10.91 20.81
C GLN B 167 -20.45 -9.71 21.17
N LEU B 168 -19.91 -8.75 21.88
CA LEU B 168 -20.60 -7.47 22.17
C LEU B 168 -20.25 -6.48 21.03
N CYS B 169 -21.29 -5.99 20.35
CA CYS B 169 -21.15 -4.99 19.27
C CYS B 169 -20.14 -5.54 18.28
N ASN B 170 -19.35 -4.68 17.67
CA ASN B 170 -18.38 -5.10 16.62
C ASN B 170 -17.31 -4.02 16.46
N GLU B 171 -16.05 -4.39 16.68
CA GLU B 171 -14.87 -3.51 16.42
C GLU B 171 -15.18 -2.09 16.91
N ILE B 172 -15.44 -1.90 18.20
CA ILE B 172 -15.72 -0.58 18.81
C ILE B 172 -14.63 0.42 18.36
N GLY B 173 -15.09 1.58 17.89
CA GLY B 173 -14.24 2.71 17.45
C GLY B 173 -13.75 2.56 16.03
N VAL B 174 -14.05 1.48 15.33
CA VAL B 174 -13.60 1.25 13.91
C VAL B 174 -14.01 2.45 13.03
N PHE B 175 -15.13 3.15 13.29
CA PHE B 175 -15.58 4.32 12.46
C PHE B 175 -14.74 5.57 12.79
N GLN B 176 -14.41 5.86 14.05
CA GLN B 176 -13.46 6.97 14.37
C GLN B 176 -12.09 6.71 13.71
N TRP B 177 -11.73 5.43 13.54
CA TRP B 177 -10.46 5.03 12.90
C TRP B 177 -10.54 5.28 11.39
N LEU B 178 -11.47 4.62 10.69
CA LEU B 178 -11.56 4.62 9.21
C LEU B 178 -11.71 6.07 8.71
N SER B 179 -12.33 6.97 9.48
CA SER B 179 -12.58 8.37 9.04
C SER B 179 -11.54 9.31 9.66
N GLY B 180 -10.88 8.89 10.75
CA GLY B 180 -10.03 9.78 11.55
C GLY B 180 -10.83 10.84 12.32
N LYS B 181 -12.15 10.92 12.10
CA LYS B 181 -13.01 11.93 12.75
C LYS B 181 -13.41 11.39 14.13
N SER B 182 -13.16 12.20 15.17
CA SER B 182 -13.70 11.97 16.53
C SER B 182 -15.13 12.48 16.59
N ASP B 183 -15.91 11.86 17.47
CA ASP B 183 -17.30 12.28 17.80
C ASP B 183 -17.21 13.49 18.73
N TYR B 184 -17.76 14.63 18.32
CA TYR B 184 -17.86 15.89 19.11
C TYR B 184 -19.30 16.10 19.58
N ASN B 185 -20.15 15.04 19.54
CA ASN B 185 -21.52 15.07 20.10
C ASN B 185 -21.45 15.72 21.48
N PRO B 186 -22.35 16.67 21.84
CA PRO B 186 -22.25 17.39 23.10
C PRO B 186 -22.20 16.48 24.34
N LYS B 187 -22.87 15.32 24.30
CA LYS B 187 -22.87 14.35 25.42
C LYS B 187 -21.48 13.72 25.60
N VAL B 188 -20.79 13.46 24.51
CA VAL B 188 -19.39 12.92 24.50
C VAL B 188 -18.45 13.97 25.13
N ILE B 189 -18.51 15.20 24.63
CA ILE B 189 -17.74 16.37 25.14
C ILE B 189 -18.07 16.61 26.63
N ASN B 190 -19.33 16.48 27.06
CA ASN B 190 -19.68 16.65 28.49
C ASN B 190 -18.97 15.53 29.28
N LEU B 191 -19.00 14.29 28.79
CA LEU B 191 -18.26 13.16 29.42
C LEU B 191 -16.75 13.46 29.42
N TYR B 192 -16.19 14.03 28.35
CA TYR B 192 -14.75 14.39 28.26
C TYR B 192 -14.39 15.39 29.38
N LYS B 193 -15.27 16.35 29.61
CA LYS B 193 -15.11 17.41 30.65
C LYS B 193 -15.10 16.76 32.04
N GLU B 194 -16.06 15.89 32.32
CA GLU B 194 -16.12 15.11 33.59
C GLU B 194 -14.82 14.34 33.79
N PHE B 195 -14.34 13.69 32.73
CA PHE B 195 -13.07 12.92 32.78
C PHE B 195 -11.92 13.85 33.21
N ILE B 196 -11.83 15.04 32.61
CA ILE B 196 -10.72 16.01 32.86
C ILE B 196 -10.82 16.53 34.30
N ILE B 197 -11.99 17.00 34.71
CA ILE B 197 -12.24 17.50 36.10
C ILE B 197 -11.83 16.38 37.06
N GLN B 198 -12.31 15.15 36.85
CA GLN B 198 -12.02 13.98 37.71
C GLN B 198 -10.51 13.72 37.75
N ARG B 199 -9.80 13.92 36.63
CA ARG B 199 -8.34 13.58 36.51
C ARG B 199 -7.48 14.66 37.19
N TYR B 200 -7.76 15.94 36.99
CA TYR B 200 -6.91 17.07 37.47
C TYR B 200 -7.47 17.73 38.74
N LYS B 201 -8.75 17.55 39.03
CA LYS B 201 -9.43 18.08 40.25
C LYS B 201 -9.63 19.59 40.15
N THR B 202 -8.57 20.37 39.97
CA THR B 202 -8.64 21.85 39.90
C THR B 202 -8.08 22.31 38.55
N ILE B 203 -8.49 23.50 38.11
CA ILE B 203 -7.98 24.11 36.85
C ILE B 203 -6.50 24.48 37.04
N GLU B 204 -6.09 24.81 38.26
CA GLU B 204 -4.67 25.16 38.54
C GLU B 204 -3.81 23.92 38.28
N LYS B 205 -4.27 22.74 38.67
CA LYS B 205 -3.52 21.48 38.43
C LYS B 205 -3.37 21.25 36.92
N LEU B 206 -4.48 21.30 36.18
CA LEU B 206 -4.49 21.13 34.70
C LEU B 206 -3.63 22.21 34.04
N ASN B 207 -3.76 23.48 34.42
CA ASN B 207 -2.91 24.57 33.85
C ASN B 207 -1.42 24.25 34.02
N SER B 208 -1.00 23.69 35.15
CA SER B 208 0.43 23.41 35.44
C SER B 208 0.90 22.26 34.55
N VAL B 209 0.02 21.30 34.25
CA VAL B 209 0.43 20.15 33.37
C VAL B 209 0.45 20.64 31.92
N TYR B 210 -0.57 21.34 31.46
CA TYR B 210 -0.76 21.72 30.03
C TYR B 210 0.02 23.00 29.70
N SER B 211 0.43 23.81 30.68
CA SER B 211 0.84 25.24 30.51
C SER B 211 -0.29 26.04 29.84
N THR B 212 -1.54 25.88 30.28
CA THR B 212 -2.70 26.68 29.78
C THR B 212 -3.00 27.82 30.76
N ASN B 213 -3.94 28.69 30.42
CA ASN B 213 -4.17 29.99 31.10
C ASN B 213 -5.65 30.11 31.44
N TYR B 214 -6.29 28.97 31.69
CA TYR B 214 -7.73 28.91 32.04
C TYR B 214 -7.94 29.52 33.43
N ASN B 215 -9.05 30.24 33.61
CA ASN B 215 -9.57 30.71 34.93
C ASN B 215 -10.46 29.62 35.55
N SER B 216 -11.06 28.74 34.75
CA SER B 216 -11.89 27.62 35.24
C SER B 216 -12.04 26.51 34.19
N PHE B 217 -12.60 25.37 34.59
CA PHE B 217 -12.96 24.24 33.69
C PHE B 217 -14.00 24.72 32.68
N ASP B 218 -14.80 25.73 33.05
CA ASP B 218 -15.78 26.39 32.13
C ASP B 218 -15.03 26.88 30.87
N ASP B 219 -13.77 27.32 30.94
CA ASP B 219 -13.02 27.82 29.75
C ASP B 219 -12.55 26.66 28.86
N LEU B 220 -12.65 25.42 29.33
CA LEU B 220 -12.01 24.23 28.69
C LEU B 220 -12.87 23.81 27.48
N LYS B 221 -12.27 23.71 26.28
CA LYS B 221 -12.92 23.20 25.04
C LYS B 221 -12.26 21.88 24.63
N ALA B 222 -13.01 20.95 24.02
CA ALA B 222 -12.46 19.70 23.42
C ALA B 222 -11.41 20.08 22.39
N PRO B 223 -10.23 19.43 22.33
CA PRO B 223 -9.24 19.81 21.33
C PRO B 223 -9.78 19.50 19.93
N SER B 224 -9.48 20.36 18.95
CA SER B 224 -9.76 20.14 17.50
C SER B 224 -8.66 20.81 16.68
N GLY B 225 -8.59 20.51 15.39
CA GLY B 225 -7.60 21.16 14.52
C GLY B 225 -6.21 20.62 14.81
N LYS B 226 -5.23 21.18 14.14
CA LYS B 226 -3.82 20.67 14.13
C LYS B 226 -3.18 21.05 15.47
N ILE B 227 -2.25 20.21 15.93
CA ILE B 227 -1.46 20.49 17.15
C ILE B 227 -0.36 21.48 16.72
N LYS B 228 -0.38 22.68 17.31
CA LYS B 228 0.58 23.76 16.98
C LYS B 228 1.49 24.01 18.19
N LEU B 229 0.96 23.74 19.38
CA LEU B 229 1.56 24.04 20.69
C LEU B 229 1.64 22.76 21.55
N ARG B 230 2.52 22.73 22.54
CA ARG B 230 2.61 21.58 23.47
C ARG B 230 1.32 21.47 24.28
N SER B 231 0.66 22.60 24.56
CA SER B 231 -0.64 22.57 25.28
C SER B 231 -1.70 21.82 24.45
N ASP B 232 -1.67 21.90 23.11
CA ASP B 232 -2.62 21.18 22.22
C ASP B 232 -2.31 19.67 22.27
N TYR B 233 -1.04 19.29 22.21
CA TYR B 233 -0.60 17.88 22.32
C TYR B 233 -1.12 17.29 23.63
N CYS B 234 -0.93 18.00 24.74
CA CYS B 234 -1.45 17.61 26.09
C CYS B 234 -2.95 17.38 26.07
N ALA B 235 -3.72 18.34 25.52
CA ALA B 235 -5.19 18.24 25.49
C ALA B 235 -5.56 17.02 24.63
N TYR B 236 -4.87 16.80 23.49
CA TYR B 236 -5.22 15.68 22.59
C TYR B 236 -4.84 14.36 23.26
N PHE B 237 -3.79 14.35 24.08
CA PHE B 237 -3.34 13.11 24.75
C PHE B 237 -4.42 12.67 25.74
N ASP B 238 -4.94 13.58 26.54
CA ASP B 238 -6.05 13.24 27.47
C ASP B 238 -7.32 12.91 26.67
N PHE B 239 -7.54 13.51 25.50
CA PHE B 239 -8.72 13.19 24.64
C PHE B 239 -8.63 11.73 24.20
N HIS B 240 -7.41 11.27 23.91
CA HIS B 240 -7.13 9.83 23.62
C HIS B 240 -7.44 8.99 24.86
N LEU B 241 -6.88 9.32 26.02
CA LEU B 241 -7.19 8.58 27.28
C LEU B 241 -8.71 8.56 27.47
N PHE B 242 -9.39 9.69 27.20
CA PHE B 242 -10.84 9.81 27.47
C PHE B 242 -11.59 8.77 26.62
N PHE B 243 -11.27 8.69 25.34
CA PHE B 243 -11.94 7.73 24.41
C PHE B 243 -11.71 6.31 24.89
N ARG B 244 -10.54 5.97 25.44
CA ARG B 244 -10.35 4.61 25.99
C ARG B 244 -11.37 4.37 27.14
N GLU B 245 -11.58 5.36 28.03
CA GLU B 245 -12.57 5.22 29.14
C GLU B 245 -13.99 5.17 28.54
N TYR B 246 -14.23 5.94 27.49
CA TYR B 246 -15.54 6.05 26.82
C TYR B 246 -15.98 4.69 26.27
N TYR B 247 -15.10 4.02 25.52
CA TYR B 247 -15.39 2.67 24.97
C TYR B 247 -15.57 1.66 26.11
N ASN B 248 -14.86 1.80 27.23
CA ASN B 248 -15.05 0.88 28.38
C ASN B 248 -16.43 1.17 28.99
N LYS B 249 -16.81 2.42 29.09
CA LYS B 249 -18.18 2.77 29.58
C LYS B 249 -19.25 2.12 28.67
N TYR B 250 -19.07 2.21 27.35
CA TYR B 250 -20.05 1.66 26.36
C TYR B 250 -20.15 0.15 26.54
N ILE B 251 -19.01 -0.55 26.50
CA ILE B 251 -19.02 -2.04 26.53
C ILE B 251 -19.48 -2.53 27.93
N SER B 252 -19.22 -1.78 29.01
CA SER B 252 -19.74 -2.09 30.38
C SER B 252 -21.28 -2.01 30.40
N ILE B 253 -21.86 -0.98 29.79
CA ILE B 253 -23.35 -0.80 29.73
C ILE B 253 -23.94 -2.01 28.98
N LEU B 254 -23.37 -2.36 27.82
CA LEU B 254 -23.84 -3.54 27.06
C LEU B 254 -23.69 -4.80 27.91
N LYS B 255 -22.55 -4.97 28.59
CA LYS B 255 -22.26 -6.21 29.36
C LYS B 255 -23.22 -6.30 30.54
N ASN B 256 -23.43 -5.22 31.30
CA ASN B 256 -24.36 -5.30 32.47
C ASN B 256 -25.77 -5.70 32.00
N LYS B 257 -26.22 -5.10 30.89
CA LYS B 257 -27.53 -5.42 30.26
C LYS B 257 -27.62 -6.91 29.92
N ILE B 258 -26.63 -7.45 29.19
CA ILE B 258 -26.56 -8.88 28.82
C ILE B 258 -26.60 -9.76 30.08
N ARG B 259 -25.81 -9.45 31.11
CA ARG B 259 -25.71 -10.30 32.33
C ARG B 259 -27.12 -10.35 32.99
N SER B 260 -27.88 -9.25 32.90
CA SER B 260 -29.22 -9.12 33.52
C SER B 260 -30.19 -10.20 33.00
N PHE B 261 -29.90 -10.87 31.87
CA PHE B 261 -30.75 -11.93 31.25
C PHE B 261 -30.35 -13.32 31.77
N GLY B 262 -29.37 -13.36 32.66
CA GLY B 262 -28.78 -14.61 33.13
C GLY B 262 -27.86 -15.21 32.09
N ILE B 263 -27.27 -14.40 31.20
CA ILE B 263 -26.28 -14.90 30.20
C ILE B 263 -24.89 -14.94 30.84
N ASN B 264 -24.35 -16.14 31.08
CA ASN B 264 -23.13 -16.37 31.89
C ASN B 264 -21.99 -16.91 31.03
N ILE B 265 -22.24 -17.19 29.76
CA ILE B 265 -21.21 -17.65 28.79
C ILE B 265 -20.16 -16.56 28.58
N LYS B 266 -19.08 -16.96 27.92
CA LYS B 266 -17.91 -16.11 27.56
C LYS B 266 -18.38 -15.00 26.63
N LEU B 267 -18.09 -13.74 26.96
CA LEU B 267 -18.30 -12.54 26.11
C LEU B 267 -17.01 -12.24 25.36
N THR B 268 -17.11 -11.70 24.14
CA THR B 268 -15.97 -11.47 23.22
C THR B 268 -16.06 -10.08 22.62
N HIS B 269 -14.92 -9.63 22.13
CA HIS B 269 -14.86 -8.47 21.22
C HIS B 269 -13.78 -8.77 20.18
N ASN B 270 -13.77 -8.04 19.09
CA ASN B 270 -12.92 -8.37 17.93
C ASN B 270 -12.07 -7.15 17.59
N ILE B 271 -10.81 -7.38 17.24
CA ILE B 271 -9.85 -6.27 17.02
C ILE B 271 -9.64 -6.06 15.52
N PRO B 272 -9.96 -4.86 14.98
CA PRO B 272 -9.62 -4.51 13.61
C PRO B 272 -8.17 -4.01 13.48
N GLY B 273 -7.73 -3.80 12.24
CA GLY B 273 -6.53 -3.00 11.98
C GLY B 273 -5.77 -3.49 10.77
N TRP B 274 -6.06 -4.67 10.23
CA TRP B 274 -5.42 -5.04 8.94
C TRP B 274 -6.00 -4.14 7.82
N ILE B 275 -5.15 -3.71 6.90
CA ILE B 275 -5.61 -3.09 5.65
C ILE B 275 -4.53 -3.30 4.58
N TYR B 276 -4.95 -3.58 3.34
CA TYR B 276 -4.05 -3.88 2.20
C TYR B 276 -3.09 -5.03 2.54
N GLY B 277 -3.46 -5.95 3.43
CA GLY B 277 -2.67 -7.17 3.67
C GLY B 277 -1.52 -6.96 4.64
N ASN B 278 -1.49 -5.83 5.37
CA ASN B 278 -0.51 -5.69 6.49
C ASN B 278 -1.24 -5.06 7.69
N ALA B 279 -0.63 -5.16 8.87
CA ALA B 279 -1.32 -4.92 10.17
C ALA B 279 -0.50 -3.95 11.04
N SER B 280 0.35 -3.12 10.41
CA SER B 280 1.21 -2.17 11.15
C SER B 280 0.39 -1.16 11.96
N GLU B 281 -0.89 -0.97 11.65
CA GLU B 281 -1.77 -0.03 12.40
C GLU B 281 -2.62 -0.78 13.44
N LEU B 282 -2.64 -2.11 13.40
CA LEU B 282 -3.49 -2.85 14.37
C LEU B 282 -3.07 -2.56 15.80
N PRO B 283 -1.78 -2.40 16.13
CA PRO B 283 -1.38 -2.06 17.50
C PRO B 283 -2.04 -0.77 18.00
N MET B 284 -2.21 0.23 17.13
CA MET B 284 -2.98 1.46 17.47
C MET B 284 -4.41 1.09 17.90
N LEU B 285 -5.11 0.29 17.10
CA LEU B 285 -6.52 -0.11 17.42
C LEU B 285 -6.56 -0.88 18.74
N ILE B 286 -5.68 -1.83 18.95
CA ILE B 286 -5.70 -2.62 20.21
C ILE B 286 -5.46 -1.69 21.40
N SER B 287 -4.63 -0.65 21.25
CA SER B 287 -4.36 0.34 22.32
C SER B 287 -5.66 1.07 22.69
N THR B 288 -6.66 1.14 21.81
CA THR B 288 -7.95 1.84 22.12
C THR B 288 -8.79 1.01 23.10
N TYR B 289 -8.45 -0.26 23.28
CA TYR B 289 -9.18 -1.18 24.19
C TYR B 289 -8.41 -1.36 25.52
N SER B 290 -7.43 -0.50 25.84
CA SER B 290 -6.57 -0.64 27.05
C SER B 290 -7.43 -0.62 28.32
N GLU B 291 -8.43 0.26 28.42
CA GLU B 291 -9.26 0.35 29.65
C GLU B 291 -10.24 -0.82 29.72
N ILE B 292 -10.76 -1.28 28.59
CA ILE B 292 -11.67 -2.45 28.58
C ILE B 292 -10.91 -3.65 29.13
N MET B 293 -9.70 -3.90 28.60
CA MET B 293 -8.90 -5.09 28.94
C MET B 293 -8.46 -5.03 30.41
N LYS B 294 -8.15 -3.86 30.94
CA LYS B 294 -7.85 -3.62 32.38
C LYS B 294 -9.06 -4.02 33.25
N ASN B 295 -10.29 -3.64 32.88
CA ASN B 295 -11.46 -3.69 33.80
C ASN B 295 -12.33 -4.93 33.57
N HIS B 296 -12.15 -5.67 32.49
CA HIS B 296 -12.99 -6.85 32.17
C HIS B 296 -12.14 -8.08 31.87
N PRO B 297 -11.67 -8.82 32.89
CA PRO B 297 -10.92 -10.05 32.65
C PRO B 297 -11.79 -11.12 32.01
N ASP B 298 -13.12 -10.94 32.03
CA ASP B 298 -14.08 -11.94 31.50
C ASP B 298 -14.44 -11.68 30.03
N ILE B 299 -13.96 -10.61 29.39
CA ILE B 299 -14.22 -10.41 27.93
C ILE B 299 -12.96 -10.82 27.16
N ILE B 300 -13.05 -11.84 26.31
CA ILE B 300 -11.90 -12.29 25.47
C ILE B 300 -11.88 -11.51 24.14
N PHE B 301 -10.85 -10.70 23.93
CA PHE B 301 -10.59 -10.05 22.63
C PHE B 301 -9.98 -11.08 21.69
N GLY B 302 -10.54 -11.20 20.47
CA GLY B 302 -9.89 -11.95 19.38
C GLY B 302 -9.43 -11.04 18.24
N LEU B 303 -8.48 -11.50 17.42
CA LEU B 303 -7.96 -10.67 16.29
C LEU B 303 -8.80 -10.89 15.04
N ASP B 304 -8.87 -9.86 14.20
CA ASP B 304 -9.45 -9.93 12.84
C ASP B 304 -8.29 -9.93 11.85
N HIS B 305 -7.82 -11.11 11.47
CA HIS B 305 -6.64 -11.28 10.57
C HIS B 305 -7.08 -11.26 9.10
N ILE B 306 -6.65 -10.24 8.34
CA ILE B 306 -6.93 -10.14 6.87
C ILE B 306 -5.62 -10.01 6.08
N PRO B 307 -4.81 -11.08 5.98
CA PRO B 307 -3.52 -11.04 5.27
C PRO B 307 -3.56 -10.84 3.76
N GLU B 308 -4.63 -11.30 3.11
CA GLU B 308 -4.93 -11.13 1.66
C GLU B 308 -4.02 -12.03 0.85
N PHE B 309 -2.75 -12.09 1.20
CA PHE B 309 -1.75 -12.94 0.51
C PHE B 309 -0.76 -13.41 1.58
N VAL B 310 0.21 -14.26 1.24
CA VAL B 310 1.16 -14.80 2.24
C VAL B 310 2.56 -14.78 1.63
N SER B 311 3.37 -13.79 1.99
CA SER B 311 4.75 -13.67 1.48
C SER B 311 5.61 -12.96 2.52
N PHE B 312 6.85 -12.79 2.16
CA PHE B 312 7.80 -11.98 2.95
C PHE B 312 7.27 -10.55 3.10
N ARG B 313 6.45 -10.06 2.17
CA ARG B 313 5.94 -8.65 2.24
C ARG B 313 5.08 -8.45 3.49
N ASN B 314 4.44 -9.49 4.03
CA ASN B 314 3.55 -9.35 5.21
C ASN B 314 3.74 -10.47 6.26
N ALA B 315 4.78 -11.31 6.11
CA ALA B 315 5.09 -12.44 7.03
C ALA B 315 5.03 -12.02 8.51
N HIS B 316 5.50 -10.82 8.82
CA HIS B 316 5.73 -10.35 10.21
C HIS B 316 4.44 -9.83 10.87
N SER B 317 3.41 -9.48 10.07
CA SER B 317 2.21 -8.80 10.62
C SER B 317 1.52 -9.69 11.65
N ASP B 318 1.24 -10.94 11.31
CA ASP B 318 0.39 -11.82 12.15
C ASP B 318 1.12 -12.13 13.48
N LEU B 319 2.41 -12.45 13.43
CA LEU B 319 3.20 -12.74 14.66
C LEU B 319 3.22 -11.51 15.58
N ALA B 320 3.56 -10.33 15.05
CA ALA B 320 3.61 -9.10 15.85
C ALA B 320 2.24 -8.87 16.50
N CYS B 321 1.13 -9.00 15.74
CA CYS B 321 -0.23 -8.84 16.31
C CYS B 321 -0.49 -9.89 17.40
N ASN B 322 -0.18 -11.16 17.15
CA ASN B 322 -0.45 -12.22 18.16
C ASN B 322 0.35 -11.91 19.44
N LYS B 323 1.58 -11.43 19.26
CA LYS B 323 2.50 -11.20 20.42
C LYS B 323 1.97 -10.00 21.22
N ILE B 324 1.43 -8.99 20.54
CA ILE B 324 0.91 -7.77 21.21
C ILE B 324 -0.37 -8.13 21.94
N LEU B 325 -1.22 -8.97 21.37
CA LEU B 325 -2.47 -9.36 22.05
C LEU B 325 -2.10 -10.13 23.33
N GLU B 326 -1.14 -11.05 23.25
CA GLU B 326 -0.60 -11.79 24.42
C GLU B 326 -0.14 -10.80 25.50
N ALA B 327 0.56 -9.72 25.10
CA ALA B 327 1.03 -8.69 26.05
C ALA B 327 -0.14 -8.05 26.79
N MET B 328 -1.20 -7.70 26.08
CA MET B 328 -2.31 -6.91 26.65
C MET B 328 -3.36 -7.85 27.27
N GLN B 329 -3.31 -9.13 26.96
CA GLN B 329 -4.31 -10.14 27.41
C GLN B 329 -3.61 -11.44 27.79
N PRO B 330 -2.77 -11.44 28.84
CA PRO B 330 -1.98 -12.63 29.17
C PRO B 330 -2.76 -13.82 29.73
N GLU B 331 -4.00 -13.64 30.17
CA GLU B 331 -4.72 -14.69 30.93
C GLU B 331 -5.71 -15.41 30.02
N ALA B 332 -5.86 -15.00 28.76
CA ALA B 332 -6.78 -15.66 27.81
C ALA B 332 -5.96 -16.13 26.62
N PRO B 333 -6.43 -17.20 25.93
CA PRO B 333 -5.83 -17.67 24.69
C PRO B 333 -5.80 -16.58 23.60
N VAL B 334 -4.74 -16.57 22.81
CA VAL B 334 -4.66 -15.74 21.57
C VAL B 334 -5.48 -16.47 20.52
N TRP B 335 -6.47 -15.79 19.95
CA TRP B 335 -7.35 -16.41 18.91
C TRP B 335 -7.80 -15.33 17.91
N ALA B 336 -8.26 -15.78 16.75
CA ALA B 336 -8.77 -14.91 15.68
C ALA B 336 -10.29 -15.02 15.65
N ALA B 337 -10.97 -13.98 16.12
CA ALA B 337 -12.46 -13.89 16.04
C ALA B 337 -12.86 -13.91 14.56
N GLU B 338 -12.01 -13.35 13.69
CA GLU B 338 -12.20 -13.39 12.22
C GLU B 338 -10.88 -13.78 11.58
N PHE B 339 -10.87 -14.89 10.88
CA PHE B 339 -9.63 -15.53 10.42
C PHE B 339 -9.83 -15.73 8.93
N GLN B 340 -9.13 -14.96 8.11
CA GLN B 340 -9.45 -14.86 6.66
C GLN B 340 -9.65 -16.23 5.98
N ALA B 341 -10.80 -16.35 5.37
CA ALA B 341 -11.23 -17.45 4.49
C ALA B 341 -11.97 -16.79 3.32
N GLY B 342 -11.52 -17.01 2.09
CA GLY B 342 -11.99 -16.19 0.97
C GLY B 342 -11.55 -14.73 1.14
N THR B 343 -12.20 -13.86 0.40
CA THR B 343 -11.89 -12.43 0.30
C THR B 343 -13.21 -11.64 0.35
N ARG B 344 -13.20 -10.57 1.10
CA ARG B 344 -14.30 -9.58 1.12
C ARG B 344 -14.39 -8.87 -0.24
N GLU B 345 -13.31 -8.87 -1.02
CA GLU B 345 -13.21 -8.02 -2.23
C GLU B 345 -12.89 -8.88 -3.44
N HIS B 346 -13.78 -8.93 -4.44
CA HIS B 346 -13.64 -9.78 -5.65
C HIS B 346 -12.25 -9.60 -6.28
N HIS B 347 -11.77 -8.34 -6.34
CA HIS B 347 -10.56 -7.93 -7.09
C HIS B 347 -9.29 -8.18 -6.25
N VAL B 348 -9.48 -8.66 -5.01
CA VAL B 348 -8.37 -8.92 -4.04
C VAL B 348 -8.39 -10.40 -3.76
N LYS B 349 -7.63 -11.17 -4.54
CA LYS B 349 -7.77 -12.63 -4.57
C LYS B 349 -7.28 -13.23 -3.26
N ALA B 350 -7.90 -14.33 -2.86
CA ALA B 350 -7.50 -15.13 -1.70
C ALA B 350 -7.33 -16.56 -2.16
N TYR B 351 -6.08 -16.94 -2.43
CA TYR B 351 -5.71 -18.26 -2.93
C TYR B 351 -5.71 -19.24 -1.78
N ALA B 352 -6.41 -20.35 -2.00
CA ALA B 352 -6.44 -21.51 -1.10
C ALA B 352 -5.02 -21.85 -0.65
N LYS B 353 -4.07 -21.86 -1.58
CA LYS B 353 -2.68 -22.26 -1.27
C LYS B 353 -2.00 -21.18 -0.44
N ASP B 354 -2.41 -19.93 -0.53
CA ASP B 354 -1.84 -18.87 0.35
C ASP B 354 -2.41 -19.10 1.76
N LEU B 355 -3.74 -19.11 1.87
CA LEU B 355 -4.42 -19.19 3.19
C LEU B 355 -4.02 -20.48 3.92
N GLU B 356 -3.80 -21.59 3.19
CA GLU B 356 -3.34 -22.85 3.89
C GLU B 356 -2.03 -22.59 4.65
N THR B 357 -1.07 -21.95 3.99
CA THR B 357 0.20 -21.52 4.60
C THR B 357 -0.09 -20.57 5.76
N PHE B 358 -0.94 -19.57 5.58
CA PHE B 358 -1.30 -18.61 6.66
C PHE B 358 -1.83 -19.35 7.87
N TYR B 359 -2.64 -20.37 7.65
CA TYR B 359 -3.24 -21.17 8.76
C TYR B 359 -2.13 -21.87 9.54
N ILE B 360 -1.21 -22.55 8.87
CA ILE B 360 -0.08 -23.23 9.55
C ILE B 360 0.86 -22.21 10.22
N ALA B 361 1.21 -21.12 9.56
CA ALA B 361 2.05 -20.06 10.13
C ALA B 361 1.41 -19.53 11.43
N SER B 362 0.09 -19.41 11.45
CA SER B 362 -0.67 -18.91 12.62
C SER B 362 -0.45 -19.87 13.80
N LEU B 363 -0.42 -21.18 13.54
CA LEU B 363 -0.12 -22.19 14.61
C LEU B 363 1.32 -21.94 15.09
N ALA B 364 2.30 -21.81 14.17
CA ALA B 364 3.71 -21.49 14.48
C ALA B 364 3.74 -20.26 15.40
N HIS B 365 2.92 -19.27 15.07
CA HIS B 365 2.88 -17.93 15.69
C HIS B 365 1.96 -17.90 16.91
N GLY B 366 1.51 -19.04 17.46
CA GLY B 366 0.91 -19.12 18.81
C GLY B 366 -0.59 -18.98 18.87
N ILE B 367 -1.29 -19.05 17.73
CA ILE B 367 -2.77 -18.94 17.73
C ILE B 367 -3.33 -20.22 18.39
N LYS B 368 -4.37 -20.04 19.20
CA LYS B 368 -4.98 -21.11 20.03
C LYS B 368 -6.39 -21.44 19.55
N GLY B 369 -6.91 -20.68 18.60
CA GLY B 369 -8.26 -20.91 18.06
C GLY B 369 -8.59 -19.92 16.99
N PHE B 370 -9.55 -20.24 16.15
CA PHE B 370 -9.95 -19.27 15.13
C PHE B 370 -11.32 -19.59 14.54
N ASN B 371 -11.83 -18.55 13.91
CA ASN B 371 -13.15 -18.55 13.25
C ASN B 371 -12.91 -18.15 11.80
N TYR B 372 -13.01 -19.13 10.91
CA TYR B 372 -12.87 -18.89 9.44
C TYR B 372 -13.94 -17.89 8.99
N TYR B 373 -13.49 -16.76 8.49
CA TYR B 373 -14.34 -15.62 8.10
C TYR B 373 -13.95 -15.22 6.67
N MET B 374 -14.71 -15.64 5.63
CA MET B 374 -16.00 -16.35 5.74
C MET B 374 -15.85 -17.80 5.31
N PHE B 375 -16.36 -18.72 6.12
CA PHE B 375 -16.39 -20.14 5.76
C PHE B 375 -17.37 -20.30 4.60
N SER B 376 -18.53 -19.71 4.77
CA SER B 376 -19.62 -19.74 3.77
C SER B 376 -19.79 -18.33 3.21
N GLN B 377 -19.77 -18.24 1.90
CA GLN B 377 -20.24 -17.05 1.14
C GLN B 377 -21.69 -16.77 1.50
N GLY B 378 -22.13 -15.53 1.28
CA GLY B 378 -23.54 -15.16 1.51
C GLY B 378 -24.10 -14.43 0.30
N ILE B 379 -25.43 -14.44 0.15
CA ILE B 379 -26.11 -13.56 -0.83
C ILE B 379 -26.92 -12.57 0.01
N ASN B 380 -26.66 -11.28 -0.15
CA ASN B 380 -27.38 -10.22 0.57
C ASN B 380 -28.86 -10.33 0.23
N PRO B 381 -29.76 -10.42 1.23
CA PRO B 381 -31.19 -10.40 0.95
C PRO B 381 -31.54 -9.02 0.40
N GLU B 382 -32.55 -8.97 -0.49
CA GLU B 382 -33.35 -7.77 -0.86
C GLU B 382 -32.54 -6.48 -0.68
N GLY B 383 -31.39 -6.34 -1.36
CA GLY B 383 -30.59 -5.11 -1.44
C GLY B 383 -30.03 -4.64 -0.09
N LYS B 384 -29.89 -5.52 0.91
CA LYS B 384 -29.47 -5.17 2.30
C LYS B 384 -27.94 -5.17 2.44
N GLY B 385 -27.24 -5.54 1.38
CA GLY B 385 -25.78 -5.49 1.32
C GLY B 385 -25.38 -4.04 1.16
N PHE B 386 -24.29 -3.65 1.81
CA PHE B 386 -23.69 -2.31 1.69
C PHE B 386 -23.19 -2.11 0.27
N TYR B 387 -22.60 -3.17 -0.29
CA TYR B 387 -22.05 -3.25 -1.67
C TYR B 387 -23.03 -4.02 -2.55
N GLY B 388 -22.55 -4.94 -3.38
CA GLY B 388 -23.35 -5.69 -4.34
C GLY B 388 -24.16 -6.84 -3.71
N LYS B 389 -24.55 -7.78 -4.55
CA LYS B 389 -25.44 -8.89 -4.16
C LYS B 389 -24.66 -9.90 -3.34
N THR B 390 -23.38 -10.11 -3.63
CA THR B 390 -22.63 -11.26 -3.07
C THR B 390 -21.76 -10.81 -1.89
N PHE B 391 -21.71 -11.63 -0.84
CA PHE B 391 -20.90 -11.38 0.37
C PHE B 391 -19.79 -12.41 0.37
N TYR B 392 -18.58 -11.93 0.08
CA TYR B 392 -17.31 -12.70 0.04
C TYR B 392 -17.24 -13.58 -1.22
N PHE B 393 -16.01 -14.00 -1.53
CA PHE B 393 -15.66 -14.81 -2.72
C PHE B 393 -14.55 -15.78 -2.31
N GLN B 394 -14.38 -16.86 -3.07
CA GLN B 394 -13.27 -17.84 -2.87
C GLN B 394 -13.31 -18.38 -1.44
N THR B 395 -14.49 -18.49 -0.87
CA THR B 395 -14.69 -19.05 0.50
C THR B 395 -14.53 -20.58 0.46
N ALA B 396 -14.82 -21.27 1.56
CA ALA B 396 -14.80 -22.75 1.63
C ALA B 396 -16.01 -23.31 0.87
N LEU B 397 -17.18 -22.68 1.09
CA LEU B 397 -18.45 -22.99 0.41
C LEU B 397 -18.98 -21.71 -0.25
N ASP B 398 -19.59 -21.82 -1.42
CA ASP B 398 -20.34 -20.66 -1.95
C ASP B 398 -21.68 -20.60 -1.21
N ALA B 399 -22.50 -19.61 -1.52
CA ALA B 399 -23.76 -19.31 -0.80
C ALA B 399 -24.70 -20.51 -0.96
N ALA B 400 -24.56 -21.26 -2.05
CA ALA B 400 -25.41 -22.46 -2.35
C ALA B 400 -24.80 -23.74 -1.78
N SER B 401 -23.76 -23.62 -0.95
CA SER B 401 -23.03 -24.71 -0.25
C SER B 401 -22.22 -25.56 -1.22
N ASN B 402 -21.94 -25.08 -2.44
CA ASN B 402 -20.94 -25.73 -3.33
C ASN B 402 -19.58 -25.66 -2.65
N LYS B 403 -18.87 -26.77 -2.55
CA LYS B 403 -17.46 -26.79 -2.11
C LYS B 403 -16.60 -26.04 -3.13
N LEU B 404 -15.68 -25.20 -2.65
CA LEU B 404 -14.68 -24.49 -3.48
C LEU B 404 -13.30 -24.96 -3.06
N ALA B 405 -12.24 -24.51 -3.73
CA ALA B 405 -10.84 -24.97 -3.51
C ALA B 405 -10.43 -24.88 -2.01
N LEU B 406 -10.88 -23.86 -1.27
CA LEU B 406 -10.42 -23.65 0.13
C LEU B 406 -10.91 -24.78 1.04
N TYR B 407 -12.03 -25.42 0.71
CA TYR B 407 -12.68 -26.44 1.56
C TYR B 407 -11.65 -27.52 1.92
N ASP B 408 -10.97 -28.06 0.90
CA ASP B 408 -9.98 -29.15 1.08
C ASP B 408 -8.75 -28.67 1.86
N SER B 409 -8.34 -27.40 1.70
CA SER B 409 -7.24 -26.83 2.50
C SER B 409 -7.66 -26.78 3.95
N ILE B 410 -8.88 -26.33 4.21
CA ILE B 410 -9.34 -26.18 5.62
C ILE B 410 -9.50 -27.58 6.23
N LYS B 411 -9.98 -28.54 5.47
CA LYS B 411 -10.15 -29.93 6.00
C LYS B 411 -8.76 -30.52 6.34
N LYS B 412 -7.74 -30.29 5.52
CA LYS B 412 -6.35 -30.72 5.75
C LYS B 412 -5.80 -30.08 7.03
N VAL B 413 -5.84 -28.75 7.14
CA VAL B 413 -5.28 -28.02 8.33
C VAL B 413 -6.03 -28.49 9.59
N ASN B 414 -7.35 -28.62 9.53
CA ASN B 414 -8.17 -29.02 10.70
C ASN B 414 -7.80 -30.43 11.17
N ARG B 415 -7.49 -31.33 10.23
CA ARG B 415 -7.12 -32.75 10.53
C ARG B 415 -5.80 -32.72 11.30
N PHE B 416 -4.83 -31.93 10.82
CA PHE B 416 -3.54 -31.75 11.52
C PHE B 416 -3.78 -31.21 12.93
N ILE B 417 -4.60 -30.18 13.06
CA ILE B 417 -4.87 -29.51 14.38
C ILE B 417 -5.49 -30.52 15.35
N ARG B 418 -6.48 -31.27 14.91
CA ARG B 418 -7.19 -32.26 15.80
C ARG B 418 -6.24 -33.35 16.26
N LYS B 419 -5.36 -33.83 15.37
CA LYS B 419 -4.33 -34.85 15.67
C LYS B 419 -3.33 -34.33 16.71
N GLU B 420 -2.99 -33.03 16.71
CA GLU B 420 -1.86 -32.47 17.50
C GLU B 420 -2.33 -31.61 18.67
N GLN B 421 -3.59 -31.19 18.71
CA GLN B 421 -4.02 -30.09 19.60
C GLN B 421 -3.61 -30.36 21.05
N LYS B 422 -3.64 -31.61 21.49
CA LYS B 422 -3.45 -31.96 22.92
C LYS B 422 -2.05 -31.50 23.36
N ASP B 423 -1.03 -31.74 22.52
CA ASP B 423 0.37 -31.38 22.80
C ASP B 423 0.66 -29.96 22.27
N LEU B 424 0.25 -29.65 21.03
CA LEU B 424 0.54 -28.35 20.37
C LEU B 424 0.04 -27.17 21.23
N LEU B 425 -1.17 -27.24 21.75
CA LEU B 425 -1.78 -26.14 22.54
C LEU B 425 -0.98 -25.84 23.82
N ARG B 426 -0.28 -26.84 24.34
CA ARG B 426 0.50 -26.72 25.60
C ARG B 426 1.98 -26.40 25.29
N THR B 427 2.31 -25.98 24.08
CA THR B 427 3.72 -25.66 23.72
C THR B 427 3.90 -24.14 23.71
N ASN B 428 5.10 -23.70 24.05
CA ASN B 428 5.48 -22.28 23.88
C ASN B 428 6.86 -22.23 23.22
N VAL B 429 7.22 -21.05 22.72
CA VAL B 429 8.59 -20.79 22.22
C VAL B 429 9.41 -20.32 23.43
N ASN B 430 10.71 -20.56 23.40
CA ASN B 430 11.64 -20.13 24.47
C ASN B 430 12.15 -18.74 24.08
N SER B 431 11.53 -17.68 24.58
CA SER B 431 11.96 -16.29 24.29
C SER B 431 12.94 -15.81 25.36
N GLU B 432 14.12 -15.40 24.93
CA GLU B 432 15.18 -14.79 25.76
C GLU B 432 15.19 -13.29 25.50
N ILE B 433 14.44 -12.83 24.51
CA ILE B 433 14.29 -11.39 24.18
C ILE B 433 12.88 -10.93 24.55
N CYS B 434 12.81 -9.80 25.23
CA CYS B 434 11.55 -9.12 25.57
C CYS B 434 11.55 -7.76 24.89
N VAL B 435 10.48 -7.43 24.18
CA VAL B 435 10.34 -6.10 23.53
C VAL B 435 9.23 -5.35 24.28
N GLY B 436 9.52 -4.12 24.71
CA GLY B 436 8.56 -3.36 25.49
C GLY B 436 7.45 -2.80 24.60
N PHE B 437 6.21 -2.84 25.08
CA PHE B 437 5.04 -2.19 24.46
C PHE B 437 4.71 -0.96 25.28
N TYR B 438 5.03 0.22 24.78
CA TYR B 438 4.75 1.49 25.51
C TYR B 438 3.51 2.10 24.87
N LYS B 439 2.36 1.91 25.49
CA LYS B 439 1.04 2.17 24.87
C LYS B 439 0.88 3.64 24.51
N PRO B 440 1.38 4.63 25.31
CA PRO B 440 1.20 6.02 24.93
C PRO B 440 1.66 6.40 23.52
N TYR B 441 2.66 5.71 22.96
CA TYR B 441 3.14 5.98 21.61
C TYR B 441 2.05 5.63 20.58
N PHE B 442 1.08 4.78 20.96
CA PHE B 442 0.06 4.18 20.06
C PHE B 442 -1.24 5.01 20.12
N PHE B 443 -1.35 5.92 21.08
CA PHE B 443 -2.56 6.74 21.38
C PHE B 443 -2.62 7.94 20.44
N THR B 444 -2.83 7.72 19.12
CA THR B 444 -2.79 8.80 18.11
C THR B 444 -3.91 8.65 17.04
N GLU B 445 -4.94 7.81 17.24
CA GLU B 445 -5.90 7.51 16.14
C GLU B 445 -6.68 8.78 15.74
N LEU B 446 -6.73 9.79 16.61
CA LEU B 446 -7.37 11.11 16.34
C LEU B 446 -6.42 12.11 15.65
N ILE B 447 -5.09 11.87 15.65
CA ILE B 447 -4.12 12.93 15.20
C ILE B 447 -3.07 12.41 14.21
N SER B 448 -2.85 11.11 14.14
CA SER B 448 -1.80 10.55 13.26
C SER B 448 -2.05 9.07 13.02
N SER B 449 -2.42 8.70 11.80
CA SER B 449 -2.68 7.30 11.39
C SER B 449 -2.58 7.16 9.88
N GLN B 450 -2.54 5.91 9.42
CA GLN B 450 -2.53 5.55 7.99
C GLN B 450 -3.86 5.98 7.38
N LEU B 451 -4.90 6.17 8.20
CA LEU B 451 -6.27 6.44 7.66
C LEU B 451 -6.72 7.89 7.86
N LEU B 452 -6.16 8.63 8.83
CA LEU B 452 -6.23 10.11 8.84
C LEU B 452 -5.35 10.61 7.68
N LYS B 453 -5.91 11.31 6.69
CA LYS B 453 -5.10 11.84 5.53
C LYS B 453 -4.51 13.21 5.91
N GLU B 454 -5.28 14.08 6.56
CA GLU B 454 -4.70 15.32 7.16
C GLU B 454 -4.26 15.03 8.61
N LYS B 455 -2.94 14.78 8.79
CA LYS B 455 -2.20 14.61 10.08
C LYS B 455 -2.35 15.86 10.95
N LYS B 456 -2.82 15.72 12.19
CA LYS B 456 -2.88 16.82 13.17
C LYS B 456 -1.55 16.89 13.95
N LEU B 457 -0.75 15.82 13.98
CA LEU B 457 0.51 15.78 14.78
C LEU B 457 1.73 15.98 13.87
N ASN B 458 2.43 17.11 13.99
CA ASN B 458 3.74 17.37 13.35
C ASN B 458 4.70 17.70 14.49
N VAL B 459 5.47 16.72 14.91
CA VAL B 459 6.27 16.84 16.18
C VAL B 459 7.31 17.94 16.04
N GLU B 460 7.74 18.28 14.83
CA GLU B 460 8.77 19.35 14.63
C GLU B 460 8.23 20.68 15.12
N GLU B 461 6.92 20.92 15.04
CA GLU B 461 6.31 22.18 15.58
C GLU B 461 6.37 22.17 17.11
N LEU B 462 6.62 21.03 17.75
CA LEU B 462 6.68 20.93 19.22
C LEU B 462 8.14 20.89 19.72
N GLY B 463 9.13 21.05 18.86
CA GLY B 463 10.55 20.99 19.24
C GLY B 463 11.02 19.56 19.42
N LEU B 464 10.35 18.59 18.81
CA LEU B 464 10.71 17.15 18.86
C LEU B 464 11.09 16.74 17.45
N TYR B 465 11.77 15.60 17.28
CA TYR B 465 12.12 15.09 15.93
C TYR B 465 11.73 13.62 15.77
N ILE B 466 11.37 12.94 16.86
CA ILE B 466 10.98 11.49 16.80
C ILE B 466 9.46 11.39 16.96
N ASP B 467 8.82 11.08 15.85
CA ASP B 467 7.36 10.95 15.77
C ASP B 467 7.01 9.57 16.30
N PRO B 468 6.05 9.46 17.23
CA PRO B 468 5.73 8.16 17.84
C PRO B 468 5.12 7.14 16.87
N ARG B 469 4.42 7.59 15.81
CA ARG B 469 3.84 6.64 14.82
C ARG B 469 4.96 6.14 13.91
N PHE B 470 5.85 7.03 13.45
CA PHE B 470 7.01 6.60 12.66
C PHE B 470 7.81 5.56 13.48
N LEU B 471 8.07 5.86 14.75
CA LEU B 471 8.83 4.96 15.66
C LEU B 471 8.11 3.61 15.74
N ARG B 472 6.82 3.60 16.08
CA ARG B 472 6.12 2.33 16.39
C ARG B 472 5.85 1.53 15.09
N GLU B 473 5.71 2.19 13.94
CA GLU B 473 5.49 1.51 12.62
C GLU B 473 6.80 1.06 11.97
N GLU B 474 7.77 1.97 11.80
CA GLU B 474 8.98 1.70 10.97
C GLU B 474 10.13 1.16 11.84
N ILE B 475 10.31 1.64 13.06
CA ILE B 475 11.46 1.24 13.89
C ILE B 475 11.07 -0.06 14.63
N LEU B 476 9.83 -0.13 15.16
CA LEU B 476 9.36 -1.29 15.95
C LEU B 476 8.72 -2.35 15.04
N PHE B 477 7.56 -2.04 14.47
CA PHE B 477 6.69 -3.07 13.81
C PHE B 477 7.39 -3.63 12.59
N ASN B 478 7.78 -2.78 11.63
CA ASN B 478 8.39 -3.21 10.33
C ASN B 478 9.90 -3.35 10.46
N GLY B 479 10.49 -2.90 11.58
CA GLY B 479 11.95 -2.90 11.77
C GLY B 479 12.36 -4.01 12.70
N LEU B 480 12.31 -3.76 14.02
CA LEU B 480 12.85 -4.69 15.03
C LEU B 480 12.03 -5.99 15.01
N LEU B 481 10.71 -5.94 15.04
CA LEU B 481 9.90 -7.20 15.14
C LEU B 481 10.09 -7.99 13.84
N ARG B 482 10.08 -7.28 12.69
CA ARG B 482 10.27 -7.91 11.36
C ARG B 482 11.67 -8.55 11.32
N GLY B 483 12.69 -7.83 11.79
CA GLY B 483 14.09 -8.30 11.79
C GLY B 483 14.26 -9.55 12.66
N LEU B 484 13.73 -9.55 13.89
CA LEU B 484 13.92 -10.71 14.81
C LEU B 484 13.27 -11.93 14.16
N GLN B 485 12.06 -11.76 13.63
CA GLN B 485 11.29 -12.88 13.03
C GLN B 485 12.07 -13.39 11.82
N THR B 486 12.65 -12.49 11.01
CA THR B 486 13.41 -12.87 9.81
C THR B 486 14.68 -13.65 10.22
N LEU B 487 15.28 -13.25 11.34
CA LEU B 487 16.54 -13.84 11.86
C LEU B 487 16.21 -15.12 12.64
N ASN B 488 14.93 -15.42 12.82
CA ASN B 488 14.42 -16.57 13.61
C ASN B 488 14.90 -16.48 15.05
N TYR B 489 14.81 -15.31 15.66
CA TYR B 489 15.02 -15.14 17.12
C TYR B 489 13.65 -14.97 17.74
N ASN B 490 13.31 -15.83 18.69
CA ASN B 490 12.06 -15.70 19.49
C ASN B 490 12.08 -14.36 20.23
N TYR B 491 10.96 -13.65 20.23
CA TYR B 491 10.73 -12.52 21.17
C TYR B 491 9.37 -12.66 21.84
N ASP B 492 9.24 -12.11 23.02
CA ASP B 492 7.95 -11.83 23.65
C ASP B 492 7.79 -10.31 23.73
N VAL B 493 6.55 -9.86 23.76
CA VAL B 493 6.22 -8.44 24.00
C VAL B 493 5.63 -8.36 25.39
N VAL B 494 5.96 -7.29 26.11
N VAL B 494 5.95 -7.31 26.13
CA VAL B 494 5.41 -7.02 27.47
CA VAL B 494 5.38 -7.08 27.49
C VAL B 494 4.83 -5.61 27.50
C VAL B 494 4.86 -5.64 27.59
N ASP B 495 3.63 -5.48 28.07
CA ASP B 495 2.97 -4.19 28.29
C ASP B 495 3.71 -3.51 29.45
N LEU B 496 4.29 -2.35 29.21
CA LEU B 496 5.12 -1.67 30.23
C LEU B 496 4.25 -1.05 31.34
N GLU B 497 2.95 -0.81 31.09
CA GLU B 497 2.06 -0.14 32.08
C GLU B 497 1.83 -1.06 33.30
N ASN B 498 2.12 -0.56 34.50
CA ASN B 498 1.97 -1.32 35.76
C ASN B 498 2.70 -2.65 35.62
N CYS B 499 3.85 -2.66 34.96
CA CYS B 499 4.58 -3.91 34.62
C CYS B 499 5.38 -4.37 35.84
N ASP B 500 5.29 -5.65 36.14
CA ASP B 500 5.98 -6.33 37.26
C ASP B 500 7.47 -6.40 36.94
N LEU B 501 8.35 -5.89 37.82
CA LEU B 501 9.81 -6.04 37.66
C LEU B 501 10.17 -7.52 37.47
N LYS B 502 9.55 -8.41 38.23
CA LYS B 502 9.85 -9.88 38.22
C LYS B 502 9.58 -10.49 36.84
N SER B 503 8.55 -10.06 36.12
CA SER B 503 8.20 -10.63 34.79
C SER B 503 9.10 -10.05 33.67
N LEU B 504 10.06 -9.15 33.99
CA LEU B 504 11.14 -8.74 33.04
C LEU B 504 12.43 -9.53 33.30
N THR B 505 12.65 -10.09 34.50
CA THR B 505 13.96 -10.63 34.93
C THR B 505 14.21 -12.02 34.34
N ALA B 506 13.21 -12.70 33.77
CA ALA B 506 13.36 -14.00 33.08
C ALA B 506 14.16 -13.83 31.77
N TYR B 507 14.12 -12.64 31.17
CA TYR B 507 14.68 -12.37 29.81
C TYR B 507 16.15 -11.94 29.89
N LYS B 508 16.97 -12.42 28.96
CA LYS B 508 18.38 -12.03 28.86
C LYS B 508 18.47 -10.61 28.31
N GLN B 509 17.49 -10.14 27.54
CA GLN B 509 17.55 -8.77 26.97
C GLN B 509 16.15 -8.21 26.96
N LEU B 510 16.05 -6.94 27.31
CA LEU B 510 14.82 -6.16 27.10
C LEU B 510 15.12 -5.07 26.07
N TRP B 511 14.34 -5.01 25.00
CA TRP B 511 14.53 -3.98 23.94
C TRP B 511 13.45 -2.91 24.09
N ILE B 512 13.87 -1.66 24.15
CA ILE B 512 12.95 -0.50 24.28
C ILE B 512 13.19 0.44 23.11
N THR B 513 12.20 0.61 22.26
CA THR B 513 12.19 1.62 21.18
C THR B 513 11.59 2.88 21.80
N SER B 514 12.41 3.91 22.02
CA SER B 514 12.03 5.10 22.82
C SER B 514 12.01 6.33 21.92
N ALA B 515 10.97 7.14 22.07
CA ALA B 515 10.94 8.54 21.59
C ALA B 515 11.55 9.46 22.65
N GLU B 516 11.36 10.75 22.50
CA GLU B 516 11.99 11.74 23.40
C GLU B 516 11.14 11.86 24.66
N PHE B 517 10.00 11.16 24.74
CA PHE B 517 9.05 11.27 25.88
C PHE B 517 8.72 9.87 26.42
N MET B 518 8.61 9.74 27.74
CA MET B 518 8.30 8.47 28.48
C MET B 518 7.91 8.81 29.93
N ASP B 519 6.84 8.24 30.45
CA ASP B 519 6.33 8.63 31.79
C ASP B 519 7.30 8.17 32.89
N ALA B 520 7.26 8.88 34.03
CA ALA B 520 8.10 8.64 35.23
C ALA B 520 8.05 7.16 35.63
N GLU B 521 6.86 6.53 35.60
CA GLU B 521 6.70 5.11 36.03
C GLU B 521 7.51 4.20 35.11
N THR B 522 7.47 4.43 33.80
CA THR B 522 8.25 3.57 32.87
C THR B 522 9.74 3.88 33.01
N GLN B 523 10.11 5.14 33.14
CA GLN B 523 11.54 5.50 33.37
C GLN B 523 12.09 4.83 34.64
N ASN B 524 11.29 4.86 35.72
CA ASN B 524 11.60 4.22 37.02
C ASN B 524 11.72 2.72 36.82
N LEU B 525 10.76 2.10 36.12
CA LEU B 525 10.74 0.63 35.88
C LEU B 525 12.05 0.20 35.19
N LEU B 526 12.46 0.94 34.16
CA LEU B 526 13.63 0.55 33.33
C LEU B 526 14.92 0.81 34.15
N SER B 527 14.93 1.86 34.99
CA SER B 527 16.08 2.17 35.88
C SER B 527 16.32 0.99 36.81
N GLU B 528 15.26 0.53 37.45
CA GLU B 528 15.29 -0.60 38.42
C GLU B 528 15.70 -1.86 37.68
N PHE B 529 15.16 -2.05 36.48
CA PHE B 529 15.42 -3.27 35.68
C PHE B 529 16.93 -3.46 35.51
N VAL B 530 17.63 -2.43 35.07
CA VAL B 530 19.10 -2.52 34.81
C VAL B 530 19.87 -2.58 36.14
N LEU B 531 19.48 -1.77 37.14
CA LEU B 531 20.21 -1.72 38.44
C LEU B 531 20.20 -3.11 39.09
N ASN B 532 19.10 -3.84 38.95
CA ASN B 532 18.95 -5.16 39.63
C ASN B 532 19.56 -6.28 38.78
N GLY B 533 20.13 -5.98 37.61
CA GLY B 533 20.91 -6.94 36.83
C GLY B 533 20.39 -7.19 35.44
N GLY B 534 19.43 -6.41 34.96
CA GLY B 534 18.88 -6.59 33.60
C GLY B 534 19.75 -5.99 32.51
N ASN B 535 19.65 -6.54 31.28
CA ASN B 535 20.35 -6.06 30.07
C ASN B 535 19.34 -5.30 29.22
N LEU B 536 19.55 -4.00 29.09
CA LEU B 536 18.62 -3.09 28.38
C LEU B 536 19.27 -2.65 27.09
N ILE B 537 18.51 -2.75 26.00
CA ILE B 537 18.87 -2.15 24.69
C ILE B 537 17.85 -1.04 24.41
N LEU B 538 18.30 0.20 24.20
CA LEU B 538 17.43 1.38 24.15
C LEU B 538 17.88 2.27 22.98
N TYR B 539 16.95 2.63 22.11
CA TYR B 539 17.19 3.47 20.91
C TYR B 539 15.81 3.86 20.40
N PRO B 540 15.70 4.91 19.57
CA PRO B 540 16.84 5.78 19.23
C PRO B 540 17.19 6.98 20.15
N ALA B 541 16.46 7.14 21.24
CA ALA B 541 16.63 8.31 22.13
C ALA B 541 16.53 7.88 23.58
N VAL B 542 17.46 8.35 24.41
CA VAL B 542 17.18 8.50 25.86
C VAL B 542 16.09 9.56 25.98
N PRO B 543 14.94 9.22 26.59
CA PRO B 543 13.84 10.18 26.75
C PRO B 543 14.21 11.24 27.79
N THR B 544 13.72 12.45 27.63
CA THR B 544 13.97 13.56 28.58
C THR B 544 12.65 14.23 29.02
N LEU B 545 11.50 13.75 28.52
CA LEU B 545 10.17 14.35 28.79
C LEU B 545 9.20 13.24 29.22
N ASP B 546 8.10 13.63 29.86
CA ASP B 546 7.00 12.72 30.27
C ASP B 546 5.93 12.75 29.16
N ASN B 547 4.77 12.13 29.37
CA ASN B 547 3.71 12.06 28.33
C ASN B 547 3.10 13.43 28.04
N TYR B 548 3.29 14.41 28.92
CA TYR B 548 2.77 15.78 28.73
C TYR B 548 3.89 16.67 28.20
N LEU B 549 5.04 16.06 27.92
CA LEU B 549 6.19 16.78 27.31
C LEU B 549 6.76 17.76 28.32
N ASN B 550 6.61 17.48 29.61
CA ASN B 550 7.26 18.22 30.72
C ASN B 550 8.55 17.48 31.11
N ARG B 551 9.55 18.21 31.61
CA ARG B 551 10.88 17.61 31.85
C ARG B 551 10.73 16.33 32.71
N CYS B 552 11.34 15.23 32.27
CA CYS B 552 11.46 14.00 33.07
C CYS B 552 12.68 13.22 32.59
N GLU B 553 13.74 13.22 33.41
CA GLU B 553 15.09 12.70 33.05
C GLU B 553 15.48 11.68 34.11
N ILE B 554 14.50 10.93 34.65
CA ILE B 554 14.79 9.87 35.67
C ILE B 554 15.78 8.86 35.07
N LEU B 555 15.47 8.30 33.91
CA LEU B 555 16.31 7.23 33.30
C LEU B 555 17.69 7.81 32.98
N LYS B 556 17.74 8.95 32.32
CA LYS B 556 18.98 9.66 31.94
C LYS B 556 19.89 9.89 33.17
N ASN B 557 19.36 10.45 34.26
CA ASN B 557 20.17 10.74 35.46
C ASN B 557 20.57 9.45 36.19
N ASN B 558 19.67 8.46 36.30
CA ASN B 558 19.95 7.19 37.00
C ASN B 558 21.06 6.45 36.28
N PHE B 559 21.20 6.63 34.96
CA PHE B 559 22.22 5.91 34.15
C PHE B 559 23.45 6.80 33.91
N GLY B 560 23.49 8.00 34.50
CA GLY B 560 24.64 8.92 34.35
C GLY B 560 24.94 9.23 32.89
N ILE B 561 23.88 9.46 32.10
CA ILE B 561 23.99 9.74 30.64
C ILE B 561 23.96 11.24 30.46
N GLU B 562 24.84 11.73 29.60
CA GLU B 562 24.84 13.11 29.10
C GLU B 562 24.91 13.03 27.59
N PHE B 563 24.18 13.90 26.90
CA PHE B 563 24.18 13.95 25.43
C PHE B 563 23.89 15.38 24.97
N ILE B 564 24.28 15.62 23.73
CA ILE B 564 23.87 16.77 22.89
C ILE B 564 23.26 16.18 21.62
N THR B 565 22.16 16.74 21.15
CA THR B 565 21.53 16.35 19.87
C THR B 565 22.18 17.17 18.74
N LYS B 566 22.82 16.51 17.81
CA LYS B 566 23.60 17.13 16.69
C LYS B 566 23.20 16.49 15.36
N ASP B 567 23.24 17.30 14.29
CA ASP B 567 22.96 16.89 12.89
C ASP B 567 24.17 16.22 12.27
N SER B 568 23.98 15.08 11.62
CA SER B 568 25.04 14.39 10.85
C SER B 568 24.41 13.65 9.66
N SER B 569 25.25 13.09 8.82
CA SER B 569 24.88 12.15 7.73
C SER B 569 23.96 11.09 8.35
N HIS B 570 23.03 10.59 7.53
CA HIS B 570 22.07 9.53 7.93
C HIS B 570 22.81 8.23 8.31
N LYS B 571 23.97 7.96 7.70
CA LYS B 571 24.69 6.70 7.92
C LYS B 571 25.62 6.81 9.13
N VAL B 572 25.62 5.78 9.96
CA VAL B 572 26.59 5.61 11.08
C VAL B 572 27.33 4.29 10.91
N SER B 573 28.37 4.09 11.71
CA SER B 573 28.97 2.76 11.90
C SER B 573 28.60 2.33 13.32
N ALA B 574 28.40 1.03 13.52
CA ALA B 574 27.90 0.49 14.80
C ALA B 574 28.42 -0.92 14.93
N PHE B 575 29.19 -1.18 15.98
CA PHE B 575 29.81 -2.50 16.26
C PHE B 575 30.62 -2.94 15.04
N GLY B 576 31.30 -2.00 14.40
CA GLY B 576 32.17 -2.29 13.24
C GLY B 576 31.39 -2.50 11.97
N ILE B 577 30.06 -2.40 12.01
CA ILE B 577 29.25 -2.43 10.76
C ILE B 577 29.27 -1.03 10.17
N GLU B 578 29.86 -0.86 9.00
CA GLU B 578 29.92 0.44 8.28
C GLU B 578 28.61 0.66 7.51
N ASP B 579 28.26 1.93 7.28
CA ASP B 579 27.14 2.35 6.42
C ASP B 579 25.81 1.77 6.92
N VAL B 580 25.49 1.94 8.20
CA VAL B 580 24.14 1.69 8.74
C VAL B 580 23.28 2.94 8.47
N PHE B 581 22.29 2.81 7.59
CA PHE B 581 21.38 3.93 7.27
C PHE B 581 20.45 4.16 8.48
N THR B 582 20.40 5.40 8.97
CA THR B 582 19.50 5.80 10.09
C THR B 582 18.46 6.80 9.59
N ALA B 583 17.34 6.90 10.31
CA ALA B 583 16.15 7.64 9.89
C ALA B 583 16.39 9.15 9.92
N PHE B 584 17.21 9.63 10.88
CA PHE B 584 17.32 11.07 11.23
C PHE B 584 18.74 11.60 11.11
N SER B 585 18.84 12.82 10.60
CA SER B 585 20.08 13.62 10.64
C SER B 585 20.44 13.87 12.12
N LYS B 586 19.47 14.31 12.92
CA LYS B 586 19.68 14.56 14.36
C LYS B 586 19.93 13.22 15.07
N LYS B 587 20.96 13.17 15.90
CA LYS B 587 21.32 11.98 16.71
C LYS B 587 21.76 12.46 18.09
N GLN B 588 21.68 11.57 19.07
CA GLN B 588 22.23 11.80 20.42
C GLN B 588 23.72 11.47 20.40
N ILE B 589 24.57 12.43 20.79
CA ILE B 589 26.04 12.27 20.90
C ILE B 589 26.35 12.20 22.40
N TYR B 590 26.88 11.07 22.86
CA TYR B 590 26.95 10.72 24.29
C TYR B 590 28.34 11.07 24.83
N ASN B 591 28.36 11.68 26.01
CA ASN B 591 29.57 11.72 26.87
C ASN B 591 29.94 10.26 27.18
N ASP B 592 31.20 9.87 26.96
CA ASP B 592 31.61 8.44 27.05
C ASP B 592 32.33 8.15 28.37
N THR B 593 32.28 9.06 29.35
CA THR B 593 32.88 8.80 30.68
C THR B 593 32.22 7.53 31.27
N ASN B 594 33.05 6.61 31.77
CA ASN B 594 32.62 5.33 32.39
C ASN B 594 31.79 4.51 31.38
N SER B 595 32.03 4.67 30.08
CA SER B 595 31.22 4.04 29.00
C SER B 595 32.17 3.49 27.95
N LYS B 596 31.69 2.54 27.15
CA LYS B 596 32.42 2.11 25.93
C LYS B 596 31.67 2.64 24.71
N PRO B 597 32.31 3.45 23.86
CA PRO B 597 31.69 3.89 22.62
C PRO B 597 31.62 2.74 21.61
N ILE B 598 30.46 2.54 20.98
CA ILE B 598 30.23 1.38 20.06
C ILE B 598 29.56 1.85 18.75
N ALA B 599 29.22 3.13 18.59
CA ALA B 599 28.67 3.65 17.33
C ALA B 599 29.20 5.06 17.10
N PHE B 600 29.39 5.42 15.84
CA PHE B 600 30.09 6.67 15.44
C PHE B 600 29.39 7.31 14.23
N THR B 601 29.28 8.63 14.21
CA THR B 601 28.82 9.37 13.03
C THR B 601 29.91 9.38 11.94
N GLN B 602 29.61 9.93 10.76
CA GLN B 602 30.61 10.05 9.68
C GLN B 602 31.80 10.92 10.16
N GLU B 603 31.60 11.83 11.13
CA GLU B 603 32.67 12.71 11.70
C GLU B 603 33.25 12.07 12.96
N ASN B 604 32.94 10.81 13.24
CA ASN B 604 33.49 10.02 14.36
C ASN B 604 33.00 10.52 15.72
N GLU B 605 31.82 11.13 15.81
CA GLU B 605 31.19 11.52 17.09
C GLU B 605 30.46 10.29 17.64
N ILE B 606 30.42 10.16 18.96
CA ILE B 606 29.91 8.93 19.65
C ILE B 606 28.39 8.99 19.70
N CYS B 607 27.70 8.15 18.91
CA CYS B 607 26.22 8.08 18.88
C CYS B 607 25.75 6.73 19.41
N GLY B 608 26.57 6.04 20.19
CA GLY B 608 26.15 4.83 20.90
C GLY B 608 27.21 4.40 21.88
N ILE B 609 26.76 3.95 23.06
CA ILE B 609 27.67 3.50 24.16
C ILE B 609 27.12 2.25 24.83
N ARG B 610 27.99 1.49 25.46
CA ARG B 610 27.62 0.41 26.41
C ARG B 610 28.18 0.79 27.77
N LYS B 611 27.52 0.34 28.83
CA LYS B 611 27.79 0.81 30.20
C LYS B 611 27.33 -0.25 31.19
N LYS B 612 28.05 -0.41 32.29
CA LYS B 612 27.56 -1.21 33.43
C LYS B 612 26.91 -0.24 34.39
N ILE B 613 25.70 -0.55 34.84
CA ILE B 613 24.97 0.23 35.87
C ILE B 613 24.44 -0.77 36.89
N GLY B 614 24.90 -0.63 38.14
CA GLY B 614 24.66 -1.61 39.21
C GLY B 614 25.08 -2.97 38.73
N LYS B 615 24.19 -3.95 38.86
CA LYS B 615 24.43 -5.34 38.43
C LYS B 615 24.17 -5.53 36.93
N GLY B 616 23.60 -4.55 36.22
CA GLY B 616 23.13 -4.76 34.83
C GLY B 616 23.97 -4.08 33.77
N GLU B 617 23.47 -4.11 32.54
CA GLU B 617 24.13 -3.61 31.32
C GLU B 617 23.18 -2.72 30.54
N LEU B 618 23.74 -1.67 29.95
CA LEU B 618 23.03 -0.67 29.15
C LEU B 618 23.70 -0.60 27.79
N THR B 619 22.90 -0.70 26.72
CA THR B 619 23.32 -0.43 25.33
C THR B 619 22.38 0.65 24.84
N ILE B 620 22.90 1.85 24.58
CA ILE B 620 22.07 2.96 24.04
C ILE B 620 22.60 3.35 22.67
N LEU B 621 21.71 3.39 21.67
CA LEU B 621 22.01 3.90 20.31
C LEU B 621 21.21 5.19 20.10
N GLY B 622 21.91 6.27 19.76
CA GLY B 622 21.31 7.59 19.59
C GLY B 622 20.87 7.83 18.17
N PHE B 623 20.46 6.77 17.48
CA PHE B 623 20.05 6.79 16.06
C PHE B 623 18.97 5.72 15.86
N ALA B 624 18.12 5.92 14.84
CA ALA B 624 16.93 5.12 14.54
C ALA B 624 17.22 4.28 13.30
N PHE B 625 17.05 2.97 13.38
CA PHE B 625 17.17 2.05 12.21
C PHE B 625 16.01 1.10 12.32
N GLY B 626 15.44 0.74 11.17
CA GLY B 626 14.43 -0.32 11.06
C GLY B 626 15.04 -1.52 10.39
N TYR B 627 14.37 -2.03 9.38
CA TYR B 627 14.92 -3.10 8.52
C TYR B 627 14.69 -2.69 7.08
N THR B 628 15.64 -1.94 6.49
CA THR B 628 15.61 -1.52 5.07
C THR B 628 16.93 -1.81 4.38
N SER B 629 17.85 -2.51 5.04
CA SER B 629 19.14 -2.98 4.47
C SER B 629 19.59 -4.24 5.19
N ASP B 630 20.54 -4.95 4.56
CA ASP B 630 21.22 -6.11 5.16
C ASP B 630 22.02 -5.66 6.38
N GLU B 631 22.57 -4.43 6.43
CA GLU B 631 23.31 -3.95 7.63
C GLU B 631 22.37 -3.90 8.86
N HIS B 632 21.11 -3.60 8.67
CA HIS B 632 20.12 -3.56 9.78
C HIS B 632 19.97 -4.96 10.40
N LEU B 633 19.94 -6.05 9.60
CA LEU B 633 19.85 -7.42 10.14
C LEU B 633 21.17 -7.73 10.84
N GLU B 634 22.30 -7.28 10.28
CA GLU B 634 23.64 -7.52 10.85
C GLU B 634 23.70 -6.83 12.23
N LEU B 635 23.12 -5.64 12.36
CA LEU B 635 23.12 -4.86 13.64
C LEU B 635 22.22 -5.54 14.67
N ILE B 636 21.01 -5.95 14.29
CA ILE B 636 20.09 -6.67 15.21
C ILE B 636 20.79 -7.94 15.70
N ASP B 637 21.43 -8.67 14.80
CA ASP B 637 22.15 -9.93 15.14
C ASP B 637 23.31 -9.66 16.11
N LYS B 638 24.13 -8.65 15.84
CA LYS B 638 25.23 -8.25 16.77
C LYS B 638 24.65 -7.90 18.16
N LEU B 639 23.58 -7.12 18.22
CA LEU B 639 22.94 -6.70 19.50
C LEU B 639 22.47 -7.93 20.29
N VAL B 640 21.77 -8.85 19.61
CA VAL B 640 21.26 -10.07 20.29
C VAL B 640 22.44 -10.87 20.85
N LYS B 641 23.53 -10.97 20.09
CA LYS B 641 24.71 -11.77 20.47
C LYS B 641 25.47 -11.09 21.61
N LEU B 642 25.25 -9.80 21.89
CA LEU B 642 25.90 -9.18 23.09
C LEU B 642 25.62 -10.02 24.34
N ASN B 643 24.45 -10.66 24.47
CA ASN B 643 24.16 -11.49 25.66
C ASN B 643 24.05 -12.97 25.28
N LYS B 644 24.73 -13.34 24.20
CA LYS B 644 25.07 -14.72 23.81
C LYS B 644 23.78 -15.51 23.58
N ILE B 645 22.76 -14.85 23.06
CA ILE B 645 21.44 -15.48 22.72
C ILE B 645 21.64 -16.22 21.42
N LYS B 646 21.21 -17.48 21.36
CA LYS B 646 21.35 -18.35 20.18
C LYS B 646 19.95 -18.68 19.64
N ARG B 647 19.85 -18.84 18.31
CA ARG B 647 18.64 -19.43 17.64
C ARG B 647 18.49 -20.87 18.11
N GLU B 648 17.30 -21.45 17.98
CA GLU B 648 17.02 -22.84 18.42
C GLU B 648 17.66 -23.83 17.43
N LEU B 649 17.77 -23.50 16.14
CA LEU B 649 18.39 -24.37 15.10
C LEU B 649 19.41 -23.62 14.27
N PHE B 650 20.33 -24.35 13.65
CA PHE B 650 21.10 -23.96 12.42
C PHE B 650 20.34 -24.53 11.22
N VAL B 651 19.89 -23.63 10.35
CA VAL B 651 19.20 -23.94 9.08
C VAL B 651 20.07 -23.41 7.96
N SER B 652 20.35 -24.23 6.95
CA SER B 652 21.36 -23.90 5.92
C SER B 652 20.91 -22.71 5.08
N ASP B 653 19.59 -22.47 4.96
CA ASP B 653 19.04 -21.39 4.11
C ASP B 653 18.52 -20.31 5.04
N LYS B 654 19.13 -19.11 5.00
CA LYS B 654 18.83 -18.00 5.92
C LYS B 654 17.40 -17.49 5.66
N ASP B 655 16.85 -17.71 4.46
CA ASP B 655 15.53 -17.17 4.06
C ASP B 655 14.38 -18.13 4.42
N ILE B 656 14.69 -19.29 4.98
CA ILE B 656 13.67 -20.16 5.64
C ILE B 656 13.36 -19.63 7.05
N GLN B 657 12.11 -19.33 7.32
CA GLN B 657 11.69 -19.02 8.71
C GLN B 657 11.36 -20.32 9.44
N PHE B 658 11.68 -20.37 10.72
CA PHE B 658 11.26 -21.52 11.56
C PHE B 658 10.75 -20.97 12.89
N VAL B 659 9.90 -21.77 13.53
CA VAL B 659 9.49 -21.58 14.94
C VAL B 659 9.57 -22.95 15.63
N VAL B 660 10.33 -23.03 16.71
CA VAL B 660 10.37 -24.23 17.56
C VAL B 660 9.39 -24.00 18.72
N ARG B 661 8.40 -24.87 18.85
CA ARG B 661 7.44 -24.86 19.98
C ARG B 661 7.65 -26.14 20.76
N GLU B 662 7.80 -26.05 22.07
CA GLU B 662 8.08 -27.21 22.95
C GLU B 662 7.22 -27.13 24.19
N ASN B 663 6.97 -28.28 24.80
CA ASN B 663 6.71 -28.41 26.27
C ASN B 663 7.73 -29.43 26.77
N ASN B 664 7.51 -30.08 27.91
CA ASN B 664 8.53 -31.00 28.49
C ASN B 664 8.69 -32.24 27.57
N LYS B 665 7.62 -32.68 26.89
CA LYS B 665 7.55 -33.98 26.17
C LYS B 665 7.73 -33.80 24.64
N SER B 666 7.22 -32.71 24.08
CA SER B 666 6.95 -32.57 22.62
C SER B 666 7.66 -31.33 22.07
N ARG B 667 8.28 -31.44 20.89
CA ARG B 667 8.74 -30.28 20.09
C ARG B 667 8.06 -30.33 18.72
N TYR B 668 7.62 -29.18 18.23
CA TYR B 668 7.16 -28.94 16.84
C TYR B 668 8.15 -27.97 16.22
N ILE B 669 8.65 -28.29 15.04
CA ILE B 669 9.45 -27.32 14.26
C ILE B 669 8.57 -26.98 13.05
N PHE B 670 8.15 -25.71 12.97
CA PHE B 670 7.40 -25.16 11.83
C PHE B 670 8.43 -24.50 10.92
N PHE B 671 8.61 -25.02 9.72
CA PHE B 671 9.39 -24.36 8.66
C PHE B 671 8.41 -23.65 7.75
N LEU B 672 8.71 -22.39 7.41
CA LEU B 672 7.80 -21.55 6.61
C LEU B 672 8.62 -20.93 5.50
N ASN B 673 8.18 -21.12 4.25
CA ASN B 673 8.80 -20.53 3.05
C ASN B 673 7.90 -19.42 2.53
N TYR B 674 8.25 -18.17 2.84
CA TYR B 674 7.48 -16.98 2.46
C TYR B 674 7.92 -16.43 1.09
N HIS B 675 8.57 -17.25 0.26
CA HIS B 675 9.30 -16.81 -0.96
C HIS B 675 8.83 -17.61 -2.16
N ASN B 676 8.81 -16.99 -3.34
CA ASN B 676 8.45 -17.67 -4.60
C ASN B 676 9.70 -18.40 -5.13
N GLU B 677 10.09 -19.48 -4.46
CA GLU B 677 11.33 -20.23 -4.73
C GLU B 677 11.13 -21.58 -4.04
N ARG B 678 11.28 -22.68 -4.77
CA ARG B 678 11.40 -24.02 -4.15
C ARG B 678 12.74 -24.03 -3.42
N LYS B 679 12.74 -24.23 -2.09
CA LYS B 679 13.99 -24.21 -1.28
C LYS B 679 14.30 -25.60 -0.73
N THR B 680 15.52 -26.07 -0.97
CA THR B 680 16.11 -27.27 -0.33
C THR B 680 17.11 -26.81 0.73
N PHE B 681 17.03 -27.36 1.93
CA PHE B 681 17.91 -26.94 3.06
C PHE B 681 18.04 -28.08 4.06
N ASN B 682 19.03 -27.96 4.93
CA ASN B 682 19.20 -28.90 6.06
C ASN B 682 19.17 -28.09 7.37
N TYR B 683 18.91 -28.77 8.49
CA TYR B 683 18.81 -28.15 9.83
C TYR B 683 19.41 -29.10 10.87
N ARG B 684 19.80 -28.57 12.02
CA ARG B 684 20.32 -29.33 13.20
C ARG B 684 20.07 -28.44 14.40
N LYS B 685 20.06 -28.98 15.61
CA LYS B 685 19.93 -28.21 16.87
C LYS B 685 21.12 -27.26 17.04
N SER B 686 20.98 -26.22 17.88
CA SER B 686 22.11 -25.59 18.63
C SER B 686 22.30 -26.33 19.96
N SER B 694 17.84 -37.17 6.19
CA SER B 694 17.10 -37.19 7.49
C SER B 694 17.14 -35.80 8.16
N GLU B 695 18.08 -34.93 7.77
CA GLU B 695 18.11 -33.51 8.23
C GLU B 695 18.00 -32.57 6.99
N GLU B 696 17.58 -33.09 5.82
CA GLU B 696 17.56 -32.41 4.48
C GLU B 696 16.12 -32.35 3.92
N ILE B 697 15.64 -31.16 3.55
CA ILE B 697 14.18 -30.92 3.35
C ILE B 697 13.92 -29.96 2.17
N SER B 698 12.84 -30.22 1.42
CA SER B 698 12.40 -29.40 0.26
C SER B 698 11.05 -28.80 0.55
N ILE B 699 10.90 -27.48 0.38
CA ILE B 699 9.60 -26.80 0.59
C ILE B 699 9.28 -26.01 -0.67
N ALA B 700 8.04 -26.14 -1.13
CA ALA B 700 7.52 -25.43 -2.31
C ALA B 700 7.45 -23.92 -2.01
N PRO B 701 7.34 -23.07 -3.06
CA PRO B 701 7.02 -21.65 -2.88
C PRO B 701 5.84 -21.43 -1.92
N PHE B 702 5.92 -20.42 -1.06
CA PHE B 702 4.78 -19.98 -0.22
C PHE B 702 4.16 -21.17 0.54
N SER B 703 5.00 -22.03 1.11
CA SER B 703 4.53 -23.32 1.68
C SER B 703 5.17 -23.57 3.04
N TYR B 704 4.98 -24.76 3.57
CA TYR B 704 5.36 -25.05 4.97
C TYR B 704 5.75 -26.53 5.08
N LYS B 705 6.42 -26.82 6.20
CA LYS B 705 6.66 -28.20 6.67
C LYS B 705 6.69 -28.20 8.20
N VAL B 706 6.01 -29.18 8.81
CA VAL B 706 6.01 -29.32 10.29
C VAL B 706 6.67 -30.66 10.64
N ILE B 707 7.63 -30.62 11.58
CA ILE B 707 8.46 -31.74 12.08
C ILE B 707 8.12 -31.91 13.55
N LYS B 708 7.84 -33.13 14.01
CA LYS B 708 7.67 -33.41 15.45
C LYS B 708 8.92 -34.12 15.95
N GLU B 709 9.38 -33.77 17.16
CA GLU B 709 10.52 -34.41 17.85
C GLU B 709 10.01 -34.73 19.26
N ASN B 710 10.10 -36.00 19.69
CA ASN B 710 9.87 -36.37 21.11
C ASN B 710 11.12 -35.89 21.87
N LYS B 711 10.99 -35.40 23.10
CA LYS B 711 12.17 -34.96 23.88
C LYS B 711 12.64 -36.08 24.82
#